data_6JL4
#
_entry.id   6JL4
#
_cell.length_a   87.992
_cell.length_b   156.983
_cell.length_c   88.302
_cell.angle_alpha   90.00
_cell.angle_beta   119.84
_cell.angle_gamma   90.00
#
_symmetry.space_group_name_H-M   'P 1 21 1'
#
loop_
_entity.id
_entity.type
_entity.pdbx_description
1 polymer 'Aspartate carbamoyltransferase'
2 non-polymer N-CARBAMOYL-L-ASPARTATE
3 non-polymer 'PHOSPHATE ION'
4 non-polymer 'ASPARTIC ACID'
5 non-polymer 'PHOSPHORIC ACID MONO(FORMAMIDE)ESTER'
6 water water
#
_entity_poly.entity_id   1
_entity_poly.type   'polypeptide(L)'
_entity_poly.pdbx_seq_one_letter_code
;SMLELPPVASLKGKSITSAEQFSRADIYALIHLASAMQRKIDAGEVLNLLQGRIMTPLFFEDSSRTFSSFCAAMIRLGGS
VVNFKVEASSINKGETLADTIRTLDSYSDVLVMRHPRQDAIEEALSVAQHPILNAGNGAGEHPTQALLDTLTIHSELGSV
DGITIALIGDLKMGRTVHSLLKLLVRNFSIKCVFLVAPDALQMPQDVLEPLQHEIATKGVIIHRTHALTDEVMQKSDVLY
TTRLQKERFMASTSDDAAALQSFAAKADITIDAARMRLAKEKMIVMHPLPRNDELSTTVDADPRAAYFRQMRYGMFMRMA
ILWSVLA
;
_entity_poly.pdbx_strand_id   A,B,C,D,E,F
#
# COMPACT_ATOMS: atom_id res chain seq x y z
N MET A 2 -29.27 0.50 29.17
CA MET A 2 -29.53 -0.96 29.32
C MET A 2 -30.45 -1.19 30.52
N LEU A 3 -31.06 -2.38 30.59
CA LEU A 3 -31.70 -2.82 31.84
C LEU A 3 -30.65 -2.81 32.95
N GLU A 4 -29.41 -3.08 32.56
CA GLU A 4 -28.28 -3.28 33.47
C GLU A 4 -27.66 -2.00 34.02
N LEU A 5 -27.64 -0.93 33.20
CA LEU A 5 -27.01 0.35 33.61
C LEU A 5 -27.92 1.56 33.33
N PRO A 6 -29.02 1.72 34.09
CA PRO A 6 -29.89 2.84 33.82
C PRO A 6 -29.31 4.13 34.43
N PRO A 7 -29.23 5.19 33.63
CA PRO A 7 -28.64 6.41 34.15
C PRO A 7 -29.53 6.98 35.23
N VAL A 8 -28.97 7.85 36.08
CA VAL A 8 -29.73 8.49 37.14
C VAL A 8 -30.43 9.68 36.53
N ALA A 9 -31.73 9.52 36.26
CA ALA A 9 -32.52 10.49 35.47
C ALA A 9 -32.34 11.91 35.94
N SER A 10 -32.28 12.13 37.25
CA SER A 10 -32.24 13.49 37.77
C SER A 10 -30.98 14.30 37.38
N LEU A 11 -29.89 13.62 37.06
CA LEU A 11 -28.62 14.30 36.74
C LEU A 11 -28.43 14.65 35.26
N LYS A 12 -29.37 14.22 34.41
CA LYS A 12 -29.31 14.45 32.95
C LYS A 12 -29.27 15.93 32.49
N GLY A 13 -28.20 16.29 31.78
CA GLY A 13 -28.07 17.61 31.13
C GLY A 13 -27.69 18.70 32.11
N LYS A 14 -27.08 18.33 33.23
CA LYS A 14 -26.99 19.20 34.40
C LYS A 14 -25.58 19.32 34.96
N SER A 15 -25.19 20.53 35.32
CA SER A 15 -23.88 20.79 35.91
C SER A 15 -23.87 20.34 37.37
N ILE A 16 -22.68 20.09 37.89
CA ILE A 16 -22.51 19.66 39.27
C ILE A 16 -21.54 20.57 39.90
N THR A 17 -22.06 21.43 40.78
CA THR A 17 -21.26 22.47 41.41
C THR A 17 -21.03 22.19 42.90
N SER A 18 -22.02 21.63 43.57
CA SER A 18 -22.06 21.52 45.02
C SER A 18 -22.65 20.18 45.45
N ALA A 19 -22.22 19.66 46.60
CA ALA A 19 -22.91 18.53 47.25
C ALA A 19 -24.38 18.81 47.64
N GLU A 20 -24.74 20.08 47.81
CA GLU A 20 -26.11 20.47 48.18
C GLU A 20 -27.18 20.08 47.17
N GLN A 21 -26.80 19.93 45.92
CA GLN A 21 -27.75 19.65 44.88
C GLN A 21 -28.26 18.23 44.82
N PHE A 22 -27.68 17.31 45.57
CA PHE A 22 -28.08 15.92 45.55
C PHE A 22 -29.05 15.53 46.67
N SER A 23 -30.08 14.75 46.29
CA SER A 23 -30.96 14.10 47.27
C SER A 23 -30.37 12.76 47.70
N ARG A 24 -30.89 12.24 48.81
CA ARG A 24 -30.56 10.90 49.27
C ARG A 24 -30.84 9.83 48.22
N ALA A 25 -31.97 9.92 47.54
CA ALA A 25 -32.24 9.07 46.40
C ALA A 25 -31.18 9.24 45.30
N ASP A 26 -30.80 10.49 44.98
CA ASP A 26 -29.72 10.70 43.96
C ASP A 26 -28.45 9.88 44.27
N ILE A 27 -27.97 10.00 45.49
CA ILE A 27 -26.73 9.34 45.90
C ILE A 27 -26.77 7.83 45.78
N TYR A 28 -27.83 7.20 46.28
CA TYR A 28 -27.95 5.74 46.20
C TYR A 28 -28.14 5.23 44.78
N ALA A 29 -28.85 5.97 43.96
CA ALA A 29 -29.01 5.58 42.59
C ALA A 29 -27.63 5.57 41.94
N LEU A 30 -26.80 6.55 42.30
CA LEU A 30 -25.45 6.66 41.73
C LEU A 30 -24.55 5.57 42.30
N ILE A 31 -24.72 5.31 43.60
CA ILE A 31 -23.94 4.27 44.25
C ILE A 31 -24.17 2.90 43.60
N HIS A 32 -25.44 2.55 43.40
CA HIS A 32 -25.78 1.26 42.86
C HIS A 32 -25.31 1.22 41.39
N LEU A 33 -25.47 2.33 40.68
CA LEU A 33 -25.00 2.44 39.31
C LEU A 33 -23.47 2.24 39.23
N ALA A 34 -22.75 2.90 40.16
CA ALA A 34 -21.30 2.71 40.31
C ALA A 34 -20.90 1.27 40.57
N SER A 35 -21.63 0.59 41.46
CA SER A 35 -21.39 -0.85 41.68
C SER A 35 -21.66 -1.69 40.43
N ALA A 36 -22.74 -1.43 39.72
CA ALA A 36 -22.99 -2.13 38.45
C ALA A 36 -21.85 -1.89 37.50
N MET A 37 -21.46 -0.62 37.30
CA MET A 37 -20.30 -0.28 36.44
C MET A 37 -19.06 -1.10 36.87
N GLN A 38 -18.79 -1.14 38.17
CA GLN A 38 -17.64 -1.82 38.69
C GLN A 38 -17.70 -3.33 38.37
N ARG A 39 -18.86 -3.94 38.56
CA ARG A 39 -18.95 -5.38 38.26
C ARG A 39 -18.74 -5.65 36.76
N LYS A 40 -19.34 -4.84 35.90
CA LYS A 40 -19.16 -5.08 34.49
C LYS A 40 -17.70 -4.85 34.08
N ILE A 41 -17.05 -3.84 34.65
CA ILE A 41 -15.69 -3.56 34.18
C ILE A 41 -14.72 -4.68 34.61
N ASP A 42 -14.75 -5.04 35.89
CA ASP A 42 -13.89 -6.11 36.42
C ASP A 42 -14.08 -7.47 35.73
N ALA A 43 -15.21 -7.66 35.05
CA ALA A 43 -15.42 -8.86 34.23
C ALA A 43 -14.76 -8.75 32.85
N GLY A 44 -14.31 -7.54 32.48
CA GLY A 44 -13.79 -7.28 31.13
C GLY A 44 -14.82 -6.83 30.10
N GLU A 45 -16.02 -6.48 30.55
CA GLU A 45 -17.00 -5.89 29.64
C GLU A 45 -16.53 -4.48 29.19
N VAL A 46 -16.87 -4.16 27.94
CA VAL A 46 -16.42 -2.95 27.27
C VAL A 46 -17.61 -2.09 26.84
N LEU A 47 -17.78 -0.96 27.49
CA LEU A 47 -18.95 -0.15 27.27
C LEU A 47 -18.77 0.79 26.08
N ASN A 48 -19.80 0.94 25.28
CA ASN A 48 -19.78 1.96 24.24
C ASN A 48 -20.87 2.99 24.46
N LEU A 49 -21.14 3.26 25.73
CA LEU A 49 -22.30 4.09 26.10
C LEU A 49 -22.21 5.53 25.63
N LEU A 50 -20.99 6.08 25.58
CA LEU A 50 -20.78 7.51 25.28
C LEU A 50 -19.88 7.73 24.05
N GLN A 51 -19.86 6.74 23.19
CA GLN A 51 -19.14 6.82 21.94
C GLN A 51 -19.60 8.08 21.22
N GLY A 52 -18.63 8.85 20.73
CA GLY A 52 -18.88 10.07 20.02
C GLY A 52 -19.06 11.27 20.92
N ARG A 53 -18.87 11.11 22.21
CA ARG A 53 -19.05 12.23 23.12
C ARG A 53 -17.72 12.68 23.73
N ILE A 54 -17.63 13.97 24.01
CA ILE A 54 -16.37 14.57 24.42
C ILE A 54 -16.40 15.31 25.75
N MET A 55 -15.42 14.99 26.58
CA MET A 55 -15.14 15.76 27.79
C MET A 55 -13.88 16.52 27.55
N THR A 56 -13.87 17.73 28.05
CA THR A 56 -12.66 18.50 28.07
C THR A 56 -12.32 18.93 29.50
N PRO A 57 -11.14 18.51 30.00
CA PRO A 57 -10.63 19.00 31.24
C PRO A 57 -10.24 20.45 31.07
N LEU A 58 -10.56 21.26 32.07
CA LEU A 58 -10.15 22.64 32.17
C LEU A 58 -9.59 22.83 33.58
N PHE A 59 -8.32 22.47 33.72
CA PHE A 59 -7.65 22.52 35.00
C PHE A 59 -6.69 23.75 35.12
N PHE A 60 -7.13 24.76 35.86
CA PHE A 60 -6.26 25.92 36.16
C PHE A 60 -5.42 25.72 37.43
N GLU A 61 -5.62 24.60 38.12
CA GLU A 61 -4.76 24.11 39.19
C GLU A 61 -4.44 22.71 38.76
N ASP A 62 -3.34 22.17 39.27
CA ASP A 62 -2.88 20.84 38.92
C ASP A 62 -3.64 19.76 39.68
N SER A 63 -3.79 18.60 39.04
CA SER A 63 -4.33 17.41 39.68
C SER A 63 -3.74 16.14 39.05
N SER A 64 -3.57 15.09 39.85
CA SER A 64 -3.15 13.81 39.34
C SER A 64 -4.39 12.97 39.24
N ARG A 65 -4.99 12.71 40.40
CA ARG A 65 -6.15 11.86 40.47
C ARG A 65 -7.23 12.40 39.61
N THR A 66 -7.67 13.63 39.89
CA THR A 66 -9.03 14.07 39.47
C THR A 66 -9.13 14.08 37.98
N PHE A 67 -8.11 14.65 37.34
CA PHE A 67 -7.97 14.59 35.89
C PHE A 67 -8.00 13.16 35.34
N SER A 68 -7.12 12.35 35.90
CA SER A 68 -6.97 10.99 35.44
C SER A 68 -8.22 10.17 35.65
N SER A 69 -8.89 10.30 36.79
CA SER A 69 -10.08 9.47 37.04
C SER A 69 -11.21 9.95 36.19
N PHE A 70 -11.28 11.26 35.93
CA PHE A 70 -12.29 11.73 34.99
C PHE A 70 -12.08 11.16 33.61
N CYS A 71 -10.84 11.14 33.15
CA CYS A 71 -10.55 10.73 31.77
C CYS A 71 -10.79 9.26 31.63
N ALA A 72 -10.22 8.48 32.53
CA ALA A 72 -10.43 7.03 32.56
C ALA A 72 -11.90 6.67 32.63
N ALA A 73 -12.65 7.41 33.42
CA ALA A 73 -14.08 7.18 33.55
C ALA A 73 -14.77 7.40 32.23
N MET A 74 -14.40 8.48 31.54
CA MET A 74 -14.97 8.82 30.25
C MET A 74 -14.69 7.72 29.26
N ILE A 75 -13.41 7.32 29.23
CA ILE A 75 -12.92 6.34 28.28
C ILE A 75 -13.57 5.01 28.50
N ARG A 76 -13.63 4.56 29.74
CA ARG A 76 -14.24 3.29 30.05
C ARG A 76 -15.71 3.32 29.74
N LEU A 77 -16.33 4.51 29.62
CA LEU A 77 -17.70 4.57 29.06
C LEU A 77 -17.72 4.63 27.50
N GLY A 78 -16.54 4.56 26.87
CA GLY A 78 -16.45 4.60 25.43
C GLY A 78 -16.48 6.02 24.90
N GLY A 79 -16.27 7.01 25.76
CA GLY A 79 -16.24 8.41 25.33
C GLY A 79 -14.82 8.89 25.10
N SER A 80 -14.67 10.16 24.74
CA SER A 80 -13.38 10.71 24.37
C SER A 80 -13.05 11.97 25.13
N VAL A 81 -11.76 12.28 25.19
CA VAL A 81 -11.24 13.44 25.87
C VAL A 81 -10.46 14.28 24.89
N VAL A 82 -10.70 15.56 24.91
CA VAL A 82 -9.83 16.50 24.24
C VAL A 82 -8.95 17.15 25.28
N ASN A 83 -7.64 16.99 25.12
CA ASN A 83 -6.64 17.40 26.11
C ASN A 83 -6.27 18.86 26.04
N PHE A 84 -7.08 19.67 26.67
CA PHE A 84 -6.79 21.08 26.81
C PHE A 84 -5.84 21.37 27.98
N LYS A 85 -4.78 22.13 27.70
CA LYS A 85 -3.80 22.61 28.67
C LYS A 85 -3.92 24.13 28.76
N VAL A 86 -3.68 24.68 29.95
CA VAL A 86 -3.82 26.13 30.20
C VAL A 86 -2.51 26.85 29.91
N GLU A 87 -1.41 26.22 30.31
CA GLU A 87 -0.06 26.74 30.10
C GLU A 87 0.37 26.89 28.61
N ALA A 88 -0.14 26.03 27.72
CA ALA A 88 0.18 26.10 26.28
C ALA A 88 -1.02 26.56 25.42
N SER A 89 -1.81 27.50 25.97
CA SER A 89 -3.11 27.89 25.41
C SER A 89 -3.18 29.36 24.98
N SER A 90 -4.28 29.72 24.32
CA SER A 90 -4.55 31.12 23.97
C SER A 90 -5.07 31.98 25.17
N ILE A 91 -5.03 31.45 26.39
CA ILE A 91 -5.02 32.30 27.60
C ILE A 91 -3.80 33.27 27.57
N ASN A 92 -2.62 32.74 27.23
CA ASN A 92 -1.37 33.54 27.23
C ASN A 92 -1.46 34.84 26.43
N LYS A 93 -2.25 34.84 25.35
CA LYS A 93 -2.46 36.02 24.50
C LYS A 93 -3.55 37.02 25.00
N GLY A 94 -3.99 36.89 26.25
CA GLY A 94 -4.87 37.89 26.89
C GLY A 94 -6.33 37.48 27.01
N GLU A 95 -6.67 36.27 26.56
CA GLU A 95 -8.07 35.78 26.50
C GLU A 95 -8.61 35.70 27.90
N THR A 96 -9.94 35.73 28.06
CA THR A 96 -10.55 35.72 29.41
C THR A 96 -11.16 34.37 29.73
N LEU A 97 -11.45 34.18 31.01
CA LEU A 97 -12.02 32.92 31.46
C LEU A 97 -13.32 32.61 30.66
N ALA A 98 -14.21 33.60 30.60
CA ALA A 98 -15.44 33.50 29.83
C ALA A 98 -15.22 33.07 28.39
N ASP A 99 -14.24 33.65 27.72
CA ASP A 99 -14.05 33.34 26.31
C ASP A 99 -13.44 31.96 26.18
N THR A 100 -12.49 31.67 27.06
CA THR A 100 -11.95 30.33 27.19
C THR A 100 -13.06 29.29 27.33
N ILE A 101 -13.99 29.53 28.25
CA ILE A 101 -15.07 28.59 28.50
C ILE A 101 -15.93 28.43 27.25
N ARG A 102 -16.42 29.53 26.75
CA ARG A 102 -17.17 29.54 25.50
C ARG A 102 -16.52 28.73 24.40
N THR A 103 -15.21 28.90 24.22
CA THR A 103 -14.44 28.16 23.26
C THR A 103 -14.64 26.64 23.42
N LEU A 104 -14.22 26.08 24.56
CA LEU A 104 -14.22 24.63 24.72
C LEU A 104 -15.64 24.08 24.63
N ASP A 105 -16.59 24.90 25.06
CA ASP A 105 -18.04 24.65 24.90
C ASP A 105 -18.45 24.39 23.48
N SER A 106 -17.80 25.06 22.54
CA SER A 106 -18.13 24.91 21.14
C SER A 106 -17.96 23.47 20.66
N TYR A 107 -17.07 22.73 21.33
CA TYR A 107 -16.60 21.42 20.84
C TYR A 107 -17.05 20.27 21.68
N SER A 108 -17.53 20.54 22.89
CA SER A 108 -17.59 19.51 23.93
C SER A 108 -18.99 19.16 24.37
N ASP A 109 -19.09 18.01 25.03
CA ASP A 109 -20.38 17.57 25.56
C ASP A 109 -20.44 17.87 27.03
N VAL A 110 -19.28 17.89 27.66
CA VAL A 110 -19.18 18.28 29.11
C VAL A 110 -17.79 18.86 29.43
N LEU A 111 -17.76 19.76 30.39
CA LEU A 111 -16.53 20.33 30.90
C LEU A 111 -16.26 19.87 32.36
N VAL A 112 -15.01 19.54 32.65
CA VAL A 112 -14.62 19.27 33.99
C VAL A 112 -13.65 20.35 34.37
N MET A 113 -14.05 21.20 35.33
CA MET A 113 -13.28 22.37 35.64
C MET A 113 -12.71 22.36 37.06
N ARG A 114 -11.43 22.63 37.15
CA ARG A 114 -10.81 22.87 38.43
C ARG A 114 -10.15 24.23 38.38
N HIS A 115 -10.35 25.02 39.42
CA HIS A 115 -9.90 26.41 39.44
C HIS A 115 -9.61 26.91 40.88
N PRO A 116 -8.54 27.71 41.08
CA PRO A 116 -8.20 28.26 42.43
C PRO A 116 -9.14 29.34 43.01
N ARG A 117 -9.81 30.06 42.13
CA ARG A 117 -10.89 30.94 42.55
C ARG A 117 -12.26 30.19 42.73
N GLN A 118 -12.88 30.43 43.87
CA GLN A 118 -14.16 29.84 44.24
C GLN A 118 -15.33 30.23 43.32
N ASP A 119 -15.42 31.50 42.93
CA ASP A 119 -16.58 31.93 42.15
C ASP A 119 -16.34 31.85 40.66
N ALA A 120 -15.19 31.31 40.26
CA ALA A 120 -14.90 31.07 38.86
C ALA A 120 -15.92 30.12 38.21
N ILE A 121 -16.32 29.08 38.93
CA ILE A 121 -17.30 28.11 38.45
C ILE A 121 -18.62 28.81 38.12
N GLU A 122 -19.09 29.71 38.97
CA GLU A 122 -20.36 30.35 38.70
C GLU A 122 -20.23 31.10 37.39
N GLU A 123 -19.08 31.73 37.19
CA GLU A 123 -18.86 32.43 35.97
C GLU A 123 -18.88 31.54 34.73
N ALA A 124 -18.25 30.37 34.82
CA ALA A 124 -18.34 29.36 33.75
C ALA A 124 -19.77 28.94 33.43
N LEU A 125 -20.60 28.73 34.45
CA LEU A 125 -22.00 28.35 34.23
C LEU A 125 -22.69 29.43 33.43
N SER A 126 -22.41 30.69 33.74
CA SER A 126 -23.14 31.79 33.14
C SER A 126 -22.96 31.87 31.64
N VAL A 127 -21.83 31.37 31.14
CA VAL A 127 -21.61 31.35 29.70
C VAL A 127 -21.61 29.98 29.03
N ALA A 128 -21.77 28.92 29.78
CA ALA A 128 -21.68 27.58 29.21
C ALA A 128 -23.06 27.04 28.85
N GLN A 129 -23.16 26.49 27.65
CA GLN A 129 -24.30 25.72 27.21
C GLN A 129 -24.25 24.30 27.76
N HIS A 130 -23.08 23.67 27.74
CA HIS A 130 -22.96 22.27 28.17
C HIS A 130 -22.68 22.21 29.68
N PRO A 131 -22.99 21.06 30.30
CA PRO A 131 -22.67 20.80 31.68
C PRO A 131 -21.20 21.02 32.08
N ILE A 132 -21.01 21.65 33.23
CA ILE A 132 -19.71 21.72 33.87
C ILE A 132 -19.77 20.93 35.14
N LEU A 133 -18.72 20.13 35.38
CA LEU A 133 -18.56 19.39 36.62
C LEU A 133 -17.47 20.08 37.42
N ASN A 134 -17.83 20.71 38.53
CA ASN A 134 -16.88 21.33 39.46
C ASN A 134 -15.94 20.28 40.00
N ALA A 135 -14.68 20.33 39.57
CA ALA A 135 -13.66 19.39 40.00
C ALA A 135 -12.80 20.04 41.10
N GLY A 136 -13.34 21.11 41.69
CA GLY A 136 -12.64 21.84 42.73
C GLY A 136 -12.58 23.33 42.43
N ASN A 137 -13.24 24.14 43.27
CA ASN A 137 -13.23 25.57 43.13
C ASN A 137 -12.60 26.24 44.35
N GLY A 138 -11.30 26.54 44.29
CA GLY A 138 -10.61 27.22 45.35
C GLY A 138 -10.73 26.36 46.56
N ALA A 139 -11.03 27.00 47.69
CA ALA A 139 -11.28 26.30 48.95
C ALA A 139 -12.78 26.01 49.16
N GLY A 140 -13.53 26.08 48.04
CA GLY A 140 -14.98 25.98 48.04
C GLY A 140 -15.47 24.56 48.25
N GLU A 141 -15.75 23.86 47.15
CA GLU A 141 -16.21 22.46 47.21
C GLU A 141 -15.50 21.52 46.28
N HIS A 142 -15.80 20.24 46.45
CA HIS A 142 -15.32 19.21 45.55
C HIS A 142 -16.38 18.10 45.49
N PRO A 143 -17.48 18.35 44.76
CA PRO A 143 -18.69 17.56 45.01
C PRO A 143 -18.53 16.11 44.65
N THR A 144 -17.90 15.83 43.50
CA THR A 144 -17.78 14.43 43.04
C THR A 144 -16.83 13.63 43.96
N GLN A 145 -15.89 14.29 44.59
CA GLN A 145 -15.11 13.61 45.64
C GLN A 145 -16.04 13.18 46.78
N ALA A 146 -16.92 14.06 47.22
CA ALA A 146 -17.87 13.74 48.28
C ALA A 146 -18.68 12.50 47.94
N LEU A 147 -19.26 12.48 46.73
CA LEU A 147 -20.01 11.31 46.27
C LEU A 147 -19.19 10.03 46.33
N LEU A 148 -17.92 10.11 45.91
CA LEU A 148 -17.14 8.87 45.78
C LEU A 148 -16.68 8.43 47.17
N ASP A 149 -16.31 9.43 47.98
CA ASP A 149 -16.12 9.24 49.42
C ASP A 149 -17.33 8.50 50.05
N THR A 150 -18.53 8.93 49.71
CA THR A 150 -19.70 8.28 50.25
C THR A 150 -19.86 6.86 49.70
N LEU A 151 -19.66 6.65 48.40
CA LEU A 151 -19.60 5.28 47.86
C LEU A 151 -18.62 4.41 48.65
N THR A 152 -17.44 4.96 48.96
CA THR A 152 -16.41 4.23 49.70
C THR A 152 -16.89 3.76 51.07
N ILE A 153 -17.44 4.69 51.85
CA ILE A 153 -18.02 4.38 53.12
C ILE A 153 -19.06 3.26 52.98
N HIS A 154 -19.95 3.40 52.00
CA HIS A 154 -21.04 2.44 51.83
C HIS A 154 -20.48 1.05 51.55
N SER A 155 -19.57 1.02 50.57
CA SER A 155 -19.05 -0.19 50.03
C SER A 155 -18.19 -0.91 51.04
N GLU A 156 -17.51 -0.15 51.90
CA GLU A 156 -16.53 -0.72 52.81
C GLU A 156 -17.16 -1.15 54.13
N LEU A 157 -18.00 -0.26 54.70
CA LEU A 157 -18.63 -0.51 55.98
C LEU A 157 -20.05 -1.07 55.90
N GLY A 158 -20.77 -0.82 54.80
CA GLY A 158 -22.12 -1.38 54.63
C GLY A 158 -23.28 -0.42 54.88
N SER A 159 -23.05 0.60 55.70
CA SER A 159 -24.05 1.60 55.94
C SER A 159 -23.38 2.94 56.13
N VAL A 160 -24.12 4.02 55.88
CA VAL A 160 -23.63 5.37 56.07
C VAL A 160 -24.39 5.96 57.21
N ASP A 161 -25.69 5.67 57.27
CA ASP A 161 -26.45 5.96 58.48
C ASP A 161 -25.74 5.36 59.67
N GLY A 162 -25.63 6.18 60.71
CA GLY A 162 -25.29 5.75 62.06
C GLY A 162 -23.83 5.92 62.39
N ILE A 163 -23.04 6.26 61.36
CA ILE A 163 -21.60 6.28 61.57
C ILE A 163 -21.20 7.46 62.42
N THR A 164 -20.01 7.29 63.00
CA THR A 164 -19.25 8.36 63.63
C THR A 164 -18.05 8.62 62.79
N ILE A 165 -17.89 9.85 62.35
CA ILE A 165 -16.86 10.16 61.37
C ILE A 165 -15.99 11.26 61.93
N ALA A 166 -14.70 11.16 61.65
CA ALA A 166 -13.76 12.18 62.01
C ALA A 166 -13.27 12.86 60.75
N LEU A 167 -13.34 14.17 60.76
CA LEU A 167 -12.79 14.98 59.71
C LEU A 167 -11.58 15.67 60.29
N ILE A 168 -10.42 15.36 59.72
CA ILE A 168 -9.16 15.71 60.29
C ILE A 168 -8.28 16.52 59.33
N GLY A 169 -7.67 17.58 59.86
CA GLY A 169 -6.68 18.34 59.10
C GLY A 169 -7.10 19.77 58.84
N ASP A 170 -6.82 20.25 57.64
CA ASP A 170 -7.11 21.62 57.32
C ASP A 170 -8.57 21.72 56.89
N LEU A 171 -9.44 21.89 57.87
CA LEU A 171 -10.84 21.90 57.57
C LEU A 171 -11.27 23.24 56.98
N LYS A 172 -10.53 24.30 57.32
CA LYS A 172 -10.81 25.64 56.82
C LYS A 172 -10.75 25.73 55.29
N MET A 173 -9.66 25.23 54.69
CA MET A 173 -9.37 25.38 53.25
C MET A 173 -9.63 24.11 52.46
N GLY A 174 -9.87 23.00 53.18
CA GLY A 174 -10.13 21.71 52.57
C GLY A 174 -11.52 21.56 51.97
N ARG A 175 -11.60 21.66 50.65
CA ARG A 175 -12.85 21.58 49.91
C ARG A 175 -13.50 20.18 49.90
N THR A 176 -12.66 19.18 50.01
CA THR A 176 -13.14 17.81 50.19
C THR A 176 -14.02 17.64 51.44
N VAL A 177 -13.49 18.07 52.59
CA VAL A 177 -14.22 17.94 53.85
C VAL A 177 -15.49 18.81 53.85
N HIS A 178 -15.48 19.92 53.11
CA HIS A 178 -16.72 20.73 52.99
C HIS A 178 -17.89 20.05 52.25
N SER A 179 -17.59 19.44 51.10
CA SER A 179 -18.62 18.74 50.36
C SER A 179 -19.02 17.51 51.15
N LEU A 180 -18.04 16.87 51.81
CA LEU A 180 -18.34 15.62 52.48
C LEU A 180 -19.33 15.83 53.63
N LEU A 181 -19.04 16.84 54.45
CA LEU A 181 -19.91 17.22 55.56
C LEU A 181 -21.30 17.52 55.08
N LYS A 182 -21.40 18.36 54.06
CA LYS A 182 -22.66 18.75 53.48
C LYS A 182 -23.44 17.51 53.01
N LEU A 183 -22.80 16.71 52.16
CA LEU A 183 -23.41 15.51 51.59
C LEU A 183 -23.93 14.56 52.63
N LEU A 184 -23.10 14.29 53.63
CA LEU A 184 -23.46 13.33 54.66
C LEU A 184 -24.61 13.78 55.55
N VAL A 185 -24.48 14.99 56.08
CA VAL A 185 -25.45 15.53 57.05
C VAL A 185 -26.85 15.78 56.49
N ARG A 186 -26.92 16.24 55.23
CA ARG A 186 -28.21 16.53 54.58
C ARG A 186 -28.98 15.24 54.23
N ASN A 187 -28.24 14.21 53.85
CA ASN A 187 -28.86 13.07 53.23
C ASN A 187 -28.80 11.80 54.06
N PHE A 188 -28.15 11.88 55.23
CA PHE A 188 -28.03 10.74 56.14
C PHE A 188 -28.23 11.11 57.61
N SER A 189 -28.29 10.09 58.43
CA SER A 189 -28.46 10.24 59.86
C SER A 189 -27.15 9.90 60.53
N ILE A 190 -26.28 10.88 60.64
CA ILE A 190 -24.93 10.68 61.16
C ILE A 190 -25.01 10.73 62.70
N LYS A 191 -24.45 9.71 63.37
CA LYS A 191 -24.38 9.67 64.84
C LYS A 191 -23.61 10.88 65.31
N CYS A 192 -22.35 10.96 64.91
CA CYS A 192 -21.45 11.97 65.43
C CYS A 192 -20.33 12.33 64.43
N VAL A 193 -19.92 13.59 64.46
CA VAL A 193 -18.85 14.08 63.61
C VAL A 193 -17.84 14.79 64.48
N PHE A 194 -16.61 14.29 64.45
CA PHE A 194 -15.48 14.91 65.12
C PHE A 194 -14.75 15.83 64.13
N LEU A 195 -14.56 17.08 64.52
CA LEU A 195 -13.87 18.05 63.71
C LEU A 195 -12.56 18.22 64.39
N VAL A 196 -11.51 17.74 63.72
CA VAL A 196 -10.18 17.60 64.31
C VAL A 196 -9.21 18.53 63.57
N ALA A 197 -8.84 19.62 64.22
CA ALA A 197 -8.05 20.65 63.59
C ALA A 197 -7.58 21.67 64.64
N PRO A 198 -6.44 22.31 64.41
CA PRO A 198 -6.17 23.44 65.29
C PRO A 198 -7.21 24.54 65.04
N ASP A 199 -7.41 25.43 65.99
CA ASP A 199 -8.53 26.35 65.84
C ASP A 199 -8.41 27.13 64.55
N ALA A 200 -7.18 27.49 64.20
CA ALA A 200 -6.89 28.30 63.03
C ALA A 200 -7.41 27.70 61.73
N LEU A 201 -7.58 26.38 61.70
CA LEU A 201 -7.96 25.67 60.50
C LEU A 201 -9.23 24.85 60.70
N GLN A 202 -10.06 25.27 61.63
CA GLN A 202 -11.32 24.60 61.89
C GLN A 202 -12.38 24.80 60.78
N MET A 203 -13.41 23.97 60.84
CA MET A 203 -14.49 23.96 59.88
C MET A 203 -15.21 25.31 59.92
N PRO A 204 -15.25 26.00 58.78
CA PRO A 204 -15.82 27.35 58.76
C PRO A 204 -17.30 27.43 59.08
N GLN A 205 -17.71 28.57 59.63
CA GLN A 205 -19.14 28.81 59.85
C GLN A 205 -19.95 28.85 58.56
N ASP A 206 -19.39 29.33 57.47
CA ASP A 206 -20.19 29.39 56.23
C ASP A 206 -20.54 27.97 55.68
N VAL A 207 -19.95 26.95 56.30
CA VAL A 207 -20.30 25.58 56.06
C VAL A 207 -21.23 25.07 57.15
N LEU A 208 -20.90 25.31 58.42
CA LEU A 208 -21.71 24.78 59.54
C LEU A 208 -23.11 25.38 59.66
N GLU A 209 -23.19 26.70 59.58
CA GLU A 209 -24.47 27.38 59.77
C GLU A 209 -25.60 26.94 58.85
N PRO A 210 -25.36 26.84 57.52
CA PRO A 210 -26.40 26.33 56.59
C PRO A 210 -26.79 24.87 56.79
N LEU A 211 -26.01 24.14 57.60
CA LEU A 211 -26.30 22.76 57.97
C LEU A 211 -27.01 22.64 59.32
N GLN A 212 -27.02 23.73 60.09
CA GLN A 212 -27.49 23.71 61.45
C GLN A 212 -28.87 23.12 61.61
N HIS A 213 -29.78 23.42 60.70
CA HIS A 213 -31.13 22.88 60.78
C HIS A 213 -31.16 21.34 60.65
N GLU A 214 -30.33 20.81 59.74
CA GLU A 214 -30.25 19.39 59.55
C GLU A 214 -29.49 18.76 60.72
N ILE A 215 -28.44 19.44 61.20
CA ILE A 215 -27.66 18.94 62.37
C ILE A 215 -28.58 18.78 63.59
N ALA A 216 -29.40 19.80 63.83
CA ALA A 216 -30.27 19.88 64.97
C ALA A 216 -31.42 18.87 64.85
N THR A 217 -32.04 18.87 63.69
CA THR A 217 -33.25 18.12 63.44
C THR A 217 -32.98 16.62 63.47
N LYS A 218 -31.79 16.20 63.09
CA LYS A 218 -31.42 14.79 63.14
C LYS A 218 -30.64 14.42 64.40
N GLY A 219 -30.37 15.40 65.27
CA GLY A 219 -29.69 15.11 66.54
C GLY A 219 -28.26 14.62 66.36
N VAL A 220 -27.61 15.11 65.30
CA VAL A 220 -26.18 14.84 65.07
C VAL A 220 -25.27 15.56 66.03
N ILE A 221 -24.36 14.81 66.64
CA ILE A 221 -23.42 15.35 67.61
C ILE A 221 -22.29 16.05 66.85
N ILE A 222 -21.85 17.19 67.33
CA ILE A 222 -20.72 17.87 66.73
C ILE A 222 -19.76 18.24 67.82
N HIS A 223 -18.57 17.60 67.83
CA HIS A 223 -17.49 17.96 68.77
C HIS A 223 -16.28 18.47 68.04
N ARG A 224 -15.68 19.57 68.51
CA ARG A 224 -14.38 20.02 67.99
C ARG A 224 -13.24 19.59 68.93
N THR A 225 -12.16 19.06 68.37
CA THR A 225 -10.91 18.79 69.11
C THR A 225 -9.76 19.39 68.30
N HIS A 226 -8.61 19.60 68.93
CA HIS A 226 -7.39 19.96 68.18
C HIS A 226 -6.47 18.76 68.10
N ALA A 227 -6.98 17.57 68.42
CA ALA A 227 -6.15 16.38 68.47
C ALA A 227 -6.93 15.13 68.16
N LEU A 228 -6.20 14.11 67.72
CA LEU A 228 -6.73 12.78 67.58
C LEU A 228 -6.63 12.13 68.93
N THR A 229 -7.61 12.44 69.77
CA THR A 229 -7.63 11.95 71.12
C THR A 229 -8.09 10.50 71.13
N ASP A 230 -7.90 9.81 72.23
CA ASP A 230 -8.28 8.41 72.32
C ASP A 230 -9.76 8.19 72.08
N GLU A 231 -10.58 9.17 72.46
CA GLU A 231 -12.03 9.13 72.27
C GLU A 231 -12.29 9.12 70.76
N VAL A 232 -11.65 10.03 70.02
CA VAL A 232 -11.85 10.04 68.58
C VAL A 232 -11.42 8.73 67.94
N MET A 233 -10.34 8.15 68.43
CA MET A 233 -9.77 6.93 67.85
C MET A 233 -10.64 5.74 68.11
N GLN A 234 -11.12 5.61 69.33
CA GLN A 234 -11.97 4.47 69.70
C GLN A 234 -13.40 4.50 69.12
N LYS A 235 -14.03 5.66 69.03
CA LYS A 235 -15.42 5.75 68.56
C LYS A 235 -15.64 5.85 67.03
N SER A 236 -14.65 6.35 66.29
CA SER A 236 -14.83 6.64 64.88
C SER A 236 -14.87 5.36 64.00
N ASP A 237 -15.91 5.30 63.17
CA ASP A 237 -16.04 4.27 62.12
C ASP A 237 -15.32 4.75 60.87
N VAL A 238 -15.08 6.05 60.75
CA VAL A 238 -14.27 6.56 59.64
C VAL A 238 -13.27 7.59 60.15
N LEU A 239 -12.00 7.39 59.82
CA LEU A 239 -11.07 8.49 59.99
C LEU A 239 -10.77 9.03 58.60
N TYR A 240 -11.33 10.18 58.29
CA TYR A 240 -11.09 10.87 57.03
C TYR A 240 -10.09 12.00 57.31
N THR A 241 -8.88 11.89 56.80
CA THR A 241 -7.90 12.92 57.09
C THR A 241 -7.45 13.66 55.83
N THR A 242 -6.89 14.84 56.01
CA THR A 242 -6.53 15.68 54.89
C THR A 242 -5.14 16.32 54.99
N ARG A 243 -4.67 16.80 53.84
CA ARG A 243 -3.42 17.55 53.70
C ARG A 243 -3.61 18.96 54.21
N LEU A 244 -2.50 19.60 54.55
CA LEU A 244 -2.45 21.00 54.99
C LEU A 244 -2.95 22.08 53.98
N GLN A 245 -2.62 21.96 52.70
CA GLN A 245 -3.00 22.98 51.67
C GLN A 245 -1.99 24.11 51.69
N ALA A 265 3.50 19.51 66.82
CA ALA A 265 2.30 20.27 66.48
C ALA A 265 1.43 19.52 65.47
N LYS A 266 2.06 18.97 64.43
CA LYS A 266 1.36 18.09 63.48
C LYS A 266 1.16 16.70 64.11
N ALA A 267 1.99 16.38 65.11
CA ALA A 267 1.92 15.12 65.86
C ALA A 267 0.51 14.76 66.36
N ASP A 268 -0.25 15.78 66.77
CA ASP A 268 -1.58 15.58 67.37
C ASP A 268 -2.67 15.18 66.40
N ILE A 269 -2.40 15.14 65.10
CA ILE A 269 -3.35 14.60 64.13
C ILE A 269 -2.79 13.48 63.25
N THR A 270 -1.49 13.24 63.30
CA THR A 270 -0.87 12.21 62.48
C THR A 270 -1.51 10.84 62.80
N ILE A 271 -1.76 10.03 61.77
CA ILE A 271 -2.26 8.66 61.95
C ILE A 271 -1.14 7.67 61.57
N ASP A 272 -0.67 6.89 62.55
CA ASP A 272 0.34 5.86 62.28
C ASP A 272 -0.09 4.50 62.84
N ALA A 273 0.67 3.46 62.53
CA ALA A 273 0.39 2.10 63.02
C ALA A 273 0.07 2.09 64.50
N ALA A 274 0.84 2.87 65.26
CA ALA A 274 0.69 2.99 66.72
C ALA A 274 -0.69 3.54 67.03
N ARG A 275 -0.98 4.73 66.52
CA ARG A 275 -2.29 5.32 66.67
C ARG A 275 -3.34 4.29 66.30
N MET A 276 -3.15 3.57 65.20
CA MET A 276 -4.15 2.59 64.77
C MET A 276 -4.40 1.46 65.79
N ARG A 277 -3.47 1.23 66.71
CA ARG A 277 -3.68 0.26 67.80
C ARG A 277 -4.90 0.61 68.64
N LEU A 278 -5.22 1.90 68.75
CA LEU A 278 -6.45 2.33 69.46
C LEU A 278 -7.77 2.24 68.68
N ALA A 279 -7.74 2.02 67.37
CA ALA A 279 -8.98 1.97 66.57
C ALA A 279 -9.75 0.66 66.73
N LYS A 280 -11.05 0.73 66.43
CA LYS A 280 -11.89 -0.48 66.37
C LYS A 280 -11.41 -1.47 65.33
N GLU A 281 -12.07 -2.63 65.26
CA GLU A 281 -11.75 -3.65 64.25
C GLU A 281 -12.50 -3.39 62.96
N LYS A 282 -13.69 -2.80 63.07
CA LYS A 282 -14.48 -2.52 61.88
C LYS A 282 -14.62 -1.01 61.71
N MET A 283 -13.67 -0.45 60.95
CA MET A 283 -13.62 0.97 60.60
C MET A 283 -12.71 1.11 59.39
N ILE A 284 -12.70 2.27 58.74
CA ILE A 284 -11.70 2.53 57.69
C ILE A 284 -10.99 3.86 57.88
N VAL A 285 -9.78 3.97 57.35
CA VAL A 285 -9.08 5.23 57.22
C VAL A 285 -9.21 5.64 55.74
N MET A 286 -9.40 6.93 55.48
CA MET A 286 -9.67 7.46 54.13
C MET A 286 -8.88 8.73 54.01
N HIS A 287 -8.57 9.13 52.76
CA HIS A 287 -7.80 10.34 52.50
C HIS A 287 -8.03 10.70 51.04
N PRO A 288 -8.49 11.93 50.77
CA PRO A 288 -8.73 12.31 49.39
C PRO A 288 -7.46 12.28 48.58
N LEU A 289 -6.32 12.53 49.23
CA LEU A 289 -4.99 12.50 48.63
C LEU A 289 -4.79 13.78 47.81
N PRO A 290 -3.55 14.21 47.61
CA PRO A 290 -2.31 13.59 48.07
C PRO A 290 -2.13 13.78 49.56
N ARG A 291 -1.32 12.91 50.18
CA ARG A 291 -0.95 13.00 51.61
C ARG A 291 0.49 13.45 51.85
N ASN A 292 0.68 14.17 52.97
CA ASN A 292 2.02 14.39 53.57
C ASN A 292 2.22 13.42 54.76
N ASP A 293 2.76 13.88 55.90
CA ASP A 293 3.09 12.97 57.00
C ASP A 293 1.93 12.77 57.98
N GLU A 294 0.82 13.47 57.76
CA GLU A 294 -0.38 13.24 58.57
C GLU A 294 -0.86 11.82 58.43
N LEU A 295 -0.52 11.17 57.33
CA LEU A 295 -0.91 9.80 57.14
C LEU A 295 0.31 8.95 56.82
N SER A 296 0.89 8.34 57.85
CA SER A 296 2.15 7.56 57.74
C SER A 296 2.04 6.36 56.78
N THR A 297 3.16 5.98 56.15
CA THR A 297 3.13 4.74 55.32
C THR A 297 3.01 3.44 56.16
N THR A 298 3.28 3.54 57.45
CA THR A 298 3.09 2.39 58.32
C THR A 298 1.67 1.84 58.20
N VAL A 299 0.72 2.68 57.79
CA VAL A 299 -0.70 2.31 57.89
C VAL A 299 -1.13 1.52 56.68
N ASP A 300 -0.34 1.62 55.61
CA ASP A 300 -0.76 1.18 54.30
C ASP A 300 -1.16 -0.28 54.24
N ALA A 301 -0.54 -1.09 55.09
CA ALA A 301 -0.72 -2.54 55.04
C ALA A 301 -1.93 -2.99 55.83
N ASP A 302 -2.61 -2.05 56.47
CA ASP A 302 -3.70 -2.39 57.37
C ASP A 302 -4.98 -2.51 56.54
N PRO A 303 -5.75 -3.60 56.69
CA PRO A 303 -6.94 -3.72 55.82
C PRO A 303 -7.97 -2.59 56.00
N ARG A 304 -7.82 -1.81 57.06
CA ARG A 304 -8.62 -0.62 57.31
C ARG A 304 -8.20 0.63 56.50
N ALA A 305 -7.01 0.61 55.91
CA ALA A 305 -6.56 1.64 54.97
C ALA A 305 -7.30 1.49 53.65
N ALA A 306 -8.20 2.42 53.38
CA ALA A 306 -9.12 2.31 52.26
C ALA A 306 -8.87 3.46 51.31
N TYR A 307 -7.78 4.17 51.51
CA TYR A 307 -7.51 5.39 50.80
C TYR A 307 -6.93 5.15 49.45
N PHE A 308 -6.47 3.94 49.18
CA PHE A 308 -6.09 3.57 47.83
C PHE A 308 -7.31 3.01 47.11
N ARG A 309 -8.08 2.22 47.81
CA ARG A 309 -9.32 1.69 47.21
C ARG A 309 -10.28 2.83 46.87
N GLN A 310 -10.24 3.86 47.69
CA GLN A 310 -11.04 5.08 47.48
C GLN A 310 -10.94 5.61 46.02
N MET A 311 -9.74 5.57 45.48
CA MET A 311 -9.52 6.14 44.15
C MET A 311 -10.22 5.30 43.05
N ARG A 312 -10.30 4.00 43.26
CA ARG A 312 -11.00 3.13 42.31
C ARG A 312 -12.51 3.27 42.45
N TYR A 313 -12.99 3.35 43.68
CA TYR A 313 -14.39 3.70 43.87
C TYR A 313 -14.64 5.04 43.18
N GLY A 314 -13.66 5.96 43.27
CA GLY A 314 -13.69 7.25 42.52
C GLY A 314 -13.97 7.08 41.03
N MET A 315 -13.22 6.22 40.38
CA MET A 315 -13.39 5.98 38.94
C MET A 315 -14.81 5.52 38.64
N PHE A 316 -15.33 4.57 39.40
CA PHE A 316 -16.67 4.06 39.11
C PHE A 316 -17.77 5.06 39.47
N MET A 317 -17.54 5.89 40.48
CA MET A 317 -18.53 6.92 40.82
C MET A 317 -18.60 7.91 39.68
N ARG A 318 -17.43 8.25 39.15
CA ARG A 318 -17.34 9.17 38.02
C ARG A 318 -17.88 8.64 36.75
N MET A 319 -17.90 7.31 36.57
CA MET A 319 -18.55 6.72 35.40
C MET A 319 -20.06 6.94 35.51
N ALA A 320 -20.57 6.61 36.67
CA ALA A 320 -21.97 6.80 37.01
C ALA A 320 -22.42 8.24 36.72
N ILE A 321 -21.61 9.18 37.16
CA ILE A 321 -21.93 10.57 37.04
C ILE A 321 -21.99 10.97 35.56
N LEU A 322 -20.99 10.54 34.80
CA LEU A 322 -20.84 10.99 33.44
C LEU A 322 -21.95 10.42 32.60
N TRP A 323 -22.22 9.15 32.83
CA TRP A 323 -23.34 8.47 32.15
C TRP A 323 -24.67 9.15 32.47
N SER A 324 -24.95 9.31 33.75
CA SER A 324 -26.19 9.95 34.15
C SER A 324 -26.36 11.36 33.52
N VAL A 325 -25.28 12.15 33.54
CA VAL A 325 -25.29 13.50 32.93
C VAL A 325 -25.54 13.48 31.43
N LEU A 326 -24.87 12.60 30.69
CA LEU A 326 -24.92 12.64 29.26
C LEU A 326 -25.83 11.62 28.57
N ALA A 327 -26.57 10.80 29.31
CA ALA A 327 -27.35 9.70 28.70
C ALA A 327 -28.49 10.18 27.79
N SER B 1 -7.51 -11.95 15.23
CA SER B 1 -7.40 -13.42 15.03
C SER B 1 -6.10 -13.94 15.64
N MET B 2 -6.18 -15.11 16.27
CA MET B 2 -5.00 -15.77 16.84
C MET B 2 -4.13 -16.50 15.80
N LEU B 3 -4.61 -16.57 14.54
CA LEU B 3 -3.78 -17.02 13.43
C LEU B 3 -2.84 -15.91 13.02
N GLU B 4 -3.41 -14.74 12.78
CA GLU B 4 -2.70 -13.59 12.21
C GLU B 4 -1.82 -12.86 13.22
N LEU B 5 -2.37 -12.63 14.44
CA LEU B 5 -1.75 -11.84 15.53
C LEU B 5 -1.77 -12.61 16.86
N PRO B 6 -1.21 -13.82 16.84
CA PRO B 6 -1.09 -14.56 18.09
C PRO B 6 -0.24 -13.76 19.09
N PRO B 7 -0.79 -13.38 20.23
CA PRO B 7 0.07 -12.68 21.16
C PRO B 7 1.21 -13.57 21.62
N VAL B 8 2.25 -13.00 22.19
CA VAL B 8 3.34 -13.82 22.71
C VAL B 8 3.05 -14.22 24.15
N ALA B 9 2.58 -15.46 24.35
CA ALA B 9 2.12 -15.90 25.69
C ALA B 9 3.10 -15.58 26.83
N SER B 10 4.40 -15.74 26.62
CA SER B 10 5.32 -15.57 27.74
C SER B 10 5.18 -14.20 28.33
N LEU B 11 4.74 -13.23 27.54
CA LEU B 11 4.63 -11.84 28.01
C LEU B 11 3.32 -11.52 28.71
N LYS B 12 2.47 -12.51 28.95
CA LYS B 12 1.13 -12.23 29.45
C LYS B 12 1.18 -11.60 30.83
N GLY B 13 0.57 -10.42 30.97
CA GLY B 13 0.45 -9.73 32.24
C GLY B 13 1.73 -9.37 32.96
N LYS B 14 2.87 -9.33 32.27
CA LYS B 14 4.14 -9.09 32.94
C LYS B 14 4.78 -7.73 32.63
N SER B 15 5.48 -7.18 33.62
CA SER B 15 6.19 -5.93 33.46
C SER B 15 7.43 -6.14 32.64
N ILE B 16 7.89 -5.11 31.95
CA ILE B 16 9.08 -5.20 31.12
C ILE B 16 10.10 -4.21 31.61
N THR B 17 11.17 -4.74 32.19
CA THR B 17 12.16 -3.93 32.90
C THR B 17 13.55 -3.99 32.30
N SER B 18 13.92 -5.15 31.74
CA SER B 18 15.29 -5.37 31.28
C SER B 18 15.31 -6.16 30.00
N ALA B 19 16.37 -6.01 29.21
CA ALA B 19 16.62 -6.95 28.11
C ALA B 19 16.90 -8.36 28.59
N GLU B 20 17.37 -8.52 29.82
CA GLU B 20 17.71 -9.85 30.36
C GLU B 20 16.51 -10.79 30.49
N GLN B 21 15.30 -10.24 30.56
CA GLN B 21 14.10 -11.05 30.77
C GLN B 21 13.58 -11.84 29.55
N PHE B 22 14.14 -11.58 28.38
CA PHE B 22 13.69 -12.24 27.15
C PHE B 22 14.61 -13.38 26.70
N SER B 23 13.97 -14.37 26.09
CA SER B 23 14.64 -15.49 25.48
C SER B 23 14.68 -15.26 23.95
N ARG B 24 15.55 -15.99 23.28
CA ARG B 24 15.57 -15.99 21.82
C ARG B 24 14.20 -16.22 21.22
N ALA B 25 13.46 -17.21 21.72
CA ALA B 25 12.17 -17.52 21.15
C ALA B 25 11.21 -16.32 21.32
N ASP B 26 11.28 -15.67 22.50
CA ASP B 26 10.47 -14.48 22.79
C ASP B 26 10.71 -13.38 21.76
N ILE B 27 12.00 -13.10 21.51
CA ILE B 27 12.41 -12.02 20.60
C ILE B 27 11.94 -12.29 19.20
N TYR B 28 11.98 -13.55 18.80
CA TYR B 28 11.48 -13.97 17.48
C TYR B 28 9.96 -13.95 17.36
N ALA B 29 9.26 -14.45 18.36
CA ALA B 29 7.81 -14.31 18.35
C ALA B 29 7.40 -12.84 18.27
N LEU B 30 8.14 -11.96 18.95
CA LEU B 30 7.77 -10.55 18.94
C LEU B 30 8.07 -9.88 17.60
N ILE B 31 9.22 -10.24 17.02
CA ILE B 31 9.60 -9.84 15.67
C ILE B 31 8.52 -10.20 14.65
N HIS B 32 8.06 -11.46 14.67
CA HIS B 32 7.07 -11.92 13.68
C HIS B 32 5.70 -11.33 13.89
N LEU B 33 5.30 -11.21 15.16
CA LEU B 33 4.11 -10.48 15.53
C LEU B 33 4.15 -9.00 15.10
N ALA B 34 5.27 -8.31 15.31
CA ALA B 34 5.39 -6.92 14.87
C ALA B 34 5.25 -6.77 13.35
N SER B 35 5.75 -7.77 12.60
CA SER B 35 5.79 -7.69 11.15
C SER B 35 4.40 -7.88 10.64
N ALA B 36 3.68 -8.79 11.30
CA ALA B 36 2.27 -9.03 11.01
C ALA B 36 1.43 -7.82 11.38
N MET B 37 1.74 -7.19 12.51
CA MET B 37 1.10 -5.93 12.86
C MET B 37 1.29 -4.96 11.70
N GLN B 38 2.53 -4.80 11.26
CA GLN B 38 2.85 -3.89 10.18
C GLN B 38 2.07 -4.20 8.91
N ARG B 39 2.09 -5.43 8.43
CA ARG B 39 1.36 -5.76 7.21
C ARG B 39 -0.13 -5.34 7.28
N LYS B 40 -0.77 -5.51 8.43
CA LYS B 40 -2.15 -5.06 8.60
C LYS B 40 -2.31 -3.54 8.59
N ILE B 41 -1.52 -2.86 9.39
CA ILE B 41 -1.69 -1.42 9.47
C ILE B 41 -1.42 -0.81 8.09
N ASP B 42 -0.36 -1.25 7.42
CA ASP B 42 -0.03 -0.73 6.09
C ASP B 42 -1.11 -0.96 5.06
N ALA B 43 -1.91 -2.00 5.22
CA ALA B 43 -2.96 -2.25 4.25
C ALA B 43 -4.27 -1.51 4.57
N GLY B 44 -4.22 -0.56 5.52
CA GLY B 44 -5.43 0.18 5.95
C GLY B 44 -6.32 -0.52 6.97
N GLU B 45 -5.96 -1.73 7.40
CA GLU B 45 -6.82 -2.50 8.32
C GLU B 45 -6.77 -1.93 9.69
N VAL B 46 -7.94 -1.86 10.30
CA VAL B 46 -8.13 -1.31 11.62
C VAL B 46 -8.23 -2.45 12.60
N LEU B 47 -7.66 -2.28 13.79
CA LEU B 47 -7.67 -3.30 14.83
C LEU B 47 -8.41 -2.84 16.09
N ASN B 48 -9.10 -3.79 16.72
CA ASN B 48 -9.89 -3.49 17.89
C ASN B 48 -9.64 -4.41 19.06
N LEU B 49 -8.47 -5.01 19.04
CA LEU B 49 -8.04 -5.96 20.03
C LEU B 49 -8.03 -5.43 21.44
N LEU B 50 -7.86 -4.12 21.62
CA LEU B 50 -7.68 -3.58 22.99
C LEU B 50 -8.69 -2.49 23.42
N GLN B 51 -9.81 -2.43 22.71
CA GLN B 51 -10.98 -1.63 23.10
C GLN B 51 -11.20 -1.73 24.61
N GLY B 52 -11.24 -0.59 25.28
CA GLY B 52 -11.58 -0.52 26.71
C GLY B 52 -10.42 -0.70 27.71
N ARG B 53 -9.22 -0.89 27.20
CA ARG B 53 -8.02 -0.92 28.04
C ARG B 53 -7.31 0.42 27.87
N ILE B 54 -6.63 0.81 28.94
CA ILE B 54 -6.05 2.12 29.06
C ILE B 54 -4.58 1.94 29.39
N MET B 55 -3.77 2.72 28.70
CA MET B 55 -2.34 2.76 28.91
C MET B 55 -2.10 4.16 29.44
N THR B 56 -1.45 4.24 30.59
CA THR B 56 -1.07 5.57 31.09
C THR B 56 0.43 5.80 31.03
N PRO B 57 0.86 6.74 30.18
CA PRO B 57 2.25 7.18 30.18
C PRO B 57 2.58 7.93 31.47
N LEU B 58 3.74 7.67 32.04
CA LEU B 58 4.17 8.29 33.28
C LEU B 58 5.60 8.70 33.07
N PHE B 59 5.76 9.86 32.45
CA PHE B 59 7.06 10.32 31.96
C PHE B 59 7.65 11.46 32.80
N PHE B 60 8.68 11.15 33.58
CA PHE B 60 9.42 12.17 34.38
C PHE B 60 10.58 12.87 33.65
N GLU B 61 10.86 12.48 32.42
CA GLU B 61 11.74 13.21 31.48
C GLU B 61 11.08 13.31 30.11
N ASP B 62 11.64 14.12 29.24
CA ASP B 62 11.07 14.37 27.94
C ASP B 62 11.19 13.20 27.02
N SER B 63 10.31 13.14 26.03
CA SER B 63 10.33 12.10 25.02
C SER B 63 9.60 12.59 23.74
N SER B 64 10.07 12.13 22.59
CA SER B 64 9.29 12.25 21.37
C SER B 64 8.93 10.89 20.81
N ARG B 65 9.94 10.06 20.57
CA ARG B 65 9.67 8.73 20.01
C ARG B 65 8.88 7.82 20.97
N THR B 66 9.33 7.73 22.21
CA THR B 66 8.89 6.62 23.05
C THR B 66 7.48 6.92 23.59
N PHE B 67 7.28 8.13 24.09
CA PHE B 67 5.92 8.56 24.37
C PHE B 67 5.05 8.30 23.17
N SER B 68 5.33 8.99 22.08
CA SER B 68 4.39 9.02 20.97
C SER B 68 4.12 7.61 20.42
N SER B 69 5.17 6.83 20.25
CA SER B 69 4.98 5.54 19.59
C SER B 69 4.21 4.64 20.48
N PHE B 70 4.42 4.76 21.78
CA PHE B 70 3.60 4.00 22.71
C PHE B 70 2.13 4.42 22.59
N CYS B 71 1.88 5.71 22.55
CA CYS B 71 0.50 6.16 22.48
C CYS B 71 -0.10 5.70 21.17
N ALA B 72 0.66 5.88 20.08
CA ALA B 72 0.19 5.47 18.72
C ALA B 72 0.01 3.98 18.61
N ALA B 73 0.89 3.21 19.25
CA ALA B 73 0.77 1.76 19.18
C ALA B 73 -0.49 1.31 19.88
N MET B 74 -0.82 1.98 20.98
CA MET B 74 -1.95 1.59 21.81
C MET B 74 -3.23 1.90 21.04
N ILE B 75 -3.30 3.09 20.47
CA ILE B 75 -4.43 3.53 19.64
C ILE B 75 -4.61 2.62 18.47
N ARG B 76 -3.53 2.23 17.82
CA ARG B 76 -3.64 1.34 16.66
C ARG B 76 -4.02 -0.10 17.04
N LEU B 77 -3.96 -0.45 18.33
CA LEU B 77 -4.55 -1.71 18.78
C LEU B 77 -6.03 -1.52 19.19
N GLY B 78 -6.52 -0.28 19.17
CA GLY B 78 -7.89 0.08 19.57
C GLY B 78 -8.00 0.42 21.06
N GLY B 79 -6.86 0.38 21.77
CA GLY B 79 -6.77 0.76 23.18
C GLY B 79 -6.82 2.26 23.36
N SER B 80 -6.81 2.70 24.62
CA SER B 80 -6.85 4.15 24.95
C SER B 80 -5.71 4.60 25.83
N VAL B 81 -5.44 5.91 25.75
CA VAL B 81 -4.39 6.58 26.52
C VAL B 81 -4.99 7.63 27.43
N VAL B 82 -4.51 7.67 28.68
CA VAL B 82 -4.86 8.77 29.57
C VAL B 82 -3.61 9.65 29.64
N ASN B 83 -3.73 10.87 29.13
CA ASN B 83 -2.60 11.78 29.02
C ASN B 83 -2.22 12.46 30.34
N PHE B 84 -1.77 11.65 31.32
CA PHE B 84 -1.28 12.12 32.63
C PHE B 84 0.05 12.91 32.47
N LYS B 85 0.18 14.05 33.17
CA LYS B 85 1.46 14.80 33.22
C LYS B 85 2.09 14.70 34.60
N VAL B 86 3.38 14.90 34.66
CA VAL B 86 4.10 14.97 35.93
C VAL B 86 4.21 16.44 36.38
N GLU B 87 4.47 17.34 35.42
CA GLU B 87 4.54 18.79 35.70
C GLU B 87 3.18 19.42 36.05
N ALA B 88 2.08 18.88 35.52
CA ALA B 88 0.73 19.36 35.88
C ALA B 88 -0.03 18.43 36.88
N SER B 89 0.69 17.96 37.90
CA SER B 89 0.14 16.96 38.85
C SER B 89 0.17 17.43 40.31
N SER B 90 -0.37 16.58 41.16
CA SER B 90 -0.30 16.80 42.59
C SER B 90 1.04 16.32 43.18
N ILE B 91 2.00 15.96 42.32
CA ILE B 91 3.40 15.79 42.73
C ILE B 91 3.97 17.14 43.20
N ASN B 92 3.33 18.24 42.76
CA ASN B 92 3.63 19.60 43.26
C ASN B 92 3.23 19.88 44.72
N LYS B 93 2.17 19.24 45.21
CA LYS B 93 1.72 19.39 46.59
C LYS B 93 2.35 18.35 47.54
N GLY B 94 3.55 17.85 47.20
CA GLY B 94 4.26 16.87 48.02
C GLY B 94 3.66 15.46 47.99
N GLU B 95 3.62 14.86 46.81
CA GLU B 95 3.24 13.44 46.63
C GLU B 95 4.45 12.64 46.10
N THR B 96 4.59 11.39 46.58
CA THR B 96 5.77 10.53 46.36
C THR B 96 5.57 9.59 45.22
N LEU B 97 6.61 8.85 44.87
CA LEU B 97 6.56 7.98 43.71
C LEU B 97 5.53 6.86 43.84
N ALA B 98 5.61 6.09 44.92
CA ALA B 98 4.71 4.96 45.14
C ALA B 98 3.25 5.41 45.17
N ASP B 99 2.96 6.51 45.85
CA ASP B 99 1.60 6.99 45.84
C ASP B 99 1.18 7.32 44.42
N THR B 100 2.12 7.81 43.61
CA THR B 100 1.76 8.22 42.26
C THR B 100 1.45 6.93 41.49
N ILE B 101 2.28 5.93 41.65
CA ILE B 101 2.06 4.66 40.98
C ILE B 101 0.73 4.09 41.42
N ARG B 102 0.48 3.97 42.74
CA ARG B 102 -0.76 3.39 43.24
C ARG B 102 -1.97 4.15 42.66
N THR B 103 -1.89 5.47 42.59
CA THR B 103 -2.92 6.24 41.87
C THR B 103 -3.20 5.74 40.44
N LEU B 104 -2.20 5.82 39.56
CA LEU B 104 -2.45 5.58 38.13
C LEU B 104 -2.86 4.15 37.92
N ASP B 105 -2.28 3.32 38.75
CA ASP B 105 -2.67 1.94 38.83
C ASP B 105 -4.19 1.70 39.07
N SER B 106 -4.88 2.60 39.79
CA SER B 106 -6.33 2.45 40.02
C SER B 106 -7.16 2.44 38.75
N TYR B 107 -6.60 3.02 37.69
CA TYR B 107 -7.34 3.44 36.50
C TYR B 107 -6.98 2.66 35.26
N SER B 108 -5.72 2.19 35.23
CA SER B 108 -5.03 1.74 34.00
C SER B 108 -4.99 0.25 33.89
N ASP B 109 -4.75 -0.21 32.68
CA ASP B 109 -4.44 -1.59 32.43
C ASP B 109 -2.93 -1.82 32.30
N VAL B 110 -2.20 -0.81 31.85
CA VAL B 110 -0.73 -0.90 31.75
C VAL B 110 -0.14 0.48 31.89
N LEU B 111 1.03 0.53 32.53
CA LEU B 111 1.76 1.76 32.81
C LEU B 111 3.05 1.75 32.03
N VAL B 112 3.45 2.95 31.61
CA VAL B 112 4.67 3.16 30.86
C VAL B 112 5.45 4.26 31.53
N MET B 113 6.62 3.93 32.04
CA MET B 113 7.34 4.85 32.90
C MET B 113 8.72 5.13 32.41
N ARG B 114 9.02 6.41 32.28
CA ARG B 114 10.36 6.89 32.04
C ARG B 114 10.74 7.73 33.22
N HIS B 115 11.89 7.44 33.84
CA HIS B 115 12.32 8.14 35.05
C HIS B 115 13.85 8.33 35.10
N PRO B 116 14.34 9.52 35.54
CA PRO B 116 15.81 9.81 35.53
C PRO B 116 16.69 8.97 36.47
N ARG B 117 16.11 8.43 37.54
CA ARG B 117 16.74 7.44 38.42
C ARG B 117 16.63 5.97 37.94
N GLN B 118 17.74 5.25 38.03
CA GLN B 118 17.74 3.84 37.74
C GLN B 118 16.86 3.00 38.67
N ASP B 119 16.90 3.24 39.97
CA ASP B 119 16.18 2.39 40.90
C ASP B 119 14.69 2.71 40.95
N ALA B 120 14.26 3.77 40.25
CA ALA B 120 12.86 4.21 40.23
C ALA B 120 11.88 3.12 39.74
N ILE B 121 12.35 2.27 38.84
CA ILE B 121 11.56 1.15 38.34
C ILE B 121 11.29 0.05 39.39
N GLU B 122 12.32 -0.36 40.11
CA GLU B 122 12.17 -1.43 41.12
C GLU B 122 11.28 -0.92 42.29
N GLU B 123 11.39 0.36 42.61
CA GLU B 123 10.49 1.02 43.57
C GLU B 123 9.01 0.99 43.08
N ALA B 124 8.76 1.27 41.81
CA ALA B 124 7.38 1.29 41.32
C ALA B 124 6.76 -0.11 41.29
N LEU B 125 7.58 -1.11 40.94
CA LEU B 125 7.14 -2.50 40.85
C LEU B 125 6.57 -3.02 42.17
N SER B 126 7.26 -2.67 43.25
CA SER B 126 6.93 -3.21 44.52
C SER B 126 5.54 -2.78 44.95
N VAL B 127 4.96 -1.75 44.33
CA VAL B 127 3.64 -1.27 44.71
C VAL B 127 2.58 -1.41 43.62
N ALA B 128 2.96 -1.89 42.43
CA ALA B 128 2.03 -1.84 41.26
C ALA B 128 1.30 -3.17 41.03
N GLN B 129 0.00 -3.09 40.77
CA GLN B 129 -0.77 -4.28 40.49
C GLN B 129 -0.84 -4.58 39.01
N HIS B 130 -0.39 -3.63 38.20
CA HIS B 130 -0.55 -3.75 36.74
C HIS B 130 0.84 -3.71 36.09
N PRO B 131 0.95 -4.19 34.86
CA PRO B 131 2.27 -4.25 34.28
C PRO B 131 2.83 -2.86 34.06
N ILE B 132 4.11 -2.68 34.39
CA ILE B 132 4.86 -1.45 34.07
C ILE B 132 5.85 -1.75 32.94
N LEU B 133 5.86 -0.87 31.95
CA LEU B 133 6.78 -1.01 30.83
C LEU B 133 7.79 0.08 30.97
N ASN B 134 9.05 -0.32 31.16
CA ASN B 134 10.16 0.59 31.39
C ASN B 134 10.54 1.21 30.08
N ALA B 135 10.33 2.52 29.98
CA ALA B 135 10.65 3.30 28.79
C ALA B 135 11.93 4.10 28.99
N GLY B 136 12.62 3.78 30.08
CA GLY B 136 14.02 4.21 30.35
C GLY B 136 14.24 4.66 31.79
N ASN B 137 15.15 3.98 32.48
CA ASN B 137 15.45 4.29 33.86
C ASN B 137 16.86 4.81 34.00
N GLY B 138 16.97 6.13 34.10
CA GLY B 138 18.26 6.81 34.20
C GLY B 138 19.15 6.32 33.09
N ALA B 139 20.42 6.07 33.41
CA ALA B 139 21.37 5.53 32.48
C ALA B 139 21.39 4.00 32.51
N GLY B 140 20.29 3.38 32.93
CA GLY B 140 20.26 1.93 33.04
C GLY B 140 19.88 1.17 31.78
N GLU B 141 18.58 1.10 31.50
CA GLU B 141 18.05 0.32 30.39
C GLU B 141 16.87 0.97 29.67
N HIS B 142 16.61 0.47 28.46
CA HIS B 142 15.52 0.93 27.59
C HIS B 142 15.11 -0.31 26.77
N PRO B 143 14.52 -1.30 27.44
CA PRO B 143 14.42 -2.66 26.92
C PRO B 143 13.63 -2.76 25.65
N THR B 144 12.63 -1.89 25.49
CA THR B 144 11.79 -1.92 24.29
C THR B 144 12.45 -1.23 23.11
N GLN B 145 13.45 -0.39 23.37
CA GLN B 145 14.30 0.15 22.29
C GLN B 145 15.12 -1.01 21.73
N ALA B 146 15.60 -1.88 22.61
CA ALA B 146 16.46 -3.01 22.23
C ALA B 146 15.70 -3.95 21.33
N LEU B 147 14.44 -4.15 21.67
CA LEU B 147 13.56 -5.00 20.91
C LEU B 147 13.28 -4.44 19.51
N LEU B 148 12.95 -3.16 19.41
CA LEU B 148 12.69 -2.54 18.09
C LEU B 148 13.98 -2.38 17.31
N ASP B 149 15.09 -2.21 18.02
CA ASP B 149 16.36 -2.14 17.39
C ASP B 149 16.65 -3.47 16.75
N THR B 150 16.39 -4.54 17.46
CA THR B 150 16.67 -5.89 16.95
C THR B 150 15.73 -6.24 15.81
N LEU B 151 14.47 -5.81 15.94
CA LEU B 151 13.52 -5.87 14.82
C LEU B 151 14.09 -5.18 13.58
N THR B 152 14.72 -4.02 13.76
CA THR B 152 15.22 -3.22 12.63
C THR B 152 16.28 -4.01 11.89
N ILE B 153 17.26 -4.48 12.65
CA ILE B 153 18.35 -5.28 12.11
C ILE B 153 17.84 -6.48 11.33
N HIS B 154 16.97 -7.24 11.94
CA HIS B 154 16.35 -8.39 11.30
C HIS B 154 15.60 -8.08 10.01
N SER B 155 14.78 -7.03 9.98
CA SER B 155 14.00 -6.73 8.77
C SER B 155 14.91 -6.16 7.67
N GLU B 156 15.88 -5.31 8.04
CA GLU B 156 16.77 -4.64 7.07
C GLU B 156 17.86 -5.53 6.54
N LEU B 157 18.53 -6.27 7.43
CA LEU B 157 19.63 -7.18 7.04
C LEU B 157 19.25 -8.64 6.82
N GLY B 158 18.22 -9.15 7.47
CA GLY B 158 17.75 -10.51 7.19
C GLY B 158 18.20 -11.51 8.23
N SER B 159 19.12 -11.12 9.09
CA SER B 159 19.58 -12.02 10.12
C SER B 159 20.33 -11.25 11.16
N VAL B 160 20.34 -11.76 12.39
CA VAL B 160 21.05 -11.09 13.47
C VAL B 160 22.26 -11.93 13.82
N ASP B 161 22.11 -13.24 13.87
CA ASP B 161 23.31 -14.09 14.10
C ASP B 161 24.33 -13.73 13.05
N GLY B 162 25.58 -13.63 13.51
CA GLY B 162 26.71 -13.56 12.64
C GLY B 162 27.16 -12.17 12.30
N ILE B 163 26.47 -11.14 12.83
CA ILE B 163 26.74 -9.74 12.46
C ILE B 163 27.89 -9.19 13.27
N THR B 164 28.57 -8.23 12.68
CA THR B 164 29.51 -7.41 13.39
C THR B 164 28.81 -6.08 13.61
N ILE B 165 28.80 -5.60 14.82
CA ILE B 165 28.12 -4.37 15.08
C ILE B 165 28.97 -3.42 15.87
N ALA B 166 28.87 -2.15 15.55
CA ALA B 166 29.58 -1.19 16.36
C ALA B 166 28.56 -0.46 17.18
N LEU B 167 28.79 -0.42 18.46
CA LEU B 167 28.08 0.51 19.33
C LEU B 167 28.98 1.76 19.56
N ILE B 168 28.42 2.93 19.26
CA ILE B 168 29.18 4.16 19.10
C ILE B 168 28.60 5.31 19.92
N GLY B 169 29.49 6.09 20.53
CA GLY B 169 29.11 7.34 21.20
C GLY B 169 29.21 7.22 22.70
N ASP B 170 28.18 7.71 23.40
CA ASP B 170 28.18 7.74 24.85
C ASP B 170 27.59 6.41 25.35
N LEU B 171 28.50 5.47 25.58
CA LEU B 171 28.17 4.11 25.97
C LEU B 171 28.07 4.04 27.47
N LYS B 172 28.70 4.97 28.18
CA LYS B 172 28.52 5.02 29.61
C LYS B 172 27.04 5.26 29.93
N MET B 173 26.52 6.41 29.55
CA MET B 173 25.18 6.82 29.98
C MET B 173 24.04 6.34 29.04
N GLY B 174 24.41 5.68 27.95
CA GLY B 174 23.44 5.25 26.95
C GLY B 174 22.74 3.96 27.32
N ARG B 175 21.58 4.11 27.96
CA ARG B 175 20.70 2.99 28.28
C ARG B 175 20.25 2.19 27.07
N THR B 176 20.22 2.83 25.91
CA THR B 176 19.99 2.15 24.64
C THR B 176 21.04 1.10 24.30
N VAL B 177 22.32 1.43 24.44
CA VAL B 177 23.38 0.45 24.13
C VAL B 177 23.49 -0.67 25.19
N HIS B 178 23.25 -0.30 26.47
CA HIS B 178 23.20 -1.30 27.56
C HIS B 178 22.17 -2.38 27.22
N SER B 179 20.95 -2.01 26.89
CA SER B 179 19.91 -3.01 26.64
C SER B 179 20.18 -3.80 25.33
N LEU B 180 20.65 -3.09 24.28
CA LEU B 180 20.95 -3.71 23.00
C LEU B 180 22.16 -4.69 23.09
N LEU B 181 23.21 -4.33 23.81
CA LEU B 181 24.30 -5.28 23.98
C LEU B 181 23.82 -6.56 24.64
N LYS B 182 23.11 -6.42 25.78
CA LYS B 182 22.63 -7.58 26.58
C LYS B 182 21.74 -8.48 25.75
N LEU B 183 20.86 -7.88 24.95
CA LEU B 183 19.83 -8.67 24.23
C LEU B 183 20.45 -9.43 23.07
N LEU B 184 21.39 -8.80 22.38
CA LEU B 184 22.02 -9.46 21.22
C LEU B 184 23.00 -10.54 21.67
N VAL B 185 23.91 -10.15 22.56
CA VAL B 185 24.89 -11.10 23.08
C VAL B 185 24.22 -12.30 23.75
N ARG B 186 23.18 -12.07 24.56
CA ARG B 186 22.51 -13.16 25.26
C ARG B 186 21.72 -14.03 24.32
N ASN B 187 21.24 -13.48 23.21
CA ASN B 187 20.27 -14.28 22.43
C ASN B 187 20.63 -14.62 20.97
N PHE B 188 21.83 -14.21 20.58
CA PHE B 188 22.30 -14.37 19.22
C PHE B 188 23.76 -14.64 19.23
N SER B 189 24.21 -15.29 18.16
CA SER B 189 25.61 -15.56 17.92
C SER B 189 26.27 -14.37 17.19
N ILE B 190 26.47 -13.28 17.91
CA ILE B 190 27.11 -12.09 17.37
C ILE B 190 28.58 -12.36 17.09
N LYS B 191 29.04 -11.97 15.92
CA LYS B 191 30.42 -12.24 15.52
C LYS B 191 31.38 -11.32 16.29
N CYS B 192 31.16 -10.02 16.17
CA CYS B 192 32.05 -8.97 16.73
C CYS B 192 31.22 -7.76 17.21
N VAL B 193 31.60 -7.18 18.34
CA VAL B 193 31.02 -5.94 18.78
C VAL B 193 32.17 -4.95 18.90
N PHE B 194 32.12 -3.88 18.11
CA PHE B 194 32.99 -2.74 18.32
C PHE B 194 32.42 -1.79 19.38
N LEU B 195 33.25 -1.38 20.34
CA LEU B 195 32.82 -0.42 21.33
C LEU B 195 33.56 0.89 21.04
N VAL B 196 32.85 1.80 20.38
CA VAL B 196 33.46 2.98 19.82
C VAL B 196 33.10 4.15 20.70
N ALA B 197 34.06 4.54 21.52
CA ALA B 197 33.89 5.65 22.46
C ALA B 197 35.23 6.04 23.07
N PRO B 198 35.33 7.26 23.59
CA PRO B 198 36.50 7.55 24.41
C PRO B 198 36.40 6.78 25.74
N ASP B 199 37.55 6.51 26.36
CA ASP B 199 37.61 5.84 27.66
C ASP B 199 36.57 6.34 28.66
N ALA B 200 36.45 7.66 28.78
CA ALA B 200 35.60 8.27 29.82
C ALA B 200 34.15 7.84 29.67
N LEU B 201 33.76 7.51 28.44
CA LEU B 201 32.38 7.15 28.14
C LEU B 201 32.26 5.69 27.61
N GLN B 202 33.18 4.81 28.01
CA GLN B 202 33.19 3.45 27.46
C GLN B 202 32.04 2.66 28.03
N MET B 203 31.80 1.49 27.45
CA MET B 203 30.78 0.58 27.91
C MET B 203 31.09 0.13 29.36
N PRO B 204 30.13 0.28 30.28
CA PRO B 204 30.39 0.03 31.69
C PRO B 204 30.63 -1.42 32.01
N GLN B 205 31.47 -1.69 33.03
CA GLN B 205 31.76 -3.07 33.42
C GLN B 205 30.54 -3.81 33.93
N ASP B 206 29.65 -3.12 34.62
CA ASP B 206 28.43 -3.73 35.12
C ASP B 206 27.48 -4.23 34.01
N VAL B 207 27.74 -3.84 32.77
CA VAL B 207 27.03 -4.43 31.65
C VAL B 207 27.80 -5.63 31.13
N LEU B 208 29.12 -5.50 31.05
CA LEU B 208 29.99 -6.44 30.34
C LEU B 208 30.27 -7.71 31.10
N GLU B 209 30.56 -7.58 32.40
CA GLU B 209 30.82 -8.71 33.29
C GLU B 209 29.66 -9.74 33.32
N PRO B 210 28.39 -9.29 33.49
CA PRO B 210 27.32 -10.30 33.52
C PRO B 210 27.20 -11.08 32.24
N LEU B 211 27.89 -10.63 31.19
CA LEU B 211 27.80 -11.26 29.86
C LEU B 211 28.95 -12.23 29.57
N GLN B 212 29.90 -12.34 30.48
CA GLN B 212 31.16 -13.07 30.18
C GLN B 212 30.95 -14.50 29.73
N HIS B 213 29.99 -15.21 30.33
CA HIS B 213 29.72 -16.60 29.91
C HIS B 213 29.19 -16.65 28.49
N GLU B 214 28.34 -15.70 28.14
CA GLU B 214 27.78 -15.68 26.82
C GLU B 214 28.92 -15.35 25.86
N ILE B 215 29.74 -14.39 26.26
CA ILE B 215 30.85 -13.96 25.43
C ILE B 215 31.85 -15.09 25.17
N ALA B 216 32.09 -15.95 26.17
CA ALA B 216 33.03 -17.02 26.00
C ALA B 216 32.41 -18.22 25.30
N THR B 217 31.14 -18.52 25.55
CA THR B 217 30.49 -19.71 24.95
C THR B 217 30.19 -19.50 23.48
N LYS B 218 29.83 -18.27 23.14
CA LYS B 218 29.53 -17.94 21.76
C LYS B 218 30.71 -17.38 21.00
N GLY B 219 31.80 -17.08 21.70
CA GLY B 219 33.05 -16.69 21.08
C GLY B 219 33.05 -15.31 20.43
N VAL B 220 32.33 -14.36 21.03
CA VAL B 220 32.17 -13.02 20.43
C VAL B 220 33.46 -12.22 20.58
N ILE B 221 33.81 -11.47 19.54
CA ILE B 221 34.94 -10.58 19.63
C ILE B 221 34.41 -9.24 20.16
N ILE B 222 35.06 -8.73 21.20
CA ILE B 222 34.81 -7.40 21.70
C ILE B 222 36.11 -6.59 21.57
N HIS B 223 36.07 -5.55 20.74
CA HIS B 223 37.15 -4.61 20.61
C HIS B 223 36.66 -3.23 21.01
N ARG B 224 37.43 -2.56 21.87
CA ARG B 224 37.21 -1.16 22.13
C ARG B 224 38.02 -0.37 21.11
N THR B 225 37.45 0.73 20.62
CA THR B 225 38.22 1.72 19.86
C THR B 225 37.79 3.07 20.34
N HIS B 226 38.59 4.07 20.01
CA HIS B 226 38.21 5.44 20.29
C HIS B 226 37.90 6.17 18.97
N ALA B 227 37.77 5.45 17.88
CA ALA B 227 37.52 6.07 16.60
C ALA B 227 36.83 5.14 15.63
N LEU B 228 36.20 5.72 14.61
CA LEU B 228 35.62 4.94 13.53
C LEU B 228 36.71 4.63 12.51
N THR B 229 37.64 3.76 12.91
CA THR B 229 38.78 3.37 12.08
C THR B 229 38.29 2.67 10.81
N ASP B 230 39.19 2.44 9.85
CA ASP B 230 38.79 1.87 8.55
C ASP B 230 38.29 0.46 8.76
N GLU B 231 38.91 -0.25 9.71
CA GLU B 231 38.49 -1.60 10.11
C GLU B 231 37.03 -1.55 10.50
N VAL B 232 36.68 -0.65 11.40
CA VAL B 232 35.32 -0.64 11.95
C VAL B 232 34.34 -0.37 10.82
N MET B 233 34.69 0.58 9.96
CA MET B 233 33.87 0.95 8.79
C MET B 233 33.72 -0.16 7.75
N GLN B 234 34.78 -0.93 7.54
CA GLN B 234 34.77 -1.97 6.51
C GLN B 234 34.11 -3.25 6.99
N LYS B 235 34.24 -3.54 8.27
CA LYS B 235 33.75 -4.79 8.83
C LYS B 235 32.33 -4.76 9.43
N SER B 236 31.75 -3.58 9.66
CA SER B 236 30.48 -3.49 10.39
C SER B 236 29.25 -3.67 9.50
N ASP B 237 28.34 -4.54 9.96
CA ASP B 237 27.06 -4.72 9.31
C ASP B 237 26.09 -3.71 9.87
N VAL B 238 26.31 -3.32 11.13
CA VAL B 238 25.50 -2.31 11.81
C VAL B 238 26.40 -1.30 12.49
N LEU B 239 26.21 -0.04 12.15
CA LEU B 239 26.76 1.08 12.89
C LEU B 239 25.60 1.73 13.62
N TYR B 240 25.63 1.61 14.95
CA TYR B 240 24.58 2.04 15.83
C TYR B 240 25.16 3.12 16.72
N THR B 241 24.84 4.37 16.42
CA THR B 241 25.51 5.44 17.10
C THR B 241 24.51 6.19 17.92
N THR B 242 25.04 6.98 18.83
CA THR B 242 24.25 7.65 19.87
C THR B 242 24.82 9.03 20.15
N ARG B 243 23.93 9.93 20.52
CA ARG B 243 24.27 11.24 21.02
C ARG B 243 25.16 11.15 22.27
N LEU B 244 25.98 12.20 22.47
CA LEU B 244 26.73 12.39 23.72
C LEU B 244 25.86 13.13 24.79
N GLN B 245 25.59 12.46 25.94
CA GLN B 245 24.52 12.88 26.92
C GLN B 245 24.92 13.81 28.10
N LYS B 246 24.60 15.10 27.99
CA LYS B 246 24.95 16.11 29.03
C LYS B 246 23.72 16.63 29.73
N ASP B 255 33.73 14.88 36.30
CA ASP B 255 32.87 15.36 35.22
C ASP B 255 33.68 15.93 34.01
N ASP B 256 34.75 16.67 34.28
CA ASP B 256 35.48 17.45 33.26
C ASP B 256 36.14 16.63 32.12
N ALA B 257 36.77 15.53 32.49
CA ALA B 257 37.51 14.71 31.54
C ALA B 257 36.59 14.11 30.46
N ALA B 258 35.32 13.86 30.80
CA ALA B 258 34.38 13.28 29.84
C ALA B 258 34.13 14.26 28.71
N ALA B 259 33.73 15.48 29.08
CA ALA B 259 33.50 16.56 28.13
C ALA B 259 34.65 16.66 27.13
N LEU B 260 35.87 16.68 27.65
CA LEU B 260 37.04 16.90 26.84
C LEU B 260 37.30 15.74 25.89
N GLN B 261 37.48 14.54 26.44
CA GLN B 261 37.66 13.37 25.61
C GLN B 261 36.60 13.30 24.50
N SER B 262 35.39 13.77 24.76
CA SER B 262 34.32 13.72 23.76
C SER B 262 34.63 14.74 22.68
N PHE B 263 35.06 15.92 23.13
CA PHE B 263 35.54 16.91 22.22
C PHE B 263 36.70 16.33 21.39
N ALA B 264 37.68 15.68 22.03
CA ALA B 264 38.81 15.18 21.27
C ALA B 264 38.42 14.18 20.19
N ALA B 265 37.34 13.44 20.39
CA ALA B 265 37.03 12.31 19.53
C ALA B 265 35.89 12.55 18.56
N LYS B 266 35.29 13.72 18.59
CA LYS B 266 33.99 13.88 17.94
C LYS B 266 33.97 13.62 16.44
N ALA B 267 34.99 14.14 15.75
CA ALA B 267 35.08 14.00 14.30
C ALA B 267 35.43 12.56 13.95
N ASP B 268 36.25 11.92 14.78
CA ASP B 268 36.58 10.50 14.60
C ASP B 268 35.37 9.56 14.78
N ILE B 269 34.39 9.94 15.61
CA ILE B 269 33.20 9.10 15.82
C ILE B 269 31.98 9.60 15.06
N THR B 270 32.10 10.69 14.32
CA THR B 270 30.98 11.23 13.52
C THR B 270 30.83 10.42 12.28
N ILE B 271 29.60 10.14 11.87
CA ILE B 271 29.33 9.49 10.60
C ILE B 271 28.74 10.53 9.67
N ASP B 272 29.36 10.71 8.49
CA ASP B 272 28.87 11.61 7.44
C ASP B 272 29.14 10.94 6.12
N ALA B 273 28.71 11.57 5.03
CA ALA B 273 28.80 10.93 3.72
C ALA B 273 30.22 10.45 3.35
N ALA B 274 31.22 11.26 3.72
CA ALA B 274 32.63 10.93 3.55
C ALA B 274 33.01 9.64 4.25
N ARG B 275 32.67 9.53 5.52
CA ARG B 275 32.96 8.32 6.24
C ARG B 275 32.23 7.12 5.59
N MET B 276 31.01 7.34 5.12
CA MET B 276 30.25 6.22 4.56
C MET B 276 30.89 5.66 3.30
N ARG B 277 31.88 6.33 2.72
CA ARG B 277 32.51 5.80 1.48
C ARG B 277 33.28 4.50 1.79
N LEU B 278 33.70 4.35 3.04
CA LEU B 278 34.41 3.16 3.53
C LEU B 278 33.49 2.03 4.02
N ALA B 279 32.21 2.34 4.18
CA ALA B 279 31.20 1.38 4.56
C ALA B 279 30.95 0.30 3.50
N LYS B 280 30.53 -0.89 3.94
CA LYS B 280 30.00 -1.92 3.03
C LYS B 280 28.85 -1.41 2.18
N GLU B 281 28.59 -2.13 1.09
CA GLU B 281 27.47 -1.85 0.19
C GLU B 281 26.16 -2.25 0.88
N LYS B 282 26.21 -3.35 1.63
CA LYS B 282 25.10 -3.83 2.42
C LYS B 282 25.43 -3.76 3.91
N MET B 283 24.76 -2.82 4.58
CA MET B 283 24.90 -2.59 6.02
C MET B 283 23.85 -1.56 6.45
N ILE B 284 23.81 -1.22 7.73
CA ILE B 284 22.91 -0.13 8.14
C ILE B 284 23.45 0.74 9.22
N VAL B 285 23.03 2.01 9.11
CA VAL B 285 23.26 2.99 10.15
C VAL B 285 21.96 3.10 10.96
N MET B 286 22.11 3.08 12.29
CA MET B 286 21.00 3.09 13.23
C MET B 286 21.33 4.16 14.25
N HIS B 287 20.32 4.58 15.00
CA HIS B 287 20.45 5.63 16.00
C HIS B 287 19.11 5.65 16.74
N PRO B 288 19.11 5.41 18.06
CA PRO B 288 17.81 5.40 18.72
C PRO B 288 17.12 6.76 18.67
N LEU B 289 17.92 7.80 18.49
CA LEU B 289 17.49 9.20 18.35
C LEU B 289 17.10 9.72 19.73
N PRO B 290 17.15 11.03 19.92
CA PRO B 290 17.49 12.07 18.95
C PRO B 290 19.00 12.16 18.73
N ARG B 291 19.38 12.81 17.65
CA ARG B 291 20.76 12.89 17.24
C ARG B 291 21.19 14.34 17.25
N ASN B 292 22.48 14.54 17.35
CA ASN B 292 23.10 15.82 17.17
C ASN B 292 23.97 15.67 15.94
N ASP B 293 25.18 16.23 15.93
CA ASP B 293 26.04 16.12 14.75
C ASP B 293 26.99 14.94 14.77
N GLU B 294 26.77 13.96 15.66
CA GLU B 294 27.50 12.69 15.54
C GLU B 294 26.99 11.93 14.26
N LEU B 295 25.81 12.32 13.79
CA LEU B 295 25.25 11.73 12.59
C LEU B 295 24.76 12.81 11.60
N SER B 296 25.67 13.18 10.71
CA SER B 296 25.42 14.17 9.68
C SER B 296 24.18 13.96 8.85
N THR B 297 23.48 15.04 8.49
CA THR B 297 22.33 14.96 7.54
C THR B 297 22.72 14.41 6.17
N THR B 298 23.95 14.71 5.75
CA THR B 298 24.54 14.23 4.50
C THR B 298 24.33 12.71 4.28
N VAL B 299 24.02 11.97 5.36
CA VAL B 299 23.77 10.52 5.34
C VAL B 299 22.32 10.13 5.10
N ASP B 300 21.40 11.07 5.28
CA ASP B 300 19.96 10.82 5.26
C ASP B 300 19.40 10.26 3.95
N ALA B 301 20.00 10.61 2.82
CA ALA B 301 19.49 10.14 1.53
C ALA B 301 20.02 8.75 1.16
N ASP B 302 21.08 8.32 1.83
CA ASP B 302 21.74 7.02 1.55
C ASP B 302 20.81 5.88 1.88
N PRO B 303 20.73 4.86 1.02
CA PRO B 303 19.84 3.72 1.36
C PRO B 303 20.19 3.02 2.69
N ARG B 304 21.44 3.12 3.13
CA ARG B 304 21.83 2.48 4.38
C ARG B 304 21.41 3.27 5.62
N ALA B 305 20.97 4.50 5.44
CA ALA B 305 20.40 5.27 6.55
C ALA B 305 19.09 4.63 7.03
N ALA B 306 19.16 3.86 8.12
CA ALA B 306 17.98 3.09 8.57
C ALA B 306 17.29 3.67 9.80
N TYR B 307 17.79 4.80 10.32
CA TYR B 307 17.29 5.43 11.56
C TYR B 307 15.90 6.09 11.48
N PHE B 308 15.33 6.22 10.30
CA PHE B 308 13.99 6.76 10.26
C PHE B 308 13.04 5.61 10.21
N ARG B 309 13.29 4.69 9.32
CA ARG B 309 12.53 3.45 9.30
C ARG B 309 12.52 2.86 10.71
N GLN B 310 13.66 2.98 11.39
CA GLN B 310 13.80 2.46 12.75
C GLN B 310 12.62 2.84 13.64
N MET B 311 12.15 4.07 13.52
CA MET B 311 11.06 4.57 14.39
C MET B 311 9.76 3.85 14.10
N ARG B 312 9.50 3.62 12.82
CA ARG B 312 8.26 2.96 12.44
C ARG B 312 8.22 1.53 12.99
N TYR B 313 9.33 0.81 12.86
CA TYR B 313 9.52 -0.48 13.53
C TYR B 313 9.15 -0.40 15.05
N GLY B 314 9.66 0.62 15.73
CA GLY B 314 9.27 0.90 17.12
C GLY B 314 7.78 0.85 17.40
N MET B 315 6.96 1.48 16.55
CA MET B 315 5.51 1.50 16.72
C MET B 315 4.99 0.05 16.60
N PHE B 316 5.35 -0.60 15.50
CA PHE B 316 4.91 -1.97 15.30
C PHE B 316 5.44 -2.91 16.34
N MET B 317 6.70 -2.74 16.75
CA MET B 317 7.21 -3.61 17.84
C MET B 317 6.48 -3.35 19.17
N ARG B 318 6.15 -2.10 19.44
CA ARG B 318 5.35 -1.78 20.62
C ARG B 318 3.87 -2.23 20.47
N MET B 319 3.39 -2.38 19.25
CA MET B 319 2.07 -2.99 19.10
C MET B 319 2.10 -4.45 19.57
N ALA B 320 3.14 -5.16 19.17
CA ALA B 320 3.33 -6.54 19.57
C ALA B 320 3.49 -6.73 21.08
N ILE B 321 4.17 -5.80 21.72
CA ILE B 321 4.39 -5.84 23.15
C ILE B 321 3.09 -5.56 23.92
N LEU B 322 2.42 -4.48 23.55
CA LEU B 322 1.20 -4.09 24.22
C LEU B 322 0.18 -5.22 24.11
N TRP B 323 0.00 -5.77 22.92
CA TRP B 323 -0.97 -6.85 22.71
C TRP B 323 -0.59 -8.09 23.50
N SER B 324 0.69 -8.45 23.53
CA SER B 324 1.11 -9.63 24.26
C SER B 324 0.96 -9.42 25.74
N VAL B 325 1.24 -8.21 26.20
CA VAL B 325 1.11 -7.92 27.64
C VAL B 325 -0.34 -8.07 28.11
N LEU B 326 -1.25 -7.50 27.31
CA LEU B 326 -2.68 -7.41 27.65
C LEU B 326 -3.62 -8.44 27.01
N ALA B 327 -3.11 -9.40 26.24
CA ALA B 327 -3.96 -10.42 25.57
C ALA B 327 -4.95 -11.09 26.50
N SER C 1 -31.14 6.55 4.23
CA SER C 1 -32.06 7.68 4.49
C SER C 1 -31.30 8.97 4.51
N MET C 2 -30.42 9.00 5.48
CA MET C 2 -29.63 10.13 5.85
C MET C 2 -28.78 10.73 4.70
N LEU C 3 -28.23 11.91 5.00
CA LEU C 3 -27.17 12.56 4.22
C LEU C 3 -25.95 11.66 3.93
N GLU C 4 -25.43 11.83 2.72
CA GLU C 4 -24.11 11.33 2.37
C GLU C 4 -23.09 12.32 2.90
N LEU C 5 -21.87 11.81 3.15
CA LEU C 5 -20.70 12.63 3.48
C LEU C 5 -19.66 12.29 2.44
N PRO C 6 -19.91 12.73 1.20
CA PRO C 6 -18.89 12.48 0.20
C PRO C 6 -17.64 13.32 0.54
N PRO C 7 -16.46 12.71 0.51
CA PRO C 7 -15.26 13.52 0.69
C PRO C 7 -15.04 14.46 -0.48
N VAL C 8 -14.47 15.63 -0.23
CA VAL C 8 -14.13 16.50 -1.33
C VAL C 8 -12.89 15.88 -1.97
N ALA C 9 -13.06 15.38 -3.18
CA ALA C 9 -12.08 14.51 -3.82
C ALA C 9 -10.72 15.17 -4.01
N SER C 10 -10.73 16.43 -4.39
CA SER C 10 -9.47 17.08 -4.77
C SER C 10 -8.58 17.33 -3.55
N LEU C 11 -9.14 17.32 -2.35
CA LEU C 11 -8.32 17.42 -1.16
C LEU C 11 -7.65 16.09 -0.79
N LYS C 12 -8.02 14.98 -1.42
CA LYS C 12 -7.48 13.69 -0.98
C LYS C 12 -5.95 13.63 -0.98
N GLY C 13 -5.38 13.21 0.14
CA GLY C 13 -3.95 12.98 0.28
C GLY C 13 -3.04 14.20 0.24
N LYS C 14 -3.58 15.38 0.50
CA LYS C 14 -2.83 16.58 0.25
C LYS C 14 -2.78 17.50 1.45
N SER C 15 -1.59 18.11 1.56
CA SER C 15 -1.30 19.15 2.51
C SER C 15 -2.09 20.39 2.17
N ILE C 16 -2.33 21.18 3.22
CA ILE C 16 -3.05 22.42 3.12
C ILE C 16 -2.16 23.47 3.71
N THR C 17 -1.61 24.33 2.84
CA THR C 17 -0.68 25.39 3.25
C THR C 17 -1.21 26.81 3.06
N SER C 18 -2.07 27.01 2.09
CA SER C 18 -2.47 28.33 1.68
C SER C 18 -3.88 28.32 1.13
N ALA C 19 -4.58 29.41 1.42
CA ALA C 19 -5.87 29.73 0.86
C ALA C 19 -5.90 29.62 -0.66
N GLU C 20 -4.75 29.88 -1.30
CA GLU C 20 -4.59 29.86 -2.77
C GLU C 20 -4.81 28.54 -3.49
N GLN C 21 -4.69 27.44 -2.74
CA GLN C 21 -4.75 26.13 -3.37
C GLN C 21 -6.20 25.65 -3.57
N PHE C 22 -7.17 26.51 -3.26
CA PHE C 22 -8.59 26.13 -3.26
C PHE C 22 -9.33 26.86 -4.36
N SER C 23 -10.19 26.13 -5.05
CA SER C 23 -11.11 26.69 -6.00
C SER C 23 -12.44 26.93 -5.32
N ARG C 24 -13.25 27.77 -5.94
CA ARG C 24 -14.61 28.02 -5.54
C ARG C 24 -15.33 26.71 -5.33
N ALA C 25 -15.27 25.84 -6.33
CA ALA C 25 -15.90 24.55 -6.21
C ALA C 25 -15.43 23.77 -4.94
N ASP C 26 -14.13 23.73 -4.65
CA ASP C 26 -13.65 23.09 -3.40
C ASP C 26 -14.35 23.75 -2.20
N ILE C 27 -14.52 25.07 -2.24
CA ILE C 27 -15.04 25.80 -1.07
C ILE C 27 -16.51 25.48 -0.77
N TYR C 28 -17.34 25.57 -1.78
CA TYR C 28 -18.73 25.20 -1.64
C TYR C 28 -18.93 23.73 -1.26
N ALA C 29 -18.15 22.85 -1.85
CA ALA C 29 -18.18 21.43 -1.56
C ALA C 29 -17.82 21.12 -0.11
N LEU C 30 -16.79 21.80 0.38
CA LEU C 30 -16.38 21.71 1.78
C LEU C 30 -17.43 22.33 2.70
N ILE C 31 -17.98 23.46 2.27
CA ILE C 31 -19.03 24.14 3.01
C ILE C 31 -20.21 23.20 3.16
N HIS C 32 -20.69 22.66 2.04
CA HIS C 32 -21.88 21.83 2.07
C HIS C 32 -21.64 20.60 2.93
N LEU C 33 -20.49 19.98 2.76
CA LEU C 33 -20.07 18.82 3.55
C LEU C 33 -19.98 19.11 5.09
N ALA C 34 -19.52 20.32 5.42
CA ALA C 34 -19.44 20.74 6.81
C ALA C 34 -20.85 20.89 7.40
N SER C 35 -21.81 21.34 6.58
CA SER C 35 -23.21 21.48 7.02
C SER C 35 -23.86 20.14 7.26
N ALA C 36 -23.51 19.16 6.42
CA ALA C 36 -24.03 17.81 6.60
C ALA C 36 -23.33 17.15 7.79
N MET C 37 -22.06 17.49 8.04
CA MET C 37 -21.42 17.09 9.29
C MET C 37 -22.22 17.70 10.43
N GLN C 38 -22.63 18.96 10.29
CA GLN C 38 -23.31 19.63 11.40
C GLN C 38 -24.60 18.87 11.70
N ARG C 39 -25.40 18.62 10.67
CA ARG C 39 -26.73 18.06 10.88
C ARG C 39 -26.64 16.65 11.41
N LYS C 40 -25.55 15.94 11.12
CA LYS C 40 -25.38 14.60 11.65
C LYS C 40 -24.99 14.56 13.13
N ILE C 41 -24.00 15.37 13.51
CA ILE C 41 -23.50 15.44 14.85
C ILE C 41 -24.54 16.02 15.80
N ASP C 42 -25.21 17.09 15.39
CA ASP C 42 -26.32 17.65 16.18
C ASP C 42 -27.54 16.73 16.29
N ALA C 43 -27.72 15.78 15.37
CA ALA C 43 -28.79 14.77 15.50
C ALA C 43 -28.41 13.63 16.44
N GLY C 44 -27.18 13.65 16.96
CA GLY C 44 -26.66 12.63 17.90
C GLY C 44 -25.92 11.49 17.23
N GLU C 45 -25.87 11.49 15.91
CA GLU C 45 -25.32 10.36 15.17
C GLU C 45 -23.81 10.24 15.44
N VAL C 46 -23.33 9.00 15.48
CA VAL C 46 -21.95 8.69 15.83
C VAL C 46 -21.22 8.35 14.54
N LEU C 47 -20.14 9.08 14.25
CA LEU C 47 -19.39 8.89 13.01
C LEU C 47 -18.18 7.99 13.25
N ASN C 48 -17.96 7.04 12.34
CA ASN C 48 -16.85 6.11 12.47
C ASN C 48 -15.92 6.09 11.26
N LEU C 49 -15.93 7.19 10.53
CA LEU C 49 -15.25 7.24 9.24
C LEU C 49 -13.74 7.09 9.30
N LEU C 50 -13.08 7.67 10.31
CA LEU C 50 -11.63 7.63 10.38
C LEU C 50 -11.12 6.86 11.58
N GLN C 51 -11.78 5.76 11.90
CA GLN C 51 -11.31 4.93 12.95
C GLN C 51 -9.96 4.36 12.58
N GLY C 52 -9.06 4.36 13.54
CA GLY C 52 -7.73 3.83 13.37
C GLY C 52 -6.84 4.80 12.65
N ARG C 53 -7.27 6.04 12.51
CA ARG C 53 -6.41 7.00 11.88
C ARG C 53 -5.94 7.98 12.95
N ILE C 54 -4.70 8.45 12.81
CA ILE C 54 -4.09 9.24 13.88
C ILE C 54 -3.75 10.64 13.42
N MET C 55 -4.13 11.59 14.28
CA MET C 55 -3.78 12.97 14.11
C MET C 55 -2.78 13.37 15.19
N THR C 56 -1.73 14.04 14.76
CA THR C 56 -0.75 14.55 15.66
C THR C 56 -0.58 16.06 15.53
N PRO C 57 -0.80 16.81 16.64
CA PRO C 57 -0.52 18.23 16.69
C PRO C 57 0.94 18.52 16.87
N LEU C 58 1.45 19.46 16.10
CA LEU C 58 2.84 19.84 16.19
C LEU C 58 2.86 21.36 16.27
N PHE C 59 2.34 21.85 17.40
CA PHE C 59 2.20 23.26 17.74
C PHE C 59 3.46 23.84 18.43
N PHE C 60 4.21 24.67 17.70
CA PHE C 60 5.40 25.37 18.25
C PHE C 60 5.11 26.77 18.78
N GLU C 61 3.83 27.10 18.90
CA GLU C 61 3.38 28.29 19.64
C GLU C 61 1.96 28.00 20.08
N ASP C 62 1.46 28.76 21.07
CA ASP C 62 0.18 28.52 21.73
C ASP C 62 -0.99 28.37 20.77
N SER C 63 -2.02 27.66 21.22
CA SER C 63 -3.32 27.65 20.57
C SER C 63 -4.40 27.06 21.48
N SER C 64 -5.62 27.54 21.33
CA SER C 64 -6.78 27.00 22.06
C SER C 64 -7.83 26.56 21.07
N ARG C 65 -8.48 27.51 20.38
CA ARG C 65 -9.48 27.15 19.36
C ARG C 65 -8.92 26.11 18.42
N THR C 66 -7.82 26.47 17.76
CA THR C 66 -7.28 25.67 16.66
C THR C 66 -6.83 24.27 17.06
N PHE C 67 -6.00 24.13 18.07
CA PHE C 67 -5.67 22.78 18.63
C PHE C 67 -6.92 22.01 19.03
N SER C 68 -7.76 22.63 19.83
CA SER C 68 -8.89 21.96 20.41
C SER C 68 -9.86 21.59 19.32
N SER C 69 -10.02 22.50 18.36
CA SER C 69 -10.99 22.34 17.28
C SER C 69 -10.54 21.18 16.42
N PHE C 70 -9.26 21.12 16.10
CA PHE C 70 -8.77 20.01 15.25
C PHE C 70 -8.93 18.63 15.94
N CYS C 71 -8.60 18.57 17.23
CA CYS C 71 -8.69 17.32 17.98
C CYS C 71 -10.13 16.90 18.06
N ALA C 72 -11.00 17.84 18.41
CA ALA C 72 -12.43 17.53 18.46
C ALA C 72 -12.88 16.94 17.12
N ALA C 73 -12.69 17.70 16.05
CA ALA C 73 -13.04 17.27 14.70
C ALA C 73 -12.54 15.86 14.43
N MET C 74 -11.26 15.60 14.67
CA MET C 74 -10.74 14.23 14.48
C MET C 74 -11.52 13.17 15.30
N ILE C 75 -11.76 13.47 16.58
CA ILE C 75 -12.48 12.56 17.45
C ILE C 75 -13.88 12.30 16.90
N ARG C 76 -14.57 13.37 16.53
CA ARG C 76 -15.94 13.22 16.02
C ARG C 76 -16.03 12.51 14.67
N LEU C 77 -14.92 12.24 13.99
CA LEU C 77 -14.96 11.41 12.79
C LEU C 77 -14.69 9.93 13.13
N GLY C 78 -14.54 9.65 14.43
CA GLY C 78 -14.09 8.35 14.84
C GLY C 78 -12.58 8.23 14.85
N GLY C 79 -11.87 9.31 14.60
CA GLY C 79 -10.39 9.27 14.59
C GLY C 79 -9.74 9.46 15.96
N SER C 80 -8.42 9.32 16.02
CA SER C 80 -7.70 9.47 17.27
C SER C 80 -6.55 10.46 17.17
N VAL C 81 -6.07 10.89 18.34
CA VAL C 81 -5.09 11.96 18.47
C VAL C 81 -3.99 11.51 19.40
N VAL C 82 -2.75 11.71 18.94
CA VAL C 82 -1.58 11.47 19.75
C VAL C 82 -1.12 12.82 20.31
N ASN C 83 -1.23 12.99 21.61
CA ASN C 83 -1.07 14.31 22.25
C ASN C 83 0.38 14.62 22.53
N PHE C 84 1.12 14.79 21.45
CA PHE C 84 2.51 15.22 21.47
C PHE C 84 2.72 16.68 21.89
N LYS C 85 3.63 16.91 22.83
CA LYS C 85 3.88 18.28 23.32
C LYS C 85 5.29 18.71 22.98
N VAL C 86 5.37 19.71 22.10
CA VAL C 86 6.63 20.30 21.70
C VAL C 86 7.50 20.72 22.90
N GLU C 87 6.89 21.43 23.84
CA GLU C 87 7.63 21.92 25.00
C GLU C 87 8.23 20.82 25.91
N ALA C 88 7.62 19.61 25.91
CA ALA C 88 8.07 18.46 26.76
C ALA C 88 8.65 17.27 25.93
N SER C 89 9.40 17.61 24.90
CA SER C 89 9.88 16.67 23.87
C SER C 89 11.39 16.71 23.69
N SER C 90 11.89 15.86 22.80
CA SER C 90 13.34 15.72 22.58
C SER C 90 14.02 16.91 21.80
N ILE C 91 13.24 17.95 21.51
CA ILE C 91 13.77 19.21 20.99
C ILE C 91 14.63 19.88 22.07
N ASN C 92 14.27 19.64 23.34
CA ASN C 92 15.03 20.14 24.51
C ASN C 92 16.34 19.39 24.75
N LYS C 93 16.69 18.48 23.82
CA LYS C 93 18.01 17.86 23.71
C LYS C 93 18.67 18.21 22.36
N GLY C 94 18.20 19.27 21.69
CA GLY C 94 18.76 19.72 20.40
C GLY C 94 18.20 19.09 19.10
N GLU C 95 17.07 18.37 19.15
CA GLU C 95 16.52 17.74 17.94
C GLU C 95 16.06 18.79 16.91
N THR C 96 16.32 18.54 15.62
CA THR C 96 15.96 19.53 14.61
C THR C 96 14.46 19.52 14.36
N LEU C 97 14.00 20.52 13.63
CA LEU C 97 12.62 20.56 13.24
C LEU C 97 12.28 19.38 12.34
N ALA C 98 13.15 19.13 11.37
CA ALA C 98 12.93 18.09 10.36
C ALA C 98 12.88 16.67 10.98
N ASP C 99 13.79 16.40 11.90
CA ASP C 99 13.80 15.11 12.58
C ASP C 99 12.51 14.95 13.39
N THR C 100 12.03 16.06 13.97
CA THR C 100 10.75 16.04 14.70
C THR C 100 9.53 15.79 13.75
N ILE C 101 9.48 16.48 12.62
CA ILE C 101 8.53 16.12 11.58
C ILE C 101 8.65 14.64 11.20
N ARG C 102 9.84 14.21 10.80
CA ARG C 102 10.02 12.77 10.47
C ARG C 102 9.61 11.84 11.62
N THR C 103 9.85 12.23 12.87
CA THR C 103 9.42 11.40 13.98
C THR C 103 7.93 11.15 14.01
N LEU C 104 7.14 12.23 14.02
CA LEU C 104 5.68 12.09 14.18
C LEU C 104 5.06 11.58 12.90
N ASP C 105 5.66 11.93 11.78
CA ASP C 105 5.23 11.41 10.49
C ASP C 105 5.37 9.92 10.45
N SER C 106 6.24 9.37 11.28
CA SER C 106 6.34 7.91 11.36
C SER C 106 5.14 7.20 11.98
N TYR C 107 4.30 7.92 12.71
CA TYR C 107 3.25 7.26 13.47
C TYR C 107 1.87 7.72 13.10
N SER C 108 1.78 8.78 12.28
CA SER C 108 0.54 9.49 12.13
C SER C 108 -0.02 9.33 10.73
N ASP C 109 -1.31 9.57 10.60
CA ASP C 109 -1.88 9.66 9.26
C ASP C 109 -1.94 11.10 8.77
N VAL C 110 -1.91 12.07 9.69
CA VAL C 110 -1.95 13.49 9.37
C VAL C 110 -1.31 14.31 10.49
N LEU C 111 -0.60 15.37 10.08
CA LEU C 111 0.00 16.34 11.04
C LEU C 111 -0.60 17.74 10.95
N VAL C 112 -0.97 18.30 12.10
CA VAL C 112 -1.50 19.66 12.17
C VAL C 112 -0.35 20.48 12.77
N MET C 113 0.17 21.42 11.98
CA MET C 113 1.36 22.17 12.33
C MET C 113 1.13 23.67 12.44
N ARG C 114 1.51 24.25 13.58
CA ARG C 114 1.58 25.69 13.76
C ARG C 114 3.00 26.03 14.23
N HIS C 115 3.58 27.11 13.69
CA HIS C 115 5.00 27.45 13.92
C HIS C 115 5.12 28.97 13.69
N PRO C 116 5.97 29.67 14.50
CA PRO C 116 6.17 31.12 14.35
C PRO C 116 6.97 31.53 13.13
N ARG C 117 7.75 30.63 12.57
CA ARG C 117 8.49 30.89 11.31
C ARG C 117 7.63 30.60 10.08
N GLN C 118 7.52 31.62 9.26
CA GLN C 118 6.75 31.59 8.03
C GLN C 118 7.12 30.38 7.17
N ASP C 119 8.39 30.01 7.16
CA ASP C 119 8.92 29.01 6.23
C ASP C 119 9.02 27.60 6.83
N ALA C 120 8.58 27.45 8.06
CA ALA C 120 8.78 26.20 8.76
C ALA C 120 7.88 25.13 8.17
N ILE C 121 6.73 25.55 7.67
CA ILE C 121 5.79 24.64 7.03
C ILE C 121 6.44 24.08 5.79
N GLU C 122 7.20 24.92 5.10
CA GLU C 122 7.99 24.49 3.95
C GLU C 122 9.02 23.45 4.40
N GLU C 123 9.84 23.77 5.40
CA GLU C 123 10.76 22.78 5.93
C GLU C 123 10.03 21.47 6.13
N ALA C 124 8.92 21.52 6.87
CA ALA C 124 8.21 20.32 7.26
C ALA C 124 7.78 19.52 6.02
N LEU C 125 7.09 20.19 5.10
CA LEU C 125 6.72 19.54 3.86
C LEU C 125 7.85 18.73 3.25
N SER C 126 9.05 19.29 3.18
CA SER C 126 10.08 18.66 2.38
C SER C 126 10.47 17.29 2.92
N VAL C 127 10.02 16.95 4.11
CA VAL C 127 10.43 15.68 4.71
C VAL C 127 9.28 14.75 5.08
N ALA C 128 8.06 15.25 5.11
CA ALA C 128 6.91 14.48 5.59
C ALA C 128 6.29 13.66 4.46
N GLN C 129 6.10 12.38 4.73
CA GLN C 129 5.31 11.51 3.88
C GLN C 129 3.81 11.80 3.91
N HIS C 130 3.27 12.11 5.08
CA HIS C 130 1.83 12.34 5.27
C HIS C 130 1.40 13.80 5.13
N PRO C 131 0.13 14.06 4.86
CA PRO C 131 -0.28 15.46 4.71
C PRO C 131 -0.09 16.29 5.96
N ILE C 132 0.31 17.54 5.76
CA ILE C 132 0.39 18.54 6.83
C ILE C 132 -0.66 19.60 6.58
N LEU C 133 -1.43 19.92 7.62
CA LEU C 133 -2.37 21.02 7.57
C LEU C 133 -1.75 22.21 8.28
N ASN C 134 -1.61 23.33 7.59
CA ASN C 134 -0.98 24.51 8.17
C ASN C 134 -1.99 25.16 9.12
N ALA C 135 -1.66 25.26 10.39
CA ALA C 135 -2.60 25.85 11.35
C ALA C 135 -2.06 27.16 11.85
N GLY C 136 -1.08 27.69 11.12
CA GLY C 136 -0.51 28.99 11.43
C GLY C 136 0.99 29.00 11.23
N ASN C 137 1.46 29.82 10.28
CA ASN C 137 2.91 30.01 10.01
C ASN C 137 3.40 31.46 10.12
N GLY C 138 3.77 31.80 11.34
CA GLY C 138 4.24 33.12 11.67
C GLY C 138 3.14 34.06 11.34
N ALA C 139 3.48 35.17 10.69
CA ALA C 139 2.55 36.16 10.18
C ALA C 139 2.08 35.87 8.73
N GLY C 140 2.09 34.61 8.33
CA GLY C 140 1.83 34.23 6.96
C GLY C 140 0.35 33.97 6.69
N GLU C 141 -0.04 32.71 6.82
CA GLU C 141 -1.41 32.34 6.50
C GLU C 141 -1.99 31.46 7.61
N HIS C 142 -3.29 31.17 7.50
CA HIS C 142 -4.02 30.37 8.48
C HIS C 142 -5.19 29.85 7.70
N PRO C 143 -4.92 28.90 6.81
CA PRO C 143 -5.87 28.68 5.73
C PRO C 143 -7.16 27.98 6.12
N THR C 144 -7.17 27.18 7.20
CA THR C 144 -8.39 26.49 7.62
C THR C 144 -9.33 27.46 8.31
N GLN C 145 -8.74 28.47 8.95
CA GLN C 145 -9.46 29.65 9.47
C GLN C 145 -10.23 30.41 8.38
N ALA C 146 -9.56 30.62 7.25
CA ALA C 146 -10.20 31.28 6.13
C ALA C 146 -11.40 30.45 5.68
N LEU C 147 -11.19 29.13 5.54
CA LEU C 147 -12.27 28.27 5.09
C LEU C 147 -13.46 28.31 6.07
N LEU C 148 -13.18 28.25 7.37
CA LEU C 148 -14.28 28.32 8.32
C LEU C 148 -14.92 29.71 8.40
N ASP C 149 -14.08 30.73 8.26
CA ASP C 149 -14.56 32.10 8.24
C ASP C 149 -15.57 32.26 7.12
N THR C 150 -15.30 31.58 6.00
CA THR C 150 -16.16 31.65 4.83
C THR C 150 -17.45 30.88 5.03
N LEU C 151 -17.34 29.69 5.60
CA LEU C 151 -18.50 28.93 6.08
C LEU C 151 -19.42 29.81 6.93
N THR C 152 -18.83 30.47 7.92
CA THR C 152 -19.56 31.33 8.84
C THR C 152 -20.30 32.46 8.09
N ILE C 153 -19.71 32.99 7.02
CA ILE C 153 -20.34 34.08 6.26
C ILE C 153 -21.51 33.54 5.47
N HIS C 154 -21.27 32.37 4.88
CA HIS C 154 -22.26 31.66 4.08
C HIS C 154 -23.49 31.25 4.86
N SER C 155 -23.27 30.53 5.95
CA SER C 155 -24.38 30.04 6.75
C SER C 155 -25.18 31.15 7.40
N GLU C 156 -24.50 32.20 7.89
CA GLU C 156 -25.11 33.34 8.55
C GLU C 156 -25.82 34.36 7.63
N LEU C 157 -25.22 34.68 6.48
CA LEU C 157 -25.73 35.74 5.60
C LEU C 157 -26.44 35.23 4.35
N GLY C 158 -26.13 34.02 3.92
CA GLY C 158 -26.82 33.41 2.79
C GLY C 158 -26.03 33.48 1.48
N SER C 159 -25.09 34.39 1.39
CA SER C 159 -24.29 34.49 0.17
C SER C 159 -22.94 35.04 0.54
N VAL C 160 -21.92 34.73 -0.24
CA VAL C 160 -20.59 35.35 -0.08
C VAL C 160 -20.35 36.38 -1.16
N ASP C 161 -20.76 36.07 -2.39
CA ASP C 161 -20.74 37.06 -3.49
C ASP C 161 -21.56 38.29 -3.11
N GLY C 162 -21.05 39.46 -3.49
CA GLY C 162 -21.79 40.70 -3.38
C GLY C 162 -21.58 41.43 -2.08
N ILE C 163 -20.81 40.83 -1.17
CA ILE C 163 -20.68 41.39 0.17
C ILE C 163 -19.66 42.50 0.20
N THR C 164 -19.86 43.42 1.16
CA THR C 164 -18.88 44.46 1.53
C THR C 164 -18.32 43.99 2.86
N ILE C 165 -17.03 43.80 2.95
CA ILE C 165 -16.44 43.25 4.16
C ILE C 165 -15.35 44.18 4.69
N ALA C 166 -15.35 44.40 5.99
CA ALA C 166 -14.29 45.15 6.64
C ALA C 166 -13.34 44.15 7.31
N LEU C 167 -12.05 44.29 6.99
CA LEU C 167 -10.98 43.63 7.66
C LEU C 167 -10.30 44.71 8.50
N ILE C 168 -10.27 44.48 9.80
CA ILE C 168 -9.96 45.51 10.76
C ILE C 168 -8.89 45.03 11.72
N GLY C 169 -7.96 45.90 12.07
CA GLY C 169 -7.08 45.66 13.19
C GLY C 169 -5.65 45.45 12.78
N ASP C 170 -5.09 44.29 13.09
CA ASP C 170 -3.69 44.08 12.77
C ASP C 170 -3.61 43.26 11.47
N LEU C 171 -3.69 43.98 10.35
CA LEU C 171 -3.61 43.37 9.03
C LEU C 171 -2.16 43.03 8.60
N LYS C 172 -1.15 43.64 9.23
CA LYS C 172 0.24 43.33 8.88
C LYS C 172 0.63 41.93 9.32
N MET C 173 0.46 41.65 10.61
CA MET C 173 0.81 40.36 11.21
C MET C 173 -0.34 39.35 11.22
N GLY C 174 -1.51 39.72 10.73
CA GLY C 174 -2.73 38.91 10.91
C GLY C 174 -2.86 37.83 9.85
N ARG C 175 -2.31 36.66 10.14
CA ARG C 175 -2.34 35.55 9.17
C ARG C 175 -3.77 35.18 8.73
N THR C 176 -4.71 35.40 9.60
CA THR C 176 -6.11 35.11 9.35
C THR C 176 -6.71 36.03 8.28
N VAL C 177 -6.36 37.31 8.34
CA VAL C 177 -6.87 38.26 7.34
C VAL C 177 -6.14 38.06 6.01
N HIS C 178 -4.89 37.56 6.07
CA HIS C 178 -4.12 37.26 4.88
C HIS C 178 -4.77 36.17 4.10
N SER C 179 -5.09 35.07 4.75
CA SER C 179 -5.68 33.97 4.06
C SER C 179 -7.11 34.25 3.60
N LEU C 180 -7.81 35.09 4.34
CA LEU C 180 -9.20 35.30 4.08
C LEU C 180 -9.40 36.24 2.88
N LEU C 181 -8.59 37.29 2.82
CA LEU C 181 -8.60 38.21 1.68
C LEU C 181 -8.31 37.45 0.40
N LYS C 182 -7.23 36.69 0.41
CA LYS C 182 -6.88 35.86 -0.73
C LYS C 182 -8.05 34.96 -1.10
N LEU C 183 -8.60 34.25 -0.11
CA LEU C 183 -9.63 33.25 -0.39
C LEU C 183 -10.93 33.87 -0.87
N LEU C 184 -11.25 35.06 -0.39
CA LEU C 184 -12.45 35.73 -0.87
C LEU C 184 -12.22 36.29 -2.29
N VAL C 185 -11.11 36.96 -2.53
CA VAL C 185 -10.95 37.69 -3.79
C VAL C 185 -10.80 36.73 -4.96
N ARG C 186 -10.08 35.64 -4.79
CA ARG C 186 -9.87 34.67 -5.88
C ARG C 186 -11.09 33.81 -6.25
N ASN C 187 -12.06 33.71 -5.36
CA ASN C 187 -13.13 32.76 -5.65
C ASN C 187 -14.50 33.35 -5.52
N PHE C 188 -14.61 34.58 -5.10
CA PHE C 188 -15.93 35.18 -4.98
C PHE C 188 -16.00 36.57 -5.62
N SER C 189 -17.22 37.05 -5.84
CA SER C 189 -17.45 38.39 -6.41
C SER C 189 -17.73 39.42 -5.30
N ILE C 190 -16.65 39.80 -4.61
CA ILE C 190 -16.75 40.69 -3.49
C ILE C 190 -16.98 42.10 -4.03
N LYS C 191 -18.00 42.76 -3.52
CA LYS C 191 -18.34 44.10 -3.92
C LYS C 191 -17.30 45.10 -3.44
N CYS C 192 -16.88 44.97 -2.19
CA CYS C 192 -15.97 45.97 -1.60
C CYS C 192 -15.31 45.47 -0.30
N VAL C 193 -14.00 45.72 -0.18
CA VAL C 193 -13.23 45.41 1.02
C VAL C 193 -12.74 46.70 1.65
N PHE C 194 -13.12 46.95 2.90
CA PHE C 194 -12.55 48.04 3.67
C PHE C 194 -11.37 47.45 4.45
N LEU C 195 -10.26 48.18 4.44
CA LEU C 195 -9.07 47.81 5.17
C LEU C 195 -8.88 48.85 6.26
N VAL C 196 -9.43 48.52 7.42
CA VAL C 196 -9.47 49.38 8.59
C VAL C 196 -8.28 49.05 9.50
N ALA C 197 -7.27 49.91 9.44
CA ALA C 197 -6.05 49.72 10.21
C ALA C 197 -5.19 50.99 10.22
N PRO C 198 -4.43 51.19 11.29
CA PRO C 198 -3.49 52.28 11.24
C PRO C 198 -2.47 52.00 10.16
N ASP C 199 -1.77 53.02 9.70
CA ASP C 199 -0.81 52.84 8.62
C ASP C 199 0.23 51.77 8.89
N ALA C 200 0.76 51.72 10.11
CA ALA C 200 1.82 50.74 10.44
C ALA C 200 1.37 49.26 10.35
N LEU C 201 0.08 48.99 10.55
CA LEU C 201 -0.42 47.62 10.61
C LEU C 201 -1.30 47.29 9.43
N GLN C 202 -1.07 47.99 8.32
CA GLN C 202 -1.94 47.82 7.20
C GLN C 202 -1.70 46.53 6.49
N MET C 203 -2.61 46.23 5.57
CA MET C 203 -2.50 45.02 4.80
C MET C 203 -1.23 45.12 3.95
N PRO C 204 -0.38 44.10 3.97
CA PRO C 204 0.89 44.18 3.23
C PRO C 204 0.78 44.13 1.70
N GLN C 205 1.81 44.62 1.02
CA GLN C 205 1.86 44.53 -0.44
C GLN C 205 2.08 43.08 -0.93
N ASP C 206 2.68 42.21 -0.12
CA ASP C 206 2.84 40.81 -0.53
C ASP C 206 1.54 39.99 -0.49
N VAL C 207 0.46 40.58 0.02
CA VAL C 207 -0.88 39.99 -0.13
C VAL C 207 -1.67 40.70 -1.25
N LEU C 208 -1.60 42.03 -1.27
CA LEU C 208 -2.42 42.81 -2.21
C LEU C 208 -2.03 42.64 -3.69
N GLU C 209 -0.75 42.50 -3.96
CA GLU C 209 -0.28 42.43 -5.37
C GLU C 209 -0.69 41.18 -6.16
N PRO C 210 -0.40 39.98 -5.63
CA PRO C 210 -0.91 38.74 -6.26
C PRO C 210 -2.40 38.72 -6.59
N LEU C 211 -3.16 39.58 -5.92
CA LEU C 211 -4.62 39.69 -6.12
C LEU C 211 -4.98 40.82 -7.03
N GLN C 212 -4.00 41.62 -7.44
CA GLN C 212 -4.23 42.79 -8.31
C GLN C 212 -5.04 42.45 -9.55
N HIS C 213 -4.62 41.42 -10.30
CA HIS C 213 -5.36 40.97 -11.50
C HIS C 213 -6.84 40.74 -11.21
N GLU C 214 -7.08 40.00 -10.12
CA GLU C 214 -8.41 39.55 -9.70
C GLU C 214 -9.28 40.72 -9.24
N ILE C 215 -8.69 41.57 -8.43
CA ILE C 215 -9.34 42.77 -7.98
C ILE C 215 -9.80 43.67 -9.15
N ALA C 216 -8.91 43.91 -10.11
CA ALA C 216 -9.23 44.80 -11.23
C ALA C 216 -10.23 44.14 -12.14
N THR C 217 -9.92 42.90 -12.53
CA THR C 217 -10.75 42.07 -13.42
C THR C 217 -12.18 41.88 -12.90
N LYS C 218 -12.37 41.84 -11.59
CA LYS C 218 -13.69 41.59 -11.02
C LYS C 218 -14.30 42.86 -10.40
N GLY C 219 -13.60 44.00 -10.52
CA GLY C 219 -14.07 45.30 -10.00
C GLY C 219 -14.17 45.47 -8.49
N VAL C 220 -13.39 44.68 -7.76
CA VAL C 220 -13.50 44.67 -6.31
C VAL C 220 -13.00 45.99 -5.77
N ILE C 221 -13.89 46.76 -5.16
CA ILE C 221 -13.49 48.05 -4.60
C ILE C 221 -12.65 47.78 -3.36
N ILE C 222 -11.62 48.57 -3.15
CA ILE C 222 -10.76 48.44 -1.98
C ILE C 222 -10.60 49.80 -1.34
N HIS C 223 -11.07 49.98 -0.12
CA HIS C 223 -10.93 51.26 0.58
C HIS C 223 -10.10 51.07 1.83
N ARG C 224 -9.02 51.84 1.98
CA ARG C 224 -8.18 51.84 3.18
C ARG C 224 -8.73 52.91 4.11
N THR C 225 -8.81 52.64 5.42
CA THR C 225 -8.98 53.72 6.40
C THR C 225 -8.17 53.44 7.63
N HIS C 226 -8.09 54.41 8.53
CA HIS C 226 -7.56 54.16 9.85
C HIS C 226 -8.65 54.23 10.95
N ALA C 227 -9.94 54.24 10.59
CA ALA C 227 -11.02 54.29 11.60
C ALA C 227 -12.30 53.56 11.17
N LEU C 228 -13.11 53.19 12.15
CA LEU C 228 -14.44 52.66 11.83
C LEU C 228 -15.37 53.82 11.56
N THR C 229 -15.26 54.37 10.37
CA THR C 229 -16.12 55.46 9.97
C THR C 229 -17.56 54.98 9.89
N ASP C 230 -18.46 55.95 9.76
CA ASP C 230 -19.89 55.69 9.72
C ASP C 230 -20.21 54.99 8.41
N GLU C 231 -19.54 55.43 7.36
CA GLU C 231 -19.54 54.75 6.08
C GLU C 231 -19.21 53.26 6.24
N VAL C 232 -18.09 52.95 6.89
CA VAL C 232 -17.66 51.56 7.08
C VAL C 232 -18.71 50.77 7.87
N MET C 233 -19.15 51.33 8.99
CA MET C 233 -20.22 50.72 9.77
C MET C 233 -21.51 50.51 8.99
N GLN C 234 -21.86 51.46 8.14
CA GLN C 234 -23.18 51.49 7.51
C GLN C 234 -23.26 50.61 6.29
N LYS C 235 -22.17 50.52 5.54
CA LYS C 235 -22.17 49.74 4.30
C LYS C 235 -21.81 48.27 4.46
N SER C 236 -21.04 47.92 5.50
CA SER C 236 -20.45 46.58 5.65
C SER C 236 -21.46 45.52 6.04
N ASP C 237 -21.42 44.41 5.34
CA ASP C 237 -22.20 43.22 5.71
C ASP C 237 -21.44 42.35 6.75
N VAL C 238 -20.12 42.52 6.80
CA VAL C 238 -19.27 41.72 7.68
C VAL C 238 -18.18 42.61 8.31
N LEU C 239 -18.10 42.61 9.64
CA LEU C 239 -17.03 43.27 10.34
C LEU C 239 -16.17 42.18 11.03
N TYR C 240 -15.06 41.89 10.36
CA TYR C 240 -14.13 40.89 10.76
C TYR C 240 -13.00 41.65 11.35
N THR C 241 -12.94 41.73 12.68
CA THR C 241 -11.87 42.44 13.41
C THR C 241 -10.89 41.47 14.10
N THR C 242 -9.74 41.99 14.54
CA THR C 242 -8.61 41.14 14.88
C THR C 242 -7.81 41.72 16.00
N ARG C 243 -7.03 40.84 16.62
CA ARG C 243 -6.25 41.13 17.83
C ARG C 243 -4.95 41.71 17.38
N LEU C 244 -4.42 42.63 18.17
CA LEU C 244 -3.07 43.12 17.92
C LEU C 244 -2.07 41.97 18.21
N GLN C 245 -1.28 41.59 17.22
CA GLN C 245 -0.40 40.43 17.32
C GLN C 245 0.87 40.83 18.07
N LYS C 246 0.78 41.02 19.38
CA LYS C 246 1.88 41.59 20.15
C LYS C 246 3.17 40.78 19.99
N GLU C 247 3.04 39.45 19.91
CA GLU C 247 4.18 38.54 19.98
C GLU C 247 5.17 38.65 18.79
N ARG C 248 5.03 39.66 17.94
CA ARG C 248 5.62 39.67 16.61
C ARG C 248 6.30 41.01 16.27
N THR C 253 13.72 47.68 20.99
CA THR C 253 12.91 47.19 19.89
C THR C 253 11.93 48.36 19.44
N SER C 254 12.39 49.34 18.64
CA SER C 254 11.78 50.72 18.65
C SER C 254 10.70 51.12 17.63
N ASP C 255 10.81 50.55 16.43
CA ASP C 255 9.69 50.55 15.48
C ASP C 255 8.64 49.57 16.00
N ASP C 256 9.10 48.48 16.61
CA ASP C 256 8.21 47.53 17.28
C ASP C 256 7.26 48.33 18.21
N ALA C 257 7.82 49.18 19.08
CA ALA C 257 6.98 49.97 20.00
C ALA C 257 5.93 50.84 19.28
N ALA C 258 6.36 51.60 18.26
CA ALA C 258 5.43 52.40 17.46
C ALA C 258 4.37 51.54 16.75
N ALA C 259 4.75 50.34 16.29
CA ALA C 259 3.76 49.42 15.72
C ALA C 259 2.70 48.94 16.76
N LEU C 260 3.17 48.57 17.96
CA LEU C 260 2.28 48.28 19.12
C LEU C 260 1.42 49.51 19.47
N GLN C 261 2.06 50.68 19.53
CA GLN C 261 1.39 51.94 19.88
C GLN C 261 0.27 52.27 18.87
N SER C 262 0.48 51.92 17.60
CA SER C 262 -0.35 52.43 16.52
C SER C 262 -1.80 51.92 16.54
N PHE C 263 -2.02 50.74 17.11
CA PHE C 263 -3.33 50.12 17.12
C PHE C 263 -4.41 50.90 17.82
N ALA C 264 -4.10 51.41 18.99
CA ALA C 264 -5.05 52.21 19.70
C ALA C 264 -4.74 53.70 19.65
N ALA C 265 -3.50 54.07 19.29
CA ALA C 265 -3.07 55.46 19.21
C ALA C 265 -3.34 56.19 17.93
N LYS C 266 -3.50 55.47 16.85
CA LYS C 266 -3.85 56.02 15.55
C LYS C 266 -5.03 55.18 15.12
N ALA C 267 -5.92 54.99 16.08
CA ALA C 267 -7.00 54.08 16.07
C ALA C 267 -8.39 54.33 15.59
N ASP C 268 -9.29 54.41 16.55
CA ASP C 268 -10.73 54.39 16.30
C ASP C 268 -11.24 53.11 15.58
N ILE C 269 -10.85 51.96 16.10
CA ILE C 269 -11.29 50.67 15.57
C ILE C 269 -12.00 49.81 16.60
N THR C 270 -12.17 50.31 17.81
CA THR C 270 -12.95 49.57 18.81
C THR C 270 -14.38 49.36 18.31
N ILE C 271 -14.87 48.13 18.48
CA ILE C 271 -16.29 47.83 18.33
C ILE C 271 -16.96 47.59 19.67
N ASP C 272 -18.05 48.31 19.90
CA ASP C 272 -18.86 48.12 21.10
C ASP C 272 -20.29 48.32 20.73
N ALA C 273 -21.18 48.18 21.70
CA ALA C 273 -22.60 48.43 21.49
C ALA C 273 -22.88 49.82 20.91
N ALA C 274 -22.11 50.82 21.33
CA ALA C 274 -22.29 52.18 20.81
C ALA C 274 -21.99 52.26 19.31
N ARG C 275 -20.82 51.79 18.90
CA ARG C 275 -20.47 51.73 17.48
C ARG C 275 -21.47 50.92 16.68
N MET C 276 -22.12 49.96 17.32
CA MET C 276 -23.00 49.01 16.63
C MET C 276 -24.34 49.60 16.27
N ARG C 277 -24.74 50.64 17.00
CA ARG C 277 -25.94 51.39 16.68
C ARG C 277 -25.96 51.79 15.21
N LEU C 278 -24.78 51.93 14.61
CA LEU C 278 -24.66 52.38 13.23
C LEU C 278 -24.71 51.27 12.19
N ALA C 279 -24.69 50.03 12.63
CA ALA C 279 -24.54 48.91 11.71
C ALA C 279 -25.90 48.59 11.09
N LYS C 280 -25.87 47.94 9.93
CA LYS C 280 -27.02 47.31 9.31
C LYS C 280 -27.73 46.37 10.28
N GLU C 281 -28.99 46.05 9.99
CA GLU C 281 -29.72 45.04 10.73
C GLU C 281 -29.18 43.70 10.36
N LYS C 282 -28.98 43.52 9.06
CA LYS C 282 -28.47 42.27 8.51
C LYS C 282 -26.97 42.35 8.22
N MET C 283 -26.18 41.95 9.22
CA MET C 283 -24.73 41.93 9.15
C MET C 283 -24.21 41.08 10.32
N ILE C 284 -22.92 40.75 10.27
CA ILE C 284 -22.28 39.97 11.35
C ILE C 284 -20.96 40.60 11.73
N VAL C 285 -20.62 40.43 13.01
CA VAL C 285 -19.30 40.72 13.52
C VAL C 285 -18.57 39.40 13.74
N MET C 286 -17.37 39.32 13.18
CA MET C 286 -16.53 38.14 13.35
C MET C 286 -15.19 38.55 13.95
N HIS C 287 -14.53 37.56 14.60
CA HIS C 287 -13.22 37.76 15.16
C HIS C 287 -12.65 36.36 15.33
N PRO C 288 -11.59 36.03 14.59
CA PRO C 288 -11.10 34.67 14.61
C PRO C 288 -10.71 34.20 16.02
N LEU C 289 -10.35 35.15 16.89
CA LEU C 289 -10.01 35.01 18.33
C LEU C 289 -8.60 34.48 18.57
N PRO C 290 -8.08 34.68 19.81
CA PRO C 290 -8.67 35.42 20.93
C PRO C 290 -8.78 36.95 20.68
N ARG C 291 -9.64 37.60 21.45
CA ARG C 291 -9.76 39.05 21.46
C ARG C 291 -9.10 39.75 22.65
N ASN C 292 -8.72 41.01 22.41
CA ASN C 292 -8.49 41.97 23.49
C ASN C 292 -9.58 43.04 23.36
N ASP C 293 -9.31 44.27 23.81
CA ASP C 293 -10.34 45.29 24.00
C ASP C 293 -10.79 45.93 22.69
N GLU C 294 -10.31 45.41 21.57
CA GLU C 294 -10.81 45.87 20.28
C GLU C 294 -12.25 45.39 20.09
N LEU C 295 -12.65 44.32 20.79
CA LEU C 295 -14.01 43.74 20.62
C LEU C 295 -14.64 43.55 21.96
N SER C 296 -15.39 44.59 22.33
CA SER C 296 -15.94 44.78 23.68
C SER C 296 -16.93 43.70 23.98
N THR C 297 -17.08 43.41 25.27
CA THR C 297 -18.00 42.36 25.70
C THR C 297 -19.44 42.85 25.63
N THR C 298 -19.65 44.17 25.54
CA THR C 298 -20.98 44.75 25.23
C THR C 298 -21.65 44.37 23.90
N VAL C 299 -20.88 43.83 22.97
CA VAL C 299 -21.44 43.36 21.69
C VAL C 299 -21.96 41.92 21.80
N ASP C 300 -21.54 41.18 22.84
CA ASP C 300 -21.75 39.73 22.91
C ASP C 300 -23.22 39.34 22.87
N ALA C 301 -24.08 40.14 23.51
CA ALA C 301 -25.54 39.95 23.52
C ALA C 301 -26.15 40.07 22.13
N ASP C 302 -25.51 40.88 21.27
CA ASP C 302 -26.06 41.23 19.97
C ASP C 302 -26.17 39.94 19.15
N PRO C 303 -27.34 39.71 18.56
CA PRO C 303 -27.40 38.52 17.73
C PRO C 303 -26.46 38.63 16.53
N ARG C 304 -26.06 39.85 16.16
CA ARG C 304 -25.11 40.07 15.05
C ARG C 304 -23.70 39.61 15.41
N ALA C 305 -23.50 39.20 16.67
CA ALA C 305 -22.22 38.72 17.12
C ALA C 305 -22.09 37.27 16.75
N ALA C 306 -21.24 37.03 15.75
CA ALA C 306 -21.05 35.72 15.18
C ALA C 306 -19.78 35.02 15.66
N TYR C 307 -18.96 35.69 16.44
CA TYR C 307 -17.61 35.15 16.73
C TYR C 307 -17.53 33.89 17.60
N PHE C 308 -18.61 33.57 18.30
CA PHE C 308 -18.68 32.31 19.05
C PHE C 308 -19.22 31.23 18.16
N ARG C 309 -20.30 31.51 17.41
CA ARG C 309 -20.86 30.54 16.48
C ARG C 309 -19.77 30.09 15.47
N GLN C 310 -18.91 31.04 15.13
CA GLN C 310 -17.74 30.85 14.26
C GLN C 310 -16.88 29.66 14.71
N MET C 311 -16.65 29.52 16.01
CA MET C 311 -15.81 28.41 16.51
C MET C 311 -16.50 27.05 16.29
N ARG C 312 -17.82 27.05 16.32
CA ARG C 312 -18.60 25.85 16.06
C ARG C 312 -18.50 25.49 14.58
N TYR C 313 -18.85 26.45 13.71
CA TYR C 313 -18.62 26.31 12.25
C TYR C 313 -17.29 25.68 11.98
N GLY C 314 -16.25 26.24 12.60
CA GLY C 314 -14.90 25.78 12.43
C GLY C 314 -14.68 24.32 12.75
N MET C 315 -15.33 23.80 13.79
CA MET C 315 -15.20 22.40 14.05
C MET C 315 -15.73 21.57 12.89
N PHE C 316 -16.87 21.97 12.35
CA PHE C 316 -17.48 21.25 11.25
C PHE C 316 -16.71 21.44 9.96
N MET C 317 -16.20 22.64 9.71
CA MET C 317 -15.36 22.82 8.55
C MET C 317 -14.15 21.91 8.67
N ARG C 318 -13.63 21.79 9.89
CA ARG C 318 -12.42 20.99 10.08
C ARG C 318 -12.68 19.50 9.96
N MET C 319 -13.86 19.04 10.39
CA MET C 319 -14.21 17.64 10.21
C MET C 319 -14.25 17.34 8.70
N ALA C 320 -14.78 18.31 7.95
CA ALA C 320 -14.86 18.21 6.48
C ALA C 320 -13.47 18.16 5.84
N ILE C 321 -12.59 19.03 6.32
CA ILE C 321 -11.24 19.08 5.79
C ILE C 321 -10.50 17.76 6.02
N LEU C 322 -10.60 17.24 7.26
CA LEU C 322 -9.88 16.01 7.65
C LEU C 322 -10.43 14.75 6.96
N TRP C 323 -11.74 14.63 6.82
CA TRP C 323 -12.32 13.50 6.10
C TRP C 323 -11.94 13.49 4.61
N SER C 324 -12.09 14.65 3.97
CA SER C 324 -11.64 14.82 2.58
C SER C 324 -10.14 14.53 2.41
N VAL C 325 -9.30 15.02 3.31
CA VAL C 325 -7.84 14.74 3.17
C VAL C 325 -7.54 13.23 3.35
N LEU C 326 -8.25 12.58 4.30
CA LEU C 326 -7.91 11.22 4.75
C LEU C 326 -8.76 10.07 4.22
N ALA C 327 -9.84 10.37 3.51
CA ALA C 327 -10.74 9.33 3.02
C ALA C 327 -10.01 8.54 1.97
N SER D 1 28.55 -1.90 -29.51
CA SER D 1 29.91 -1.51 -29.97
C SER D 1 30.02 -1.87 -31.44
N MET D 2 30.48 -0.90 -32.23
CA MET D 2 30.59 -1.06 -33.68
C MET D 2 31.91 -1.72 -34.08
N LEU D 3 32.75 -2.01 -33.10
CA LEU D 3 33.91 -2.89 -33.31
C LEU D 3 33.45 -4.34 -33.29
N GLU D 4 32.83 -4.76 -32.19
CA GLU D 4 32.71 -6.19 -31.90
C GLU D 4 31.53 -6.80 -32.61
N LEU D 5 30.46 -6.02 -32.66
CA LEU D 5 29.22 -6.47 -33.20
C LEU D 5 28.79 -5.49 -34.27
N PRO D 6 29.66 -5.23 -35.27
CA PRO D 6 29.36 -4.23 -36.30
C PRO D 6 28.16 -4.65 -37.19
N PRO D 7 27.05 -3.91 -37.15
CA PRO D 7 25.92 -4.26 -38.02
C PRO D 7 26.24 -4.30 -39.53
N VAL D 8 25.57 -5.18 -40.25
CA VAL D 8 25.73 -5.26 -41.71
C VAL D 8 24.86 -4.16 -42.30
N ALA D 9 25.51 -3.06 -42.64
CA ALA D 9 24.87 -1.83 -43.04
C ALA D 9 23.82 -2.02 -44.11
N SER D 10 24.11 -2.86 -45.10
CA SER D 10 23.18 -3.08 -46.22
C SER D 10 21.82 -3.70 -45.88
N LEU D 11 21.62 -4.27 -44.69
CA LEU D 11 20.32 -4.85 -44.31
C LEU D 11 19.41 -3.86 -43.61
N LYS D 12 20.01 -2.76 -43.16
CA LYS D 12 19.35 -1.75 -42.32
C LYS D 12 18.01 -1.28 -42.91
N GLY D 13 16.93 -1.39 -42.12
CA GLY D 13 15.60 -0.88 -42.49
C GLY D 13 14.92 -1.64 -43.63
N LYS D 14 15.44 -2.82 -43.93
CA LYS D 14 15.09 -3.51 -45.17
C LYS D 14 14.38 -4.84 -44.93
N SER D 15 13.37 -5.13 -45.72
CA SER D 15 12.66 -6.41 -45.57
C SER D 15 13.47 -7.54 -46.19
N ILE D 16 13.30 -8.72 -45.60
CA ILE D 16 14.03 -9.90 -46.02
C ILE D 16 13.04 -10.89 -46.59
N THR D 17 12.95 -10.96 -47.91
CA THR D 17 11.97 -11.83 -48.55
C THR D 17 12.54 -13.05 -49.22
N SER D 18 13.80 -13.00 -49.64
CA SER D 18 14.38 -14.02 -50.52
C SER D 18 15.89 -14.12 -50.39
N ALA D 19 16.39 -15.34 -50.54
CA ALA D 19 17.82 -15.54 -50.62
C ALA D 19 18.45 -14.77 -51.79
N GLU D 20 17.64 -14.36 -52.77
CA GLU D 20 18.18 -13.65 -53.94
C GLU D 20 18.78 -12.29 -53.60
N GLN D 21 18.31 -11.71 -52.50
CA GLN D 21 18.68 -10.35 -52.16
C GLN D 21 20.07 -10.21 -51.51
N PHE D 22 20.74 -11.30 -51.16
CA PHE D 22 22.04 -11.18 -50.49
C PHE D 22 23.20 -11.38 -51.44
N SER D 23 24.27 -10.64 -51.19
CA SER D 23 25.54 -10.83 -51.86
C SER D 23 26.43 -11.77 -51.05
N ARG D 24 27.45 -12.29 -51.71
CA ARG D 24 28.52 -13.02 -51.01
C ARG D 24 29.01 -12.26 -49.79
N ALA D 25 29.29 -10.96 -49.98
CA ALA D 25 29.79 -10.11 -48.90
C ALA D 25 28.75 -9.92 -47.74
N ASP D 26 27.48 -9.73 -48.08
CA ASP D 26 26.42 -9.74 -47.08
C ASP D 26 26.55 -11.03 -46.24
N ILE D 27 26.65 -12.18 -46.89
CA ILE D 27 26.56 -13.42 -46.18
C ILE D 27 27.72 -13.64 -45.23
N TYR D 28 28.93 -13.38 -45.68
CA TYR D 28 30.10 -13.47 -44.80
C TYR D 28 30.01 -12.48 -43.65
N ALA D 29 29.53 -11.27 -43.95
CA ALA D 29 29.41 -10.26 -42.90
C ALA D 29 28.49 -10.76 -41.75
N LEU D 30 27.34 -11.33 -42.13
CA LEU D 30 26.38 -11.83 -41.15
C LEU D 30 26.90 -13.05 -40.41
N ILE D 31 27.59 -13.89 -41.15
CA ILE D 31 28.27 -15.05 -40.59
C ILE D 31 29.24 -14.65 -39.47
N HIS D 32 30.06 -13.62 -39.72
CA HIS D 32 31.09 -13.24 -38.74
C HIS D 32 30.45 -12.54 -37.57
N LEU D 33 29.52 -11.63 -37.87
CA LEU D 33 28.63 -11.07 -36.84
C LEU D 33 27.93 -12.15 -35.96
N ALA D 34 27.37 -13.18 -36.59
CA ALA D 34 26.66 -14.24 -35.83
C ALA D 34 27.62 -15.01 -34.92
N SER D 35 28.84 -15.28 -35.40
CA SER D 35 29.89 -15.89 -34.58
C SER D 35 30.28 -15.03 -33.39
N ALA D 36 30.31 -13.71 -33.60
CA ALA D 36 30.60 -12.75 -32.54
C ALA D 36 29.48 -12.72 -31.52
N MET D 37 28.24 -12.75 -31.98
CA MET D 37 27.09 -12.92 -31.09
C MET D 37 27.23 -14.20 -30.27
N GLN D 38 27.61 -15.30 -30.92
CA GLN D 38 27.81 -16.56 -30.22
C GLN D 38 28.91 -16.42 -29.16
N ARG D 39 30.00 -15.73 -29.48
CA ARG D 39 31.10 -15.64 -28.52
C ARG D 39 30.68 -14.82 -27.29
N LYS D 40 29.89 -13.76 -27.48
CA LYS D 40 29.41 -12.99 -26.32
C LYS D 40 28.32 -13.68 -25.45
N ILE D 41 27.43 -14.44 -26.09
CA ILE D 41 26.32 -15.10 -25.39
C ILE D 41 26.77 -16.37 -24.68
N ASP D 42 27.82 -17.02 -25.21
CA ASP D 42 28.43 -18.14 -24.51
C ASP D 42 29.35 -17.72 -23.36
N ALA D 43 29.87 -16.50 -23.40
CA ALA D 43 30.63 -15.98 -22.26
C ALA D 43 29.69 -15.35 -21.20
N GLY D 44 28.38 -15.44 -21.40
CA GLY D 44 27.41 -14.90 -20.48
C GLY D 44 27.12 -13.39 -20.53
N GLU D 45 27.71 -12.68 -21.49
CA GLU D 45 27.53 -11.24 -21.59
C GLU D 45 26.12 -10.93 -22.07
N VAL D 46 25.55 -9.91 -21.45
CA VAL D 46 24.19 -9.44 -21.70
C VAL D 46 24.30 -8.33 -22.76
N LEU D 47 23.42 -8.34 -23.75
CA LEU D 47 23.40 -7.29 -24.76
C LEU D 47 22.19 -6.42 -24.59
N ASN D 48 22.38 -5.12 -24.73
CA ASN D 48 21.30 -4.18 -24.64
C ASN D 48 21.11 -3.34 -25.92
N LEU D 49 21.58 -3.89 -27.02
CA LEU D 49 21.48 -3.22 -28.30
C LEU D 49 20.07 -2.72 -28.76
N LEU D 50 19.02 -3.55 -28.64
CA LEU D 50 17.67 -3.20 -29.14
C LEU D 50 16.61 -2.99 -28.03
N GLN D 51 17.02 -2.32 -26.96
CA GLN D 51 16.10 -1.99 -25.88
C GLN D 51 15.09 -1.01 -26.43
N GLY D 52 13.81 -1.32 -26.20
CA GLY D 52 12.74 -0.42 -26.64
C GLY D 52 12.26 -0.66 -28.05
N ARG D 53 12.86 -1.63 -28.73
CA ARG D 53 12.35 -2.10 -30.00
C ARG D 53 11.57 -3.41 -29.84
N ILE D 54 10.67 -3.63 -30.79
CA ILE D 54 9.65 -4.66 -30.69
C ILE D 54 9.56 -5.44 -31.97
N MET D 55 9.51 -6.74 -31.78
CA MET D 55 9.29 -7.69 -32.85
C MET D 55 7.90 -8.33 -32.67
N THR D 56 7.08 -8.29 -33.69
CA THR D 56 5.81 -9.02 -33.62
C THR D 56 5.81 -10.15 -34.61
N PRO D 57 5.65 -11.37 -34.13
CA PRO D 57 5.42 -12.49 -34.99
C PRO D 57 4.03 -12.44 -35.57
N LEU D 58 3.89 -12.82 -36.84
CA LEU D 58 2.57 -13.10 -37.41
C LEU D 58 2.67 -14.41 -38.11
N PHE D 59 2.38 -15.48 -37.38
CA PHE D 59 2.49 -16.83 -37.88
C PHE D 59 1.11 -17.41 -38.20
N PHE D 60 0.81 -17.50 -39.48
CA PHE D 60 -0.42 -18.11 -39.98
C PHE D 60 -0.36 -19.64 -40.11
N GLU D 61 0.76 -20.23 -39.72
CA GLU D 61 0.91 -21.68 -39.62
C GLU D 61 1.98 -21.94 -38.60
N ASP D 62 2.13 -23.22 -38.23
CA ASP D 62 2.89 -23.64 -37.07
C ASP D 62 4.39 -23.47 -37.27
N SER D 63 5.10 -23.12 -36.19
CA SER D 63 6.57 -23.09 -36.15
C SER D 63 7.11 -23.44 -34.77
N SER D 64 8.13 -24.27 -34.67
CA SER D 64 8.77 -24.44 -33.39
C SER D 64 10.06 -23.69 -33.37
N ARG D 65 10.89 -23.93 -34.38
CA ARG D 65 12.22 -23.27 -34.48
C ARG D 65 12.13 -21.80 -34.79
N THR D 66 11.45 -21.47 -35.87
CA THR D 66 11.57 -20.15 -36.46
C THR D 66 10.98 -19.07 -35.52
N PHE D 67 9.76 -19.27 -35.07
CA PHE D 67 9.15 -18.38 -34.09
C PHE D 67 10.05 -18.30 -32.85
N SER D 68 10.39 -19.44 -32.28
CA SER D 68 11.09 -19.43 -30.99
C SER D 68 12.49 -18.86 -31.15
N SER D 69 13.12 -19.23 -32.25
CA SER D 69 14.44 -18.78 -32.61
C SER D 69 14.44 -17.24 -32.73
N PHE D 70 13.46 -16.68 -33.45
CA PHE D 70 13.39 -15.19 -33.61
C PHE D 70 13.15 -14.44 -32.29
N CYS D 71 12.17 -14.90 -31.52
CA CYS D 71 11.94 -14.31 -30.22
C CYS D 71 13.19 -14.39 -29.37
N ALA D 72 13.81 -15.55 -29.25
CA ALA D 72 14.97 -15.66 -28.36
C ALA D 72 16.06 -14.71 -28.80
N ALA D 73 16.20 -14.60 -30.10
CA ALA D 73 17.15 -13.73 -30.71
C ALA D 73 16.85 -12.30 -30.41
N MET D 74 15.58 -11.89 -30.53
CA MET D 74 15.21 -10.51 -30.19
C MET D 74 15.51 -10.28 -28.73
N ILE D 75 15.05 -11.19 -27.88
CA ILE D 75 15.31 -11.07 -26.46
C ILE D 75 16.80 -10.94 -26.18
N ARG D 76 17.62 -11.83 -26.71
CA ARG D 76 19.06 -11.76 -26.44
C ARG D 76 19.77 -10.50 -26.97
N LEU D 77 19.14 -9.73 -27.86
CA LEU D 77 19.69 -8.40 -28.25
C LEU D 77 19.18 -7.29 -27.31
N GLY D 78 18.46 -7.68 -26.27
CA GLY D 78 17.72 -6.74 -25.40
C GLY D 78 16.40 -6.22 -25.97
N GLY D 79 15.90 -6.79 -27.07
CA GLY D 79 14.61 -6.42 -27.61
C GLY D 79 13.41 -7.09 -26.95
N SER D 80 12.22 -6.69 -27.37
CA SER D 80 11.01 -7.29 -26.84
C SER D 80 10.12 -7.85 -27.95
N VAL D 81 9.20 -8.69 -27.52
CA VAL D 81 8.28 -9.35 -28.41
C VAL D 81 6.86 -9.11 -27.93
N VAL D 82 5.99 -8.72 -28.86
CA VAL D 82 4.56 -8.75 -28.60
C VAL D 82 4.03 -10.05 -29.17
N ASN D 83 3.55 -10.94 -28.29
CA ASN D 83 3.12 -12.28 -28.70
C ASN D 83 1.71 -12.29 -29.28
N PHE D 84 1.59 -11.73 -30.47
CA PHE D 84 0.37 -11.80 -31.24
C PHE D 84 0.08 -13.24 -31.73
N LYS D 85 -1.15 -13.72 -31.54
CA LYS D 85 -1.56 -15.05 -32.01
C LYS D 85 -2.65 -14.89 -33.07
N VAL D 86 -2.58 -15.66 -34.15
CA VAL D 86 -3.58 -15.55 -35.22
C VAL D 86 -4.92 -16.22 -34.85
N GLU D 87 -4.87 -17.46 -34.42
CA GLU D 87 -6.03 -18.20 -33.88
C GLU D 87 -7.00 -17.38 -32.98
N ALA D 88 -6.46 -16.52 -32.13
CA ALA D 88 -7.25 -15.71 -31.17
C ALA D 88 -7.41 -14.24 -31.58
N SER D 89 -7.38 -13.94 -32.89
CA SER D 89 -7.28 -12.53 -33.36
C SER D 89 -8.59 -11.97 -33.92
N SER D 90 -8.58 -10.69 -34.28
CA SER D 90 -9.70 -10.07 -35.01
C SER D 90 -9.84 -10.46 -36.48
N ILE D 91 -9.02 -11.40 -36.96
CA ILE D 91 -9.32 -12.11 -38.21
C ILE D 91 -10.67 -12.88 -38.15
N ASN D 92 -11.04 -13.37 -36.96
CA ASN D 92 -12.31 -14.09 -36.73
C ASN D 92 -13.56 -13.22 -36.89
N LYS D 93 -13.37 -11.89 -36.88
CA LYS D 93 -14.40 -10.89 -37.20
C LYS D 93 -14.33 -10.38 -38.66
N GLY D 94 -13.52 -11.05 -39.48
CA GLY D 94 -13.47 -10.77 -40.92
C GLY D 94 -12.41 -9.78 -41.38
N GLU D 95 -11.42 -9.49 -40.54
CA GLU D 95 -10.37 -8.54 -40.90
C GLU D 95 -9.40 -9.15 -41.93
N THR D 96 -9.03 -8.36 -42.94
CA THR D 96 -8.13 -8.84 -43.98
C THR D 96 -6.70 -8.94 -43.47
N LEU D 97 -5.87 -9.60 -44.28
CA LEU D 97 -4.44 -9.73 -44.06
C LEU D 97 -3.79 -8.37 -44.12
N ALA D 98 -4.22 -7.54 -45.06
CA ALA D 98 -3.66 -6.19 -45.23
C ALA D 98 -3.83 -5.38 -43.96
N ASP D 99 -5.08 -5.32 -43.47
CA ASP D 99 -5.38 -4.54 -42.25
C ASP D 99 -4.71 -5.10 -41.01
N THR D 100 -4.58 -6.43 -40.97
CA THR D 100 -3.90 -7.13 -39.85
C THR D 100 -2.47 -6.66 -39.82
N ILE D 101 -1.84 -6.59 -40.98
CA ILE D 101 -0.45 -6.12 -41.11
C ILE D 101 -0.29 -4.63 -40.79
N ARG D 102 -1.20 -3.78 -41.26
CA ARG D 102 -1.19 -2.36 -40.82
C ARG D 102 -1.38 -2.25 -39.32
N THR D 103 -2.22 -3.11 -38.73
CA THR D 103 -2.39 -3.08 -37.29
C THR D 103 -1.05 -3.31 -36.56
N LEU D 104 -0.30 -4.34 -36.93
CA LEU D 104 0.91 -4.66 -36.14
C LEU D 104 2.03 -3.72 -36.48
N ASP D 105 2.03 -3.26 -37.74
CA ASP D 105 2.99 -2.32 -38.23
C ASP D 105 2.90 -1.01 -37.47
N SER D 106 1.70 -0.73 -36.93
CA SER D 106 1.47 0.43 -36.04
C SER D 106 2.24 0.38 -34.74
N TYR D 107 2.51 -0.80 -34.21
CA TYR D 107 3.07 -0.89 -32.86
C TYR D 107 4.53 -1.28 -32.84
N SER D 108 5.02 -1.79 -33.98
CA SER D 108 6.27 -2.62 -34.08
C SER D 108 7.40 -1.96 -34.83
N ASP D 109 8.58 -2.53 -34.63
CA ASP D 109 9.80 -2.10 -35.37
C ASP D 109 10.16 -3.03 -36.50
N VAL D 110 9.69 -4.29 -36.39
CA VAL D 110 9.97 -5.33 -37.34
C VAL D 110 8.86 -6.38 -37.19
N LEU D 111 8.54 -7.05 -38.27
CA LEU D 111 7.54 -8.13 -38.23
C LEU D 111 8.17 -9.36 -38.79
N VAL D 112 7.91 -10.51 -38.17
CA VAL D 112 8.37 -11.80 -38.71
C VAL D 112 7.15 -12.56 -39.12
N MET D 113 7.06 -12.91 -40.39
CA MET D 113 5.79 -13.41 -40.95
C MET D 113 5.94 -14.74 -41.64
N ARG D 114 5.07 -15.68 -41.31
CA ARG D 114 5.01 -16.98 -41.99
C ARG D 114 3.58 -17.19 -42.46
N HIS D 115 3.40 -17.63 -43.69
CA HIS D 115 2.07 -17.70 -44.24
C HIS D 115 2.00 -18.81 -45.25
N PRO D 116 0.89 -19.56 -45.27
CA PRO D 116 0.74 -20.68 -46.23
C PRO D 116 0.71 -20.28 -47.71
N ARG D 117 0.46 -19.01 -48.00
CA ARG D 117 0.39 -18.52 -49.37
C ARG D 117 1.67 -17.84 -49.81
N GLN D 118 2.18 -18.30 -50.93
CA GLN D 118 3.37 -17.78 -51.56
C GLN D 118 3.31 -16.28 -51.73
N ASP D 119 2.16 -15.77 -52.17
CA ASP D 119 2.06 -14.36 -52.58
C ASP D 119 1.71 -13.42 -51.41
N ALA D 120 1.56 -13.99 -50.21
CA ALA D 120 1.11 -13.23 -49.02
C ALA D 120 2.13 -12.22 -48.51
N ILE D 121 3.40 -12.44 -48.88
CA ILE D 121 4.52 -11.58 -48.53
C ILE D 121 4.54 -10.30 -49.37
N GLU D 122 4.34 -10.39 -50.69
CA GLU D 122 4.33 -9.19 -51.53
C GLU D 122 3.19 -8.26 -51.11
N GLU D 123 2.07 -8.85 -50.67
CA GLU D 123 0.92 -8.06 -50.23
C GLU D 123 1.19 -7.36 -48.89
N ALA D 124 1.81 -8.07 -47.96
CA ALA D 124 2.18 -7.49 -46.68
C ALA D 124 3.16 -6.31 -46.85
N LEU D 125 4.13 -6.47 -47.74
CA LEU D 125 5.13 -5.44 -48.02
C LEU D 125 4.51 -4.19 -48.56
N SER D 126 3.48 -4.33 -49.38
CA SER D 126 2.92 -3.16 -50.00
C SER D 126 2.15 -2.28 -49.01
N VAL D 127 1.84 -2.77 -47.81
CA VAL D 127 1.17 -1.94 -46.80
C VAL D 127 2.04 -1.55 -45.59
N ALA D 128 2.99 -2.40 -45.24
CA ALA D 128 3.81 -2.24 -44.04
C ALA D 128 4.83 -1.13 -44.25
N GLN D 129 4.98 -0.25 -43.28
CA GLN D 129 6.03 0.73 -43.34
C GLN D 129 7.30 0.25 -42.63
N HIS D 130 7.26 -0.89 -41.92
CA HIS D 130 8.41 -1.41 -41.19
C HIS D 130 8.91 -2.69 -41.86
N PRO D 131 10.15 -3.05 -41.66
CA PRO D 131 10.59 -4.28 -42.33
C PRO D 131 9.76 -5.54 -42.02
N ILE D 132 9.64 -6.41 -43.01
CA ILE D 132 9.07 -7.71 -42.82
C ILE D 132 10.16 -8.77 -43.09
N LEU D 133 10.24 -9.75 -42.19
CA LEU D 133 11.14 -10.86 -42.34
C LEU D 133 10.33 -12.10 -42.69
N ASN D 134 10.49 -12.61 -43.90
CA ASN D 134 9.78 -13.78 -44.42
C ASN D 134 10.29 -15.01 -43.70
N ALA D 135 9.46 -15.55 -42.83
CA ALA D 135 9.80 -16.76 -42.04
C ALA D 135 9.19 -18.00 -42.69
N GLY D 136 8.70 -17.85 -43.94
CA GLY D 136 8.14 -18.95 -44.71
C GLY D 136 6.90 -18.51 -45.45
N ASN D 137 7.00 -18.43 -46.77
CA ASN D 137 5.84 -18.15 -47.58
C ASN D 137 5.47 -19.33 -48.41
N GLY D 138 4.51 -20.10 -47.94
CA GLY D 138 4.03 -21.28 -48.65
C GLY D 138 5.20 -22.19 -48.95
N ALA D 139 5.17 -22.82 -50.14
CA ALA D 139 6.29 -23.62 -50.66
C ALA D 139 7.29 -22.77 -51.39
N GLY D 140 7.23 -21.47 -51.19
CA GLY D 140 8.14 -20.56 -51.82
C GLY D 140 9.51 -20.60 -51.19
N GLU D 141 9.75 -19.72 -50.22
CA GLU D 141 11.09 -19.61 -49.64
C GLU D 141 11.13 -19.52 -48.11
N HIS D 142 12.31 -19.75 -47.57
CA HIS D 142 12.61 -19.62 -46.13
C HIS D 142 14.03 -19.00 -46.06
N PRO D 143 14.14 -17.69 -46.26
CA PRO D 143 15.47 -17.13 -46.54
C PRO D 143 16.45 -17.09 -45.35
N THR D 144 15.94 -16.85 -44.13
CA THR D 144 16.81 -16.89 -42.95
C THR D 144 17.17 -18.31 -42.58
N GLN D 145 16.41 -19.27 -43.05
CA GLN D 145 16.83 -20.68 -42.92
C GLN D 145 18.07 -20.92 -43.78
N ALA D 146 18.02 -20.47 -45.03
CA ALA D 146 19.18 -20.63 -45.90
C ALA D 146 20.39 -19.93 -45.30
N LEU D 147 20.17 -18.81 -44.63
CA LEU D 147 21.27 -18.08 -44.00
C LEU D 147 21.94 -18.89 -42.87
N LEU D 148 21.13 -19.46 -41.99
CA LEU D 148 21.68 -20.21 -40.86
C LEU D 148 22.23 -21.56 -41.36
N ASP D 149 21.66 -22.10 -42.42
CA ASP D 149 22.15 -23.36 -42.96
C ASP D 149 23.59 -23.12 -43.38
N THR D 150 23.77 -22.02 -44.10
CA THR D 150 25.05 -21.63 -44.62
C THR D 150 26.06 -21.28 -43.54
N LEU D 151 25.60 -20.60 -42.51
CA LEU D 151 26.47 -20.38 -41.35
C LEU D 151 26.89 -21.74 -40.75
N THR D 152 25.99 -22.71 -40.82
CA THR D 152 26.23 -24.04 -40.27
C THR D 152 27.33 -24.74 -41.06
N ILE D 153 27.28 -24.59 -42.37
CA ILE D 153 28.24 -25.30 -43.22
C ILE D 153 29.62 -24.72 -43.01
N HIS D 154 29.71 -23.41 -43.14
CA HIS D 154 30.93 -22.69 -42.87
C HIS D 154 31.52 -23.03 -41.49
N SER D 155 30.73 -22.94 -40.45
CA SER D 155 31.23 -23.28 -39.10
C SER D 155 31.66 -24.72 -38.98
N GLU D 156 30.94 -25.65 -39.58
CA GLU D 156 31.19 -27.05 -39.27
C GLU D 156 32.36 -27.60 -40.06
N LEU D 157 32.50 -27.14 -41.30
CA LEU D 157 33.42 -27.71 -42.28
C LEU D 157 34.52 -26.76 -42.67
N GLY D 158 34.29 -25.46 -42.56
CA GLY D 158 35.38 -24.49 -42.67
C GLY D 158 35.37 -23.70 -43.94
N SER D 159 34.65 -24.18 -44.95
CA SER D 159 34.45 -23.41 -46.14
C SER D 159 33.20 -23.87 -46.87
N VAL D 160 32.64 -22.99 -47.68
CA VAL D 160 31.46 -23.24 -48.46
C VAL D 160 31.86 -23.45 -49.94
N ASP D 161 32.80 -22.65 -50.44
CA ASP D 161 33.33 -22.87 -51.81
C ASP D 161 33.90 -24.28 -51.91
N GLY D 162 33.55 -25.00 -52.96
CA GLY D 162 34.06 -26.35 -53.21
C GLY D 162 33.34 -27.52 -52.59
N ILE D 163 32.26 -27.31 -51.84
CA ILE D 163 31.54 -28.41 -51.25
C ILE D 163 30.72 -29.18 -52.27
N THR D 164 30.54 -30.47 -52.00
CA THR D 164 29.58 -31.29 -52.69
C THR D 164 28.41 -31.42 -51.71
N ILE D 165 27.22 -31.02 -52.14
CA ILE D 165 26.07 -31.06 -51.23
C ILE D 165 24.89 -31.84 -51.84
N ALA D 166 24.27 -32.68 -51.00
CA ALA D 166 23.07 -33.37 -51.42
C ALA D 166 21.90 -32.69 -50.77
N LEU D 167 20.96 -32.25 -51.60
CA LEU D 167 19.66 -31.79 -51.18
C LEU D 167 18.72 -32.96 -51.37
N ILE D 168 18.15 -33.44 -50.26
CA ILE D 168 17.43 -34.70 -50.23
C ILE D 168 16.00 -34.55 -49.71
N GLY D 169 15.03 -35.15 -50.42
CA GLY D 169 13.67 -35.34 -49.88
C GLY D 169 12.62 -34.62 -50.70
N ASP D 170 11.78 -33.81 -50.06
CA ASP D 170 10.71 -33.14 -50.82
C ASP D 170 11.23 -31.80 -51.33
N LEU D 171 11.97 -31.87 -52.43
CA LEU D 171 12.55 -30.71 -53.05
C LEU D 171 11.48 -29.82 -53.67
N LYS D 172 10.31 -30.38 -53.98
CA LYS D 172 9.26 -29.63 -54.67
C LYS D 172 8.61 -28.57 -53.78
N MET D 173 8.14 -28.99 -52.60
CA MET D 173 7.49 -28.10 -51.63
C MET D 173 8.45 -27.51 -50.61
N GLY D 174 9.69 -28.01 -50.58
CA GLY D 174 10.70 -27.56 -49.64
C GLY D 174 11.20 -26.15 -49.92
N ARG D 175 10.60 -25.20 -49.23
CA ARG D 175 11.08 -23.82 -49.27
C ARG D 175 12.48 -23.68 -48.67
N THR D 176 12.83 -24.54 -47.74
CA THR D 176 14.20 -24.58 -47.24
C THR D 176 15.22 -24.79 -48.36
N VAL D 177 15.06 -25.87 -49.12
CA VAL D 177 15.98 -26.20 -50.19
C VAL D 177 15.88 -25.23 -51.37
N HIS D 178 14.71 -24.61 -51.54
CA HIS D 178 14.60 -23.56 -52.54
C HIS D 178 15.52 -22.40 -52.18
N SER D 179 15.55 -22.06 -50.89
CA SER D 179 16.30 -20.89 -50.51
C SER D 179 17.77 -21.23 -50.42
N LEU D 180 18.06 -22.46 -50.02
CA LEU D 180 19.44 -22.84 -49.81
C LEU D 180 20.20 -22.97 -51.15
N LEU D 181 19.59 -23.66 -52.12
CA LEU D 181 20.18 -23.77 -53.47
C LEU D 181 20.51 -22.40 -54.05
N LYS D 182 19.56 -21.49 -53.95
CA LYS D 182 19.76 -20.16 -54.50
C LYS D 182 20.90 -19.48 -53.80
N LEU D 183 20.95 -19.61 -52.48
CA LEU D 183 21.95 -18.88 -51.69
C LEU D 183 23.35 -19.37 -51.96
N LEU D 184 23.49 -20.68 -52.07
CA LEU D 184 24.79 -21.28 -52.27
C LEU D 184 25.28 -21.08 -53.70
N VAL D 185 24.43 -21.39 -54.68
CA VAL D 185 24.84 -21.31 -56.07
C VAL D 185 25.05 -19.87 -56.55
N ARG D 186 24.30 -18.91 -56.00
CA ARG D 186 24.51 -17.49 -56.39
C ARG D 186 25.79 -16.88 -55.81
N ASN D 187 26.29 -17.42 -54.70
CA ASN D 187 27.31 -16.70 -53.94
C ASN D 187 28.58 -17.49 -53.61
N PHE D 188 28.60 -18.73 -54.12
CA PHE D 188 29.69 -19.63 -53.87
C PHE D 188 29.98 -20.51 -55.07
N SER D 189 31.24 -20.93 -55.16
CA SER D 189 31.64 -21.99 -56.06
C SER D 189 31.36 -23.39 -55.49
N ILE D 190 30.09 -23.79 -55.49
CA ILE D 190 29.72 -25.18 -55.17
C ILE D 190 30.31 -26.08 -56.25
N LYS D 191 30.97 -27.13 -55.81
CA LYS D 191 31.60 -28.07 -56.72
C LYS D 191 30.45 -28.84 -57.39
N CYS D 192 29.52 -29.33 -56.59
CA CYS D 192 28.49 -30.24 -57.09
C CYS D 192 27.30 -30.33 -56.13
N VAL D 193 26.10 -30.32 -56.69
CA VAL D 193 24.88 -30.48 -55.95
C VAL D 193 24.18 -31.71 -56.47
N PHE D 194 23.72 -32.56 -55.55
CA PHE D 194 22.93 -33.74 -55.89
C PHE D 194 21.50 -33.46 -55.46
N LEU D 195 20.59 -33.45 -56.43
CA LEU D 195 19.16 -33.29 -56.18
C LEU D 195 18.58 -34.71 -56.01
N VAL D 196 18.41 -35.13 -54.76
CA VAL D 196 18.04 -36.50 -54.45
C VAL D 196 16.55 -36.60 -54.16
N ALA D 197 15.77 -36.89 -55.20
CA ALA D 197 14.32 -37.00 -55.04
C ALA D 197 13.65 -37.75 -56.17
N PRO D 198 12.52 -38.40 -55.92
CA PRO D 198 11.76 -38.87 -57.08
C PRO D 198 11.34 -37.72 -57.95
N ASP D 199 11.04 -38.00 -59.22
CA ASP D 199 10.66 -36.94 -60.16
C ASP D 199 9.47 -36.07 -59.67
N ALA D 200 8.51 -36.70 -59.00
CA ALA D 200 7.32 -36.00 -58.55
C ALA D 200 7.64 -34.92 -57.54
N LEU D 201 8.71 -35.11 -56.79
CA LEU D 201 9.08 -34.19 -55.71
C LEU D 201 10.40 -33.46 -55.99
N GLN D 202 10.83 -33.43 -57.26
CA GLN D 202 12.12 -32.83 -57.63
C GLN D 202 12.13 -31.32 -57.54
N MET D 203 13.33 -30.76 -57.55
CA MET D 203 13.53 -29.33 -57.37
C MET D 203 12.77 -28.59 -58.48
N PRO D 204 12.04 -27.51 -58.14
CA PRO D 204 11.23 -26.87 -59.17
C PRO D 204 12.03 -26.21 -60.23
N GLN D 205 11.47 -26.21 -61.44
CA GLN D 205 12.13 -25.58 -62.59
C GLN D 205 12.38 -24.09 -62.39
N ASP D 206 11.51 -23.43 -61.63
CA ASP D 206 11.65 -22.00 -61.43
C ASP D 206 12.71 -21.69 -60.39
N VAL D 207 13.23 -22.71 -59.69
CA VAL D 207 14.45 -22.53 -58.92
C VAL D 207 15.70 -22.73 -59.78
N LEU D 208 15.70 -23.80 -60.58
CA LEU D 208 16.89 -24.17 -61.36
C LEU D 208 17.20 -23.16 -62.46
N GLU D 209 16.17 -22.80 -63.20
CA GLU D 209 16.36 -22.06 -64.43
C GLU D 209 16.90 -20.66 -64.23
N PRO D 210 16.43 -19.92 -63.21
CA PRO D 210 17.03 -18.59 -62.97
C PRO D 210 18.45 -18.65 -62.40
N LEU D 211 18.95 -19.82 -62.06
CA LEU D 211 20.35 -19.98 -61.68
C LEU D 211 21.28 -20.32 -62.86
N GLN D 212 20.80 -20.21 -64.10
CA GLN D 212 21.54 -20.69 -65.30
C GLN D 212 22.89 -20.00 -65.51
N HIS D 213 22.94 -18.68 -65.32
CA HIS D 213 24.18 -17.94 -65.48
C HIS D 213 25.23 -18.34 -64.45
N GLU D 214 24.79 -18.59 -63.21
CA GLU D 214 25.73 -18.94 -62.13
C GLU D 214 26.32 -20.33 -62.35
N ILE D 215 25.46 -21.26 -62.72
CA ILE D 215 25.83 -22.66 -62.93
C ILE D 215 26.89 -22.82 -64.04
N ALA D 216 26.66 -22.10 -65.14
CA ALA D 216 27.56 -22.09 -66.30
C ALA D 216 28.83 -21.34 -65.97
N THR D 217 28.67 -20.08 -65.54
CA THR D 217 29.76 -19.21 -65.10
C THR D 217 30.68 -19.87 -64.05
N LYS D 218 30.10 -20.56 -63.08
CA LYS D 218 30.94 -21.14 -62.03
C LYS D 218 31.19 -22.62 -62.22
N GLY D 219 30.54 -23.24 -63.21
CA GLY D 219 30.77 -24.62 -63.57
C GLY D 219 30.37 -25.65 -62.52
N VAL D 220 29.33 -25.31 -61.77
CA VAL D 220 28.73 -26.20 -60.82
C VAL D 220 28.19 -27.43 -61.53
N ILE D 221 28.40 -28.58 -60.92
CA ILE D 221 27.91 -29.84 -61.42
C ILE D 221 26.61 -30.08 -60.70
N ILE D 222 25.58 -30.49 -61.43
CA ILE D 222 24.26 -30.80 -60.83
C ILE D 222 23.72 -32.12 -61.37
N HIS D 223 23.54 -33.10 -60.49
CA HIS D 223 22.94 -34.38 -60.88
C HIS D 223 21.68 -34.67 -60.07
N ARG D 224 20.66 -35.20 -60.75
CA ARG D 224 19.48 -35.78 -60.10
C ARG D 224 19.66 -37.27 -59.75
N THR D 225 19.16 -37.71 -58.61
CA THR D 225 18.93 -39.13 -58.36
C THR D 225 17.57 -39.27 -57.67
N HIS D 226 17.01 -40.48 -57.63
CA HIS D 226 15.80 -40.78 -56.82
C HIS D 226 16.10 -41.62 -55.58
N ALA D 227 17.36 -42.00 -55.38
CA ALA D 227 17.78 -42.64 -54.15
C ALA D 227 19.09 -42.03 -53.66
N LEU D 228 19.39 -42.21 -52.38
CA LEU D 228 20.72 -41.95 -51.83
C LEU D 228 21.62 -43.06 -52.30
N THR D 229 22.17 -42.94 -53.48
CA THR D 229 23.11 -43.95 -53.96
C THR D 229 24.40 -43.88 -53.12
N ASP D 230 25.20 -44.93 -53.17
CA ASP D 230 26.48 -45.00 -52.43
C ASP D 230 27.40 -43.87 -52.82
N GLU D 231 27.35 -43.48 -54.09
CA GLU D 231 28.14 -42.40 -54.61
C GLU D 231 27.79 -41.04 -53.99
N VAL D 232 26.50 -40.71 -53.93
CA VAL D 232 26.11 -39.50 -53.22
C VAL D 232 26.65 -39.62 -51.78
N MET D 233 26.51 -40.81 -51.21
CA MET D 233 26.95 -41.04 -49.85
C MET D 233 28.45 -40.81 -49.73
N GLN D 234 29.20 -41.22 -50.74
CA GLN D 234 30.66 -41.17 -50.66
C GLN D 234 31.28 -39.82 -50.99
N LYS D 235 30.59 -39.02 -51.79
CA LYS D 235 31.16 -37.80 -52.31
C LYS D 235 30.73 -36.56 -51.50
N SER D 236 29.59 -36.66 -50.84
CA SER D 236 28.99 -35.49 -50.23
C SER D 236 29.67 -35.06 -48.92
N ASP D 237 29.98 -33.76 -48.84
CA ASP D 237 30.44 -33.08 -47.62
C ASP D 237 29.26 -32.67 -46.72
N VAL D 238 28.09 -32.48 -47.33
CA VAL D 238 26.88 -32.06 -46.68
C VAL D 238 25.73 -32.89 -47.23
N LEU D 239 25.10 -33.66 -46.36
CA LEU D 239 23.87 -34.36 -46.64
C LEU D 239 22.79 -33.54 -45.96
N TYR D 240 22.00 -32.83 -46.74
CA TYR D 240 20.99 -31.99 -46.20
C TYR D 240 19.64 -32.60 -46.61
N THR D 241 18.95 -33.19 -45.66
CA THR D 241 17.70 -33.88 -45.97
C THR D 241 16.46 -33.21 -45.35
N THR D 242 15.29 -33.54 -45.86
CA THR D 242 14.08 -32.85 -45.48
C THR D 242 12.90 -33.79 -45.32
N ARG D 243 11.90 -33.26 -44.67
CA ARG D 243 10.66 -33.94 -44.48
C ARG D 243 9.78 -33.81 -45.72
N LEU D 244 9.02 -34.86 -46.00
CA LEU D 244 8.04 -34.86 -47.09
C LEU D 244 6.79 -34.09 -46.59
N GLN D 245 6.59 -32.92 -47.22
CA GLN D 245 5.63 -31.90 -46.77
C GLN D 245 4.16 -32.36 -46.89
N LYS D 246 3.72 -33.17 -45.94
CA LYS D 246 2.38 -33.75 -45.99
C LYS D 246 1.24 -32.70 -46.06
N GLU D 247 1.31 -31.65 -45.23
CA GLU D 247 0.21 -30.66 -45.16
C GLU D 247 0.05 -29.82 -46.44
N ARG D 248 0.99 -29.92 -47.36
CA ARG D 248 0.91 -29.23 -48.64
C ARG D 248 0.33 -30.19 -49.70
N ALA D 257 0.26 -38.21 -57.38
CA ALA D 257 1.69 -38.27 -57.59
C ALA D 257 2.45 -39.06 -56.49
N ALA D 258 2.78 -38.42 -55.37
CA ALA D 258 3.49 -39.09 -54.28
C ALA D 258 2.54 -39.48 -53.11
N ALA D 259 1.54 -40.30 -53.43
CA ALA D 259 0.76 -41.02 -52.44
C ALA D 259 1.38 -42.43 -52.30
N LEU D 260 1.93 -42.93 -53.40
CA LEU D 260 2.68 -44.22 -53.43
C LEU D 260 4.22 -44.02 -53.56
N GLN D 261 4.68 -42.86 -54.05
CA GLN D 261 6.12 -42.57 -54.24
C GLN D 261 6.85 -42.05 -52.98
N SER D 262 6.18 -42.05 -51.83
CA SER D 262 6.81 -41.70 -50.55
C SER D 262 7.00 -42.92 -49.65
N PHE D 263 6.38 -44.05 -50.00
CA PHE D 263 6.70 -45.32 -49.38
C PHE D 263 7.91 -45.88 -50.13
N ALA D 264 7.80 -45.91 -51.45
CA ALA D 264 8.77 -46.59 -52.32
C ALA D 264 10.23 -46.13 -52.11
N ALA D 265 10.63 -45.01 -52.71
CA ALA D 265 12.02 -44.59 -52.69
C ALA D 265 12.45 -44.05 -51.34
N LYS D 266 11.49 -43.81 -50.44
CA LYS D 266 11.79 -43.30 -49.07
C LYS D 266 12.44 -44.35 -48.18
N ALA D 267 12.15 -45.63 -48.43
CA ALA D 267 13.05 -46.70 -48.02
C ALA D 267 14.48 -46.25 -48.39
N ASP D 268 14.64 -45.85 -49.66
CA ASP D 268 15.95 -45.44 -50.19
C ASP D 268 16.30 -43.94 -50.29
N ILE D 269 15.68 -43.09 -49.48
CA ILE D 269 16.31 -41.81 -49.14
C ILE D 269 16.63 -41.72 -47.66
N THR D 270 16.31 -42.75 -46.89
CA THR D 270 16.51 -42.74 -45.46
C THR D 270 17.99 -42.72 -45.16
N ILE D 271 18.37 -41.91 -44.19
CA ILE D 271 19.72 -41.88 -43.64
C ILE D 271 19.61 -42.51 -42.25
N ASP D 272 20.37 -43.57 -42.02
CA ASP D 272 20.44 -44.22 -40.71
C ASP D 272 21.89 -44.59 -40.44
N ALA D 273 22.17 -45.04 -39.24
CA ALA D 273 23.56 -45.42 -38.88
C ALA D 273 24.26 -46.30 -39.94
N ALA D 274 23.47 -47.08 -40.67
CA ALA D 274 24.00 -48.07 -41.57
C ALA D 274 24.43 -47.37 -42.82
N ARG D 275 23.54 -46.58 -43.39
CA ARG D 275 23.90 -45.68 -44.49
C ARG D 275 25.13 -44.84 -44.08
N MET D 276 25.19 -44.34 -42.84
CA MET D 276 26.29 -43.44 -42.45
C MET D 276 27.69 -44.08 -42.52
N ARG D 277 27.73 -45.42 -42.54
CA ARG D 277 28.97 -46.17 -42.76
C ARG D 277 29.63 -45.88 -44.13
N LEU D 278 28.88 -45.35 -45.10
CA LEU D 278 29.40 -45.03 -46.45
C LEU D 278 29.82 -43.58 -46.65
N ALA D 279 29.76 -42.77 -45.60
CA ALA D 279 29.95 -41.32 -45.69
C ALA D 279 31.37 -40.89 -45.32
N LYS D 280 31.79 -39.75 -45.86
CA LYS D 280 33.13 -39.25 -45.59
C LYS D 280 33.33 -39.22 -44.09
N GLU D 281 34.57 -39.42 -43.69
CA GLU D 281 34.93 -39.27 -42.30
C GLU D 281 34.65 -37.84 -41.86
N LYS D 282 34.88 -36.87 -42.75
CA LYS D 282 34.56 -35.44 -42.47
C LYS D 282 33.46 -34.86 -43.37
N MET D 283 32.27 -34.75 -42.82
CA MET D 283 31.12 -34.25 -43.53
C MET D 283 30.03 -34.01 -42.52
N ILE D 284 28.98 -33.27 -42.91
CA ILE D 284 27.84 -33.15 -42.00
C ILE D 284 26.53 -33.64 -42.60
N VAL D 285 25.71 -34.18 -41.69
CA VAL D 285 24.27 -34.30 -41.93
C VAL D 285 23.53 -33.13 -41.29
N MET D 286 22.64 -32.52 -42.09
CA MET D 286 21.79 -31.41 -41.72
C MET D 286 20.30 -31.72 -42.01
N HIS D 287 19.42 -30.97 -41.36
CA HIS D 287 17.97 -31.11 -41.52
C HIS D 287 17.36 -29.87 -40.90
N PRO D 288 16.64 -29.10 -41.70
CA PRO D 288 16.00 -27.90 -41.15
C PRO D 288 15.03 -28.20 -40.00
N LEU D 289 14.52 -29.43 -39.97
CA LEU D 289 13.55 -29.94 -38.97
C LEU D 289 12.20 -29.29 -39.14
N PRO D 290 11.13 -29.94 -38.63
CA PRO D 290 11.07 -31.20 -37.94
C PRO D 290 11.30 -32.37 -38.91
N ARG D 291 11.75 -33.50 -38.35
CA ARG D 291 12.02 -34.71 -39.08
C ARG D 291 10.99 -35.80 -38.77
N ASN D 292 10.70 -36.61 -39.78
CA ASN D 292 10.15 -37.95 -39.56
C ASN D 292 11.29 -38.94 -39.82
N ASP D 293 11.03 -40.09 -40.43
CA ASP D 293 12.09 -41.12 -40.51
C ASP D 293 12.95 -41.09 -41.77
N GLU D 294 12.81 -40.08 -42.61
CA GLU D 294 13.87 -39.81 -43.58
C GLU D 294 15.21 -39.79 -42.86
N LEU D 295 15.21 -39.50 -41.56
CA LEU D 295 16.41 -39.23 -40.79
C LEU D 295 16.29 -39.92 -39.41
N SER D 296 16.90 -41.10 -39.28
CA SER D 296 16.79 -41.97 -38.10
C SER D 296 17.52 -41.45 -36.84
N THR D 297 16.88 -41.64 -35.69
CA THR D 297 17.50 -41.34 -34.41
C THR D 297 18.80 -42.11 -34.18
N THR D 298 19.05 -43.17 -34.93
CA THR D 298 20.30 -43.91 -34.78
C THR D 298 21.49 -43.03 -35.16
N VAL D 299 21.24 -41.94 -35.90
CA VAL D 299 22.32 -41.10 -36.41
C VAL D 299 22.74 -40.05 -35.38
N ASP D 300 21.91 -39.83 -34.37
CA ASP D 300 22.04 -38.68 -33.50
C ASP D 300 23.33 -38.67 -32.68
N ALA D 301 23.86 -39.85 -32.36
CA ALA D 301 25.08 -39.96 -31.54
C ALA D 301 26.32 -39.53 -32.30
N ASP D 302 26.30 -39.80 -33.61
CA ASP D 302 27.39 -39.54 -34.52
C ASP D 302 27.85 -38.08 -34.45
N PRO D 303 29.17 -37.84 -34.31
CA PRO D 303 29.67 -36.46 -34.32
C PRO D 303 29.31 -35.67 -35.59
N ARG D 304 29.09 -36.41 -36.70
CA ARG D 304 28.74 -35.76 -37.97
C ARG D 304 27.31 -35.21 -38.01
N ALA D 305 26.48 -35.63 -37.06
CA ALA D 305 25.12 -35.12 -36.93
C ALA D 305 25.11 -33.70 -36.46
N ALA D 306 24.87 -32.78 -37.39
CA ALA D 306 24.88 -31.36 -37.09
C ALA D 306 23.50 -30.74 -37.02
N TYR D 307 22.43 -31.54 -36.98
CA TYR D 307 21.05 -30.96 -37.08
C TYR D 307 20.47 -30.34 -35.80
N PHE D 308 21.12 -30.58 -34.66
CA PHE D 308 20.75 -29.89 -33.42
C PHE D 308 21.60 -28.65 -33.26
N ARG D 309 22.88 -28.76 -33.60
CA ARG D 309 23.77 -27.59 -33.57
C ARG D 309 23.26 -26.48 -34.49
N GLN D 310 22.64 -26.91 -35.57
CA GLN D 310 22.14 -26.07 -36.62
C GLN D 310 21.04 -25.14 -36.11
N MET D 311 20.30 -25.57 -35.11
CA MET D 311 19.20 -24.74 -34.56
C MET D 311 19.77 -23.58 -33.75
N ARG D 312 20.84 -23.87 -33.02
CA ARG D 312 21.53 -22.89 -32.23
C ARG D 312 22.30 -21.88 -33.09
N TYR D 313 23.01 -22.35 -34.12
CA TYR D 313 23.49 -21.44 -35.15
C TYR D 313 22.35 -20.54 -35.65
N GLY D 314 21.16 -21.15 -35.80
CA GLY D 314 19.94 -20.44 -36.16
C GLY D 314 19.65 -19.25 -35.26
N MET D 315 19.78 -19.42 -33.94
CA MET D 315 19.58 -18.30 -33.01
C MET D 315 20.57 -17.15 -33.30
N PHE D 316 21.84 -17.49 -33.43
CA PHE D 316 22.86 -16.45 -33.62
C PHE D 316 22.81 -15.78 -34.97
N MET D 317 22.46 -16.53 -36.01
CA MET D 317 22.20 -15.92 -37.34
C MET D 317 21.05 -14.90 -37.28
N ARG D 318 20.04 -15.15 -36.48
CA ARG D 318 18.89 -14.24 -36.41
C ARG D 318 19.16 -13.00 -35.55
N MET D 319 19.95 -13.18 -34.49
CA MET D 319 20.56 -12.04 -33.80
C MET D 319 21.31 -11.12 -34.79
N ALA D 320 22.19 -11.70 -35.61
CA ALA D 320 22.94 -10.91 -36.55
C ALA D 320 22.01 -10.17 -37.51
N ILE D 321 20.97 -10.86 -37.97
CA ILE D 321 19.98 -10.28 -38.90
C ILE D 321 19.17 -9.17 -38.26
N LEU D 322 18.62 -9.45 -37.10
CA LEU D 322 17.71 -8.50 -36.45
C LEU D 322 18.48 -7.26 -36.09
N TRP D 323 19.70 -7.47 -35.59
CA TRP D 323 20.55 -6.33 -35.25
C TRP D 323 20.84 -5.51 -36.47
N SER D 324 21.05 -6.17 -37.62
CA SER D 324 21.44 -5.44 -38.83
C SER D 324 20.22 -4.71 -39.36
N VAL D 325 19.06 -5.34 -39.29
CA VAL D 325 17.81 -4.68 -39.74
C VAL D 325 17.48 -3.42 -38.97
N LEU D 326 17.77 -3.38 -37.68
CA LEU D 326 17.33 -2.25 -36.82
C LEU D 326 18.40 -1.28 -36.30
N ALA D 327 19.68 -1.64 -36.34
CA ALA D 327 20.76 -0.78 -35.78
C ALA D 327 20.65 0.71 -36.10
N SER E 1 15.83 -4.09 0.96
CA SER E 1 16.76 -3.20 0.17
C SER E 1 18.24 -3.34 0.53
N MET E 2 18.54 -3.54 1.81
CA MET E 2 19.89 -3.90 2.21
C MET E 2 19.96 -5.40 2.46
N LEU E 3 18.91 -6.08 2.04
CA LEU E 3 18.68 -7.48 2.30
C LEU E 3 19.37 -8.18 1.15
N GLU E 4 20.00 -9.30 1.45
CA GLU E 4 20.83 -9.95 0.44
C GLU E 4 20.02 -11.05 -0.28
N LEU E 5 20.45 -11.41 -1.49
CA LEU E 5 19.78 -12.49 -2.24
C LEU E 5 20.76 -13.60 -2.50
N PRO E 6 21.25 -14.23 -1.45
CA PRO E 6 22.21 -15.27 -1.75
C PRO E 6 21.51 -16.46 -2.41
N PRO E 7 22.03 -16.92 -3.54
CA PRO E 7 21.37 -18.05 -4.18
C PRO E 7 21.67 -19.29 -3.36
N VAL E 8 20.77 -20.25 -3.40
CA VAL E 8 21.01 -21.52 -2.74
C VAL E 8 21.93 -22.39 -3.63
N ALA E 9 23.20 -22.42 -3.27
CA ALA E 9 24.26 -23.04 -4.07
C ALA E 9 23.96 -24.44 -4.55
N SER E 10 23.41 -25.27 -3.67
CA SER E 10 23.20 -26.70 -3.98
C SER E 10 22.25 -26.97 -5.16
N LEU E 11 21.44 -25.98 -5.50
CA LEU E 11 20.56 -26.02 -6.68
C LEU E 11 21.17 -25.50 -7.99
N LYS E 12 22.31 -24.83 -7.91
CA LYS E 12 22.95 -24.31 -9.14
C LYS E 12 23.03 -25.34 -10.26
N GLY E 13 22.47 -25.02 -11.43
CA GLY E 13 22.58 -25.86 -12.63
C GLY E 13 21.81 -27.19 -12.67
N LYS E 14 21.08 -27.50 -11.62
CA LYS E 14 20.44 -28.81 -11.57
C LYS E 14 18.95 -28.71 -11.94
N SER E 15 18.46 -29.73 -12.61
CA SER E 15 17.04 -29.91 -12.80
C SER E 15 16.34 -30.22 -11.45
N ILE E 16 15.03 -30.01 -11.44
CA ILE E 16 14.20 -30.21 -10.29
C ILE E 16 13.08 -31.10 -10.74
N THR E 17 13.09 -32.35 -10.26
CA THR E 17 12.08 -33.35 -10.64
C THR E 17 11.24 -33.90 -9.51
N SER E 18 11.83 -34.06 -8.34
CA SER E 18 11.15 -34.63 -7.20
C SER E 18 11.39 -33.83 -5.92
N ALA E 19 10.38 -33.75 -5.08
CA ALA E 19 10.56 -33.36 -3.68
C ALA E 19 11.64 -34.17 -2.97
N GLU E 20 12.01 -35.34 -3.49
CA GLU E 20 13.10 -36.13 -2.90
C GLU E 20 14.49 -35.47 -2.90
N GLN E 21 14.74 -34.54 -3.81
CA GLN E 21 16.10 -34.09 -4.00
C GLN E 21 16.55 -33.00 -3.01
N PHE E 22 15.65 -32.54 -2.15
CA PHE E 22 15.93 -31.39 -1.28
C PHE E 22 16.16 -31.76 0.17
N SER E 23 17.23 -31.22 0.73
CA SER E 23 17.50 -31.38 2.13
C SER E 23 16.68 -30.38 2.92
N ARG E 24 16.60 -30.61 4.22
CA ARG E 24 15.98 -29.67 5.14
C ARG E 24 16.62 -28.29 5.03
N ALA E 25 17.94 -28.25 4.88
CA ALA E 25 18.66 -26.99 4.81
C ALA E 25 18.40 -26.28 3.49
N ASP E 26 18.21 -27.03 2.41
CA ASP E 26 17.82 -26.42 1.11
C ASP E 26 16.49 -25.70 1.29
N ILE E 27 15.53 -26.41 1.89
CA ILE E 27 14.17 -25.90 2.06
C ILE E 27 14.19 -24.61 2.87
N TYR E 28 15.01 -24.58 3.91
CA TYR E 28 15.00 -23.39 4.79
C TYR E 28 15.69 -22.23 4.09
N ALA E 29 16.73 -22.54 3.36
CA ALA E 29 17.47 -21.53 2.60
C ALA E 29 16.57 -20.91 1.52
N LEU E 30 15.83 -21.74 0.77
CA LEU E 30 14.83 -21.25 -0.19
C LEU E 30 13.70 -20.46 0.48
N ILE E 31 13.21 -20.91 1.63
CA ILE E 31 12.15 -20.15 2.31
C ILE E 31 12.62 -18.73 2.62
N HIS E 32 13.79 -18.65 3.26
CA HIS E 32 14.34 -17.35 3.66
C HIS E 32 14.61 -16.51 2.44
N LEU E 33 15.14 -17.11 1.38
CA LEU E 33 15.37 -16.38 0.13
C LEU E 33 14.02 -15.89 -0.46
N ALA E 34 13.03 -16.79 -0.59
CA ALA E 34 11.70 -16.39 -1.02
C ALA E 34 11.18 -15.22 -0.17
N SER E 35 11.34 -15.30 1.14
CA SER E 35 10.91 -14.20 1.99
C SER E 35 11.61 -12.89 1.66
N ALA E 36 12.91 -12.92 1.41
CA ALA E 36 13.62 -11.69 0.97
C ALA E 36 13.14 -11.18 -0.42
N MET E 37 12.92 -12.09 -1.38
CA MET E 37 12.31 -11.66 -2.66
C MET E 37 11.00 -10.89 -2.39
N GLN E 38 10.17 -11.41 -1.50
CA GLN E 38 8.88 -10.80 -1.23
C GLN E 38 9.09 -9.40 -0.72
N ARG E 39 9.97 -9.26 0.26
CA ARG E 39 10.18 -7.96 0.91
C ARG E 39 10.64 -6.90 -0.07
N LYS E 40 11.54 -7.29 -0.99
CA LYS E 40 12.11 -6.38 -2.00
C LYS E 40 11.09 -5.92 -3.04
N ILE E 41 10.40 -6.87 -3.64
CA ILE E 41 9.38 -6.63 -4.65
C ILE E 41 8.23 -5.84 -4.05
N ASP E 42 7.78 -6.24 -2.88
CA ASP E 42 6.74 -5.49 -2.21
C ASP E 42 7.19 -4.07 -1.86
N ALA E 43 8.48 -3.79 -1.71
CA ALA E 43 8.90 -2.41 -1.48
C ALA E 43 9.00 -1.61 -2.80
N GLY E 44 8.81 -2.28 -3.93
CA GLY E 44 8.79 -1.64 -5.23
C GLY E 44 10.14 -1.72 -5.91
N GLU E 45 11.03 -2.54 -5.37
CA GLU E 45 12.37 -2.69 -5.91
C GLU E 45 12.40 -3.63 -7.12
N VAL E 46 13.28 -3.30 -8.04
CA VAL E 46 13.44 -3.96 -9.32
C VAL E 46 14.72 -4.79 -9.33
N LEU E 47 14.59 -6.08 -9.57
CA LEU E 47 15.75 -6.95 -9.53
C LEU E 47 16.25 -7.16 -10.95
N ASN E 48 17.53 -6.92 -11.18
CA ASN E 48 18.11 -7.14 -12.51
C ASN E 48 19.01 -8.35 -12.56
N LEU E 49 18.72 -9.32 -11.71
CA LEU E 49 19.61 -10.45 -11.51
C LEU E 49 19.77 -11.34 -12.74
N LEU E 50 18.69 -11.67 -13.42
CA LEU E 50 18.75 -12.60 -14.55
C LEU E 50 18.54 -11.91 -15.92
N GLN E 51 18.98 -10.66 -16.05
CA GLN E 51 18.85 -10.02 -17.33
C GLN E 51 19.56 -10.87 -18.36
N GLY E 52 18.88 -11.12 -19.45
CA GLY E 52 19.44 -11.85 -20.57
C GLY E 52 19.36 -13.36 -20.53
N ARG E 53 18.61 -13.90 -19.57
CA ARG E 53 18.42 -15.33 -19.43
C ARG E 53 16.98 -15.62 -19.77
N ILE E 54 16.74 -16.80 -20.34
CA ILE E 54 15.46 -17.12 -20.94
C ILE E 54 14.90 -18.40 -20.32
N MET E 55 13.61 -18.35 -19.97
CA MET E 55 12.88 -19.52 -19.63
C MET E 55 11.90 -19.83 -20.76
N THR E 56 11.84 -21.11 -21.11
CA THR E 56 10.85 -21.53 -22.06
C THR E 56 9.86 -22.51 -21.46
N PRO E 57 8.57 -22.16 -21.52
CA PRO E 57 7.57 -23.08 -20.98
C PRO E 57 7.25 -24.20 -21.94
N LEU E 58 7.11 -25.41 -21.45
CA LEU E 58 6.95 -26.59 -22.30
C LEU E 58 5.81 -27.40 -21.72
N PHE E 59 4.62 -26.82 -21.85
CA PHE E 59 3.42 -27.28 -21.18
C PHE E 59 2.56 -28.08 -22.15
N PHE E 60 2.58 -29.40 -21.99
CA PHE E 60 1.81 -30.35 -22.82
C PHE E 60 0.47 -30.73 -22.20
N GLU E 61 0.08 -30.04 -21.14
CA GLU E 61 -1.32 -30.00 -20.73
C GLU E 61 -1.44 -28.67 -20.01
N ASP E 62 -2.64 -28.30 -19.58
CA ASP E 62 -2.99 -26.93 -19.19
C ASP E 62 -2.45 -26.47 -17.84
N SER E 63 -2.32 -25.15 -17.69
CA SER E 63 -1.93 -24.53 -16.44
C SER E 63 -2.27 -23.05 -16.41
N SER E 64 -2.74 -22.57 -15.25
CA SER E 64 -2.85 -21.13 -14.97
C SER E 64 -1.78 -20.65 -13.97
N ARG E 65 -1.73 -21.25 -12.77
CA ARG E 65 -0.87 -20.78 -11.67
C ARG E 65 0.58 -21.04 -11.90
N THR E 66 0.85 -22.19 -12.48
CA THR E 66 2.22 -22.66 -12.61
C THR E 66 2.84 -21.89 -13.75
N PHE E 67 2.20 -21.95 -14.90
CA PHE E 67 2.74 -21.25 -16.04
C PHE E 67 2.92 -19.76 -15.75
N SER E 68 1.91 -19.15 -15.15
CA SER E 68 1.90 -17.71 -14.96
C SER E 68 2.85 -17.30 -13.87
N SER E 69 2.94 -18.09 -12.79
CA SER E 69 3.81 -17.72 -11.68
C SER E 69 5.25 -17.93 -12.08
N PHE E 70 5.51 -18.94 -12.91
CA PHE E 70 6.88 -19.15 -13.40
C PHE E 70 7.29 -17.97 -14.25
N CYS E 71 6.44 -17.54 -15.18
CA CYS E 71 6.82 -16.42 -16.06
C CYS E 71 7.01 -15.13 -15.22
N ALA E 72 6.03 -14.83 -14.36
CA ALA E 72 6.09 -13.66 -13.49
C ALA E 72 7.35 -13.71 -12.64
N ALA E 73 7.61 -14.87 -12.02
CA ALA E 73 8.84 -15.07 -11.23
C ALA E 73 10.06 -14.70 -12.06
N MET E 74 10.19 -15.27 -13.26
CA MET E 74 11.36 -15.00 -14.11
C MET E 74 11.50 -13.49 -14.46
N ILE E 75 10.37 -12.90 -14.84
CA ILE E 75 10.29 -11.49 -15.19
C ILE E 75 10.72 -10.64 -14.02
N ARG E 76 10.27 -11.02 -12.82
CA ARG E 76 10.60 -10.20 -11.65
C ARG E 76 12.04 -10.35 -11.20
N LEU E 77 12.75 -11.34 -11.74
CA LEU E 77 14.22 -11.41 -11.58
C LEU E 77 14.94 -10.66 -12.70
N GLY E 78 14.22 -10.09 -13.66
CA GLY E 78 14.87 -9.46 -14.80
C GLY E 78 15.11 -10.34 -16.02
N GLY E 79 14.72 -11.60 -15.97
CA GLY E 79 14.80 -12.45 -17.11
C GLY E 79 13.57 -12.43 -18.01
N SER E 80 13.57 -13.33 -19.00
CA SER E 80 12.60 -13.30 -20.07
C SER E 80 12.09 -14.69 -20.42
N VAL E 81 10.96 -14.72 -21.11
CA VAL E 81 10.21 -15.93 -21.42
C VAL E 81 10.00 -15.98 -22.95
N VAL E 82 10.35 -17.08 -23.59
CA VAL E 82 9.90 -17.33 -24.96
C VAL E 82 8.61 -18.14 -24.86
N ASN E 83 7.56 -17.68 -25.54
CA ASN E 83 6.25 -18.31 -25.39
C ASN E 83 5.98 -19.39 -26.41
N PHE E 84 6.62 -20.53 -26.18
CA PHE E 84 6.35 -21.73 -26.98
C PHE E 84 4.92 -22.27 -26.73
N LYS E 85 4.25 -22.72 -27.79
CA LYS E 85 2.93 -23.36 -27.66
C LYS E 85 2.91 -24.68 -28.40
N VAL E 86 2.51 -25.75 -27.72
CA VAL E 86 2.40 -27.08 -28.31
C VAL E 86 1.33 -27.19 -29.41
N GLU E 87 0.18 -26.57 -29.18
CA GLU E 87 -0.90 -26.56 -30.18
C GLU E 87 -0.49 -25.82 -31.49
N ALA E 88 0.37 -24.81 -31.38
CA ALA E 88 0.84 -24.02 -32.53
C ALA E 88 2.33 -24.32 -32.88
N SER E 89 2.78 -25.51 -32.45
CA SER E 89 4.16 -26.00 -32.66
C SER E 89 4.33 -26.89 -33.88
N SER E 90 5.58 -27.18 -34.25
CA SER E 90 5.87 -28.18 -35.25
C SER E 90 5.77 -29.64 -34.73
N ILE E 91 5.04 -29.88 -33.62
CA ILE E 91 4.61 -31.25 -33.23
C ILE E 91 3.39 -31.69 -34.06
N ASN E 92 2.70 -30.72 -34.67
CA ASN E 92 1.63 -30.99 -35.64
C ASN E 92 2.14 -31.54 -36.97
N LYS E 93 3.46 -31.56 -37.13
CA LYS E 93 4.10 -32.02 -38.32
C LYS E 93 4.85 -33.31 -38.03
N GLY E 94 4.46 -34.00 -36.95
CA GLY E 94 5.03 -35.31 -36.56
C GLY E 94 6.28 -35.33 -35.69
N GLU E 95 6.59 -34.23 -35.00
CA GLU E 95 7.83 -34.11 -34.22
C GLU E 95 7.74 -34.78 -32.81
N THR E 96 8.76 -35.55 -32.49
CA THR E 96 8.86 -36.26 -31.21
C THR E 96 9.08 -35.31 -30.05
N LEU E 97 8.83 -35.79 -28.85
CA LEU E 97 9.07 -35.02 -27.63
C LEU E 97 10.55 -34.68 -27.42
N ALA E 98 11.43 -35.61 -27.76
CA ALA E 98 12.87 -35.42 -27.56
C ALA E 98 13.36 -34.33 -28.49
N ASP E 99 12.96 -34.38 -29.76
CA ASP E 99 13.35 -33.34 -30.72
C ASP E 99 12.84 -31.96 -30.28
N THR E 100 11.65 -31.94 -29.70
CA THR E 100 11.00 -30.72 -29.20
C THR E 100 11.76 -30.08 -28.04
N ILE E 101 12.25 -30.91 -27.12
CA ILE E 101 13.11 -30.51 -25.98
C ILE E 101 14.49 -30.01 -26.42
N ARG E 102 15.20 -30.79 -27.22
CA ARG E 102 16.46 -30.31 -27.83
C ARG E 102 16.27 -28.94 -28.53
N THR E 103 15.14 -28.77 -29.23
CA THR E 103 14.82 -27.53 -29.93
C THR E 103 14.85 -26.38 -28.94
N LEU E 104 14.06 -26.47 -27.88
CA LEU E 104 13.96 -25.36 -26.91
C LEU E 104 15.18 -25.28 -26.00
N ASP E 105 15.88 -26.39 -25.81
CA ASP E 105 17.22 -26.35 -25.20
C ASP E 105 18.23 -25.49 -26.00
N SER E 106 18.12 -25.53 -27.33
CA SER E 106 18.98 -24.69 -28.16
C SER E 106 18.88 -23.20 -27.83
N TYR E 107 17.76 -22.74 -27.29
CA TYR E 107 17.50 -21.33 -27.16
C TYR E 107 17.55 -20.82 -25.75
N SER E 108 17.37 -21.73 -24.78
CA SER E 108 17.00 -21.33 -23.45
C SER E 108 18.08 -21.57 -22.42
N ASP E 109 17.96 -20.88 -21.28
CA ASP E 109 18.77 -21.17 -20.08
C ASP E 109 18.06 -22.07 -19.08
N VAL E 110 16.73 -22.15 -19.17
CA VAL E 110 15.98 -23.06 -18.33
C VAL E 110 14.66 -23.46 -18.99
N LEU E 111 14.23 -24.69 -18.76
CA LEU E 111 12.93 -25.19 -19.24
C LEU E 111 11.98 -25.48 -18.10
N VAL E 112 10.72 -25.14 -18.27
CA VAL E 112 9.69 -25.49 -17.29
C VAL E 112 8.72 -26.36 -18.03
N MET E 113 8.54 -27.58 -17.54
CA MET E 113 7.87 -28.61 -18.31
C MET E 113 6.73 -29.28 -17.52
N ARG E 114 5.54 -29.31 -18.12
CA ARG E 114 4.42 -30.08 -17.65
C ARG E 114 4.06 -31.10 -18.69
N HIS E 115 3.85 -32.36 -18.30
CA HIS E 115 3.46 -33.40 -19.28
C HIS E 115 2.44 -34.36 -18.68
N PRO E 116 1.46 -34.82 -19.48
CA PRO E 116 0.48 -35.79 -18.95
C PRO E 116 1.07 -37.15 -18.59
N ARG E 117 2.05 -37.61 -19.41
CA ARG E 117 2.87 -38.79 -19.11
C ARG E 117 3.86 -38.51 -17.98
N GLN E 118 4.01 -39.51 -17.11
CA GLN E 118 4.81 -39.44 -15.88
C GLN E 118 6.32 -39.53 -16.17
N ASP E 119 6.67 -40.39 -17.11
CA ASP E 119 8.06 -40.63 -17.47
C ASP E 119 8.60 -39.61 -18.47
N ALA E 120 7.75 -38.75 -19.00
CA ALA E 120 8.21 -37.71 -19.93
C ALA E 120 9.34 -36.84 -19.35
N ILE E 121 9.33 -36.58 -18.04
CA ILE E 121 10.45 -35.84 -17.44
C ILE E 121 11.79 -36.58 -17.62
N GLU E 122 11.81 -37.89 -17.38
CA GLU E 122 13.01 -38.71 -17.62
C GLU E 122 13.50 -38.67 -19.07
N GLU E 123 12.61 -38.94 -20.04
CA GLU E 123 12.95 -38.74 -21.47
C GLU E 123 13.61 -37.39 -21.70
N ALA E 124 13.03 -36.35 -21.08
CA ALA E 124 13.45 -34.97 -21.33
C ALA E 124 14.77 -34.66 -20.70
N LEU E 125 14.96 -35.03 -19.44
CA LEU E 125 16.28 -34.96 -18.88
C LEU E 125 17.33 -35.61 -19.78
N SER E 126 17.01 -36.77 -20.34
CA SER E 126 18.04 -37.56 -21.02
C SER E 126 18.67 -36.87 -22.25
N VAL E 127 18.10 -35.74 -22.69
CA VAL E 127 18.60 -35.02 -23.88
C VAL E 127 18.86 -33.54 -23.69
N ALA E 128 18.28 -32.91 -22.68
CA ALA E 128 18.50 -31.47 -22.45
C ALA E 128 19.86 -31.21 -21.80
N GLN E 129 20.51 -30.14 -22.23
CA GLN E 129 21.74 -29.64 -21.60
C GLN E 129 21.41 -28.76 -20.43
N HIS E 130 20.47 -27.84 -20.64
CA HIS E 130 20.08 -26.91 -19.59
C HIS E 130 19.10 -27.56 -18.59
N PRO E 131 18.99 -27.02 -17.37
CA PRO E 131 18.04 -27.51 -16.39
C PRO E 131 16.57 -27.51 -16.80
N ILE E 132 15.86 -28.52 -16.31
CA ILE E 132 14.45 -28.64 -16.50
C ILE E 132 13.76 -28.56 -15.12
N LEU E 133 12.80 -27.66 -14.99
CA LEU E 133 11.98 -27.61 -13.77
C LEU E 133 10.67 -28.36 -13.99
N ASN E 134 10.44 -29.41 -13.19
CA ASN E 134 9.22 -30.23 -13.30
C ASN E 134 7.98 -29.49 -12.78
N ALA E 135 7.12 -29.05 -13.69
CA ALA E 135 5.89 -28.35 -13.29
C ALA E 135 4.67 -29.27 -13.24
N GLY E 136 4.91 -30.58 -13.32
CA GLY E 136 3.86 -31.58 -13.24
C GLY E 136 4.08 -32.71 -14.26
N ASN E 137 4.22 -33.94 -13.77
CA ASN E 137 4.37 -35.08 -14.66
C ASN E 137 3.33 -36.16 -14.38
N GLY E 138 2.25 -36.10 -15.17
CA GLY E 138 1.11 -36.95 -14.96
C GLY E 138 0.71 -36.87 -13.52
N ALA E 139 0.48 -38.04 -12.92
CA ALA E 139 0.12 -38.18 -11.52
C ALA E 139 1.33 -38.43 -10.62
N GLY E 140 2.53 -38.12 -11.10
CA GLY E 140 3.75 -38.36 -10.34
C GLY E 140 3.93 -37.30 -9.28
N GLU E 141 4.51 -36.17 -9.70
CA GLU E 141 4.96 -35.16 -8.73
C GLU E 141 4.89 -33.74 -9.22
N HIS E 142 5.03 -32.84 -8.28
CA HIS E 142 4.88 -31.41 -8.54
C HIS E 142 5.74 -30.68 -7.51
N PRO E 143 7.08 -30.82 -7.64
CA PRO E 143 8.01 -30.49 -6.56
C PRO E 143 8.05 -29.03 -6.16
N THR E 144 7.79 -28.11 -7.09
CA THR E 144 7.84 -26.68 -6.73
C THR E 144 6.56 -26.29 -6.02
N GLN E 145 5.46 -26.98 -6.30
CA GLN E 145 4.27 -26.78 -5.50
C GLN E 145 4.59 -27.18 -4.08
N ALA E 146 5.20 -28.36 -3.92
CA ALA E 146 5.64 -28.82 -2.57
C ALA E 146 6.35 -27.74 -1.78
N LEU E 147 7.37 -27.18 -2.42
CA LEU E 147 8.17 -26.13 -1.83
C LEU E 147 7.40 -24.82 -1.58
N LEU E 148 6.50 -24.45 -2.48
CA LEU E 148 5.71 -23.24 -2.21
C LEU E 148 4.70 -23.45 -1.08
N ASP E 149 4.03 -24.59 -1.11
CA ASP E 149 3.14 -25.03 -0.03
C ASP E 149 3.82 -24.98 1.34
N THR E 150 5.08 -25.38 1.38
CA THR E 150 5.75 -25.57 2.63
C THR E 150 6.13 -24.18 3.12
N LEU E 151 6.47 -23.32 2.15
CA LEU E 151 6.64 -21.88 2.44
C LEU E 151 5.35 -21.28 3.04
N THR E 152 4.20 -21.75 2.57
CA THR E 152 2.94 -21.17 2.98
C THR E 152 2.70 -21.52 4.45
N ILE E 153 2.81 -22.81 4.76
CA ILE E 153 2.68 -23.29 6.13
C ILE E 153 3.66 -22.58 7.05
N HIS E 154 4.93 -22.57 6.68
CA HIS E 154 5.95 -21.89 7.47
C HIS E 154 5.53 -20.47 7.87
N SER E 155 5.20 -19.65 6.87
CA SER E 155 4.99 -18.23 7.08
C SER E 155 3.68 -17.88 7.76
N GLU E 156 2.68 -18.77 7.69
CA GLU E 156 1.33 -18.54 8.22
C GLU E 156 1.17 -19.04 9.62
N LEU E 157 1.77 -20.18 9.90
CA LEU E 157 1.70 -20.81 11.21
C LEU E 157 2.98 -20.58 12.02
N GLY E 158 4.08 -20.27 11.33
CA GLY E 158 5.31 -19.95 12.01
C GLY E 158 6.21 -21.14 12.20
N SER E 159 5.67 -22.35 12.05
CA SER E 159 6.45 -23.55 12.26
C SER E 159 6.00 -24.65 11.30
N VAL E 160 6.92 -25.48 10.85
CA VAL E 160 6.56 -26.69 10.10
C VAL E 160 6.74 -27.92 10.99
N ASP E 161 7.87 -28.03 11.69
CA ASP E 161 7.97 -29.11 12.72
C ASP E 161 6.80 -29.02 13.68
N GLY E 162 6.27 -30.17 14.07
CA GLY E 162 5.17 -30.22 15.05
C GLY E 162 3.77 -30.31 14.48
N ILE E 163 3.51 -29.86 13.25
CA ILE E 163 2.10 -29.75 12.78
C ILE E 163 1.40 -31.07 12.53
N THR E 164 0.08 -30.97 12.59
CA THR E 164 -0.81 -32.03 12.16
C THR E 164 -1.43 -31.52 10.86
N ILE E 165 -1.20 -32.25 9.77
CA ILE E 165 -1.75 -31.91 8.46
C ILE E 165 -2.69 -33.01 7.96
N ALA E 166 -3.77 -32.56 7.34
CA ALA E 166 -4.68 -33.45 6.64
C ALA E 166 -4.59 -33.21 5.13
N LEU E 167 -4.27 -34.25 4.37
CA LEU E 167 -4.28 -34.25 2.92
C LEU E 167 -5.58 -34.88 2.43
N ILE E 168 -6.32 -34.10 1.65
CA ILE E 168 -7.72 -34.34 1.42
C ILE E 168 -7.93 -34.41 -0.08
N GLY E 169 -8.83 -35.30 -0.50
CA GLY E 169 -9.33 -35.36 -1.85
C GLY E 169 -8.76 -36.53 -2.63
N ASP E 170 -8.35 -36.25 -3.85
CA ASP E 170 -7.82 -37.24 -4.74
C ASP E 170 -6.31 -37.35 -4.47
N LEU E 171 -5.99 -38.28 -3.59
CA LEU E 171 -4.60 -38.58 -3.20
C LEU E 171 -3.95 -39.54 -4.20
N LYS E 172 -4.77 -40.28 -4.92
CA LYS E 172 -4.20 -41.23 -5.85
C LYS E 172 -3.55 -40.48 -7.02
N MET E 173 -4.32 -39.63 -7.71
CA MET E 173 -3.82 -38.91 -8.88
C MET E 173 -3.22 -37.53 -8.55
N GLY E 174 -3.24 -37.14 -7.27
CA GLY E 174 -2.81 -35.79 -6.88
C GLY E 174 -1.31 -35.62 -6.75
N ARG E 175 -0.67 -35.19 -7.83
CA ARG E 175 0.79 -35.06 -7.82
C ARG E 175 1.26 -34.08 -6.73
N THR E 176 0.37 -33.14 -6.42
CA THR E 176 0.51 -32.19 -5.34
C THR E 176 0.81 -32.89 -4.00
N VAL E 177 -0.10 -33.77 -3.54
CA VAL E 177 0.08 -34.39 -2.23
C VAL E 177 1.23 -35.41 -2.25
N HIS E 178 1.58 -35.88 -3.43
CA HIS E 178 2.68 -36.81 -3.56
C HIS E 178 3.96 -36.14 -3.17
N SER E 179 4.21 -34.98 -3.75
CA SER E 179 5.45 -34.24 -3.51
C SER E 179 5.43 -33.64 -2.09
N LEU E 180 4.26 -33.28 -1.60
CA LEU E 180 4.19 -32.63 -0.32
C LEU E 180 4.45 -33.60 0.86
N LEU E 181 3.71 -34.71 0.85
CA LEU E 181 3.96 -35.75 1.83
C LEU E 181 5.43 -36.11 1.84
N LYS E 182 5.97 -36.29 0.66
CA LYS E 182 7.39 -36.56 0.51
C LYS E 182 8.20 -35.49 1.20
N LEU E 183 7.97 -34.24 0.82
CA LEU E 183 8.83 -33.14 1.25
C LEU E 183 8.74 -32.86 2.76
N LEU E 184 7.54 -32.95 3.30
CA LEU E 184 7.34 -32.72 4.77
C LEU E 184 7.86 -33.90 5.62
N VAL E 185 7.63 -35.13 5.16
CA VAL E 185 7.94 -36.27 6.00
C VAL E 185 9.42 -36.60 5.98
N ARG E 186 10.11 -36.27 4.89
CA ARG E 186 11.53 -36.48 4.81
C ARG E 186 12.35 -35.45 5.58
N ASN E 187 11.87 -34.22 5.72
CA ASN E 187 12.72 -33.14 6.27
C ASN E 187 12.20 -32.49 7.56
N PHE E 188 11.04 -32.94 8.03
CA PHE E 188 10.37 -32.29 9.17
C PHE E 188 9.79 -33.28 10.19
N SER E 189 9.57 -32.76 11.39
CA SER E 189 9.02 -33.54 12.49
C SER E 189 7.51 -33.46 12.49
N ILE E 190 6.89 -34.09 11.50
CA ILE E 190 5.46 -34.00 11.34
C ILE E 190 4.81 -34.84 12.38
N LYS E 191 3.98 -34.23 13.21
CA LYS E 191 3.31 -34.95 14.25
C LYS E 191 2.43 -36.01 13.60
N CYS E 192 1.48 -35.58 12.78
CA CYS E 192 0.43 -36.47 12.27
C CYS E 192 -0.05 -36.09 10.89
N VAL E 193 -0.27 -37.10 10.05
CA VAL E 193 -0.80 -36.91 8.70
C VAL E 193 -2.10 -37.66 8.53
N PHE E 194 -3.23 -36.95 8.51
CA PHE E 194 -4.50 -37.61 8.19
C PHE E 194 -4.62 -37.71 6.68
N LEU E 195 -4.81 -38.93 6.18
CA LEU E 195 -5.00 -39.14 4.75
C LEU E 195 -6.49 -39.33 4.48
N VAL E 196 -7.13 -38.27 3.99
CA VAL E 196 -8.58 -38.20 3.84
C VAL E 196 -8.98 -38.30 2.38
N ALA E 197 -9.58 -39.44 2.06
CA ALA E 197 -9.97 -39.75 0.70
C ALA E 197 -10.89 -40.96 0.71
N PRO E 198 -11.75 -41.08 -0.30
CA PRO E 198 -12.42 -42.36 -0.46
C PRO E 198 -11.37 -43.46 -0.70
N ASP E 199 -11.71 -44.68 -0.35
CA ASP E 199 -10.80 -45.81 -0.53
C ASP E 199 -10.13 -45.84 -1.92
N ALA E 200 -10.88 -45.57 -2.98
CA ALA E 200 -10.35 -45.66 -4.35
C ALA E 200 -9.29 -44.60 -4.71
N LEU E 201 -9.15 -43.58 -3.87
CA LEU E 201 -8.28 -42.45 -4.19
C LEU E 201 -7.29 -42.18 -3.07
N GLN E 202 -7.00 -43.21 -2.28
CA GLN E 202 -6.05 -43.07 -1.17
C GLN E 202 -4.64 -42.79 -1.68
N MET E 203 -3.79 -42.36 -0.76
CA MET E 203 -2.39 -42.13 -1.02
C MET E 203 -1.70 -43.44 -1.45
N PRO E 204 -0.99 -43.45 -2.58
CA PRO E 204 -0.42 -44.74 -3.02
C PRO E 204 0.69 -45.32 -2.13
N GLN E 205 0.79 -46.65 -2.14
CA GLN E 205 1.88 -47.31 -1.44
C GLN E 205 3.26 -46.87 -1.95
N ASP E 206 3.39 -46.68 -3.27
CA ASP E 206 4.67 -46.18 -3.86
C ASP E 206 5.12 -44.78 -3.37
N VAL E 207 4.21 -43.98 -2.81
CA VAL E 207 4.61 -42.76 -2.08
C VAL E 207 4.90 -43.16 -0.62
N LEU E 208 4.00 -43.91 -0.01
CA LEU E 208 4.09 -44.25 1.40
C LEU E 208 5.28 -45.16 1.79
N GLU E 209 5.68 -46.06 0.92
CA GLU E 209 6.76 -47.00 1.24
C GLU E 209 8.14 -46.39 1.33
N PRO E 210 8.61 -45.69 0.27
CA PRO E 210 9.92 -45.06 0.38
C PRO E 210 10.09 -44.23 1.62
N LEU E 211 8.98 -43.91 2.29
CA LEU E 211 8.98 -43.15 3.54
C LEU E 211 8.90 -43.95 4.85
N GLN E 212 8.70 -45.26 4.80
CA GLN E 212 8.42 -46.00 6.03
C GLN E 212 9.49 -45.77 7.11
N HIS E 213 10.74 -45.57 6.70
CA HIS E 213 11.85 -45.39 7.64
C HIS E 213 11.77 -44.06 8.38
N GLU E 214 11.54 -43.00 7.59
CA GLU E 214 11.39 -41.65 8.12
C GLU E 214 10.16 -41.51 9.02
N ILE E 215 9.04 -42.12 8.61
CA ILE E 215 7.84 -42.15 9.45
C ILE E 215 8.09 -42.90 10.75
N ALA E 216 8.77 -44.04 10.66
CA ALA E 216 8.93 -44.93 11.80
C ALA E 216 9.78 -44.18 12.78
N THR E 217 11.01 -43.94 12.38
CA THR E 217 12.01 -43.28 13.21
C THR E 217 11.50 -42.00 13.87
N LYS E 218 10.89 -41.11 13.07
CA LYS E 218 10.51 -39.78 13.59
C LYS E 218 9.22 -39.84 14.36
N GLY E 219 8.52 -40.97 14.26
CA GLY E 219 7.38 -41.26 15.13
C GLY E 219 6.10 -40.64 14.61
N VAL E 220 6.02 -40.59 13.29
CA VAL E 220 4.96 -39.93 12.57
C VAL E 220 3.68 -40.75 12.55
N ILE E 221 2.60 -40.10 12.96
CA ILE E 221 1.29 -40.73 13.05
C ILE E 221 0.58 -40.61 11.71
N ILE E 222 0.10 -41.72 11.18
CA ILE E 222 -0.59 -41.79 9.91
C ILE E 222 -1.95 -42.39 10.21
N HIS E 223 -3.04 -41.66 9.92
CA HIS E 223 -4.41 -42.17 10.09
C HIS E 223 -5.11 -41.98 8.75
N ARG E 224 -5.80 -43.01 8.26
CA ARG E 224 -6.64 -42.95 7.06
C ARG E 224 -8.13 -42.82 7.41
N THR E 225 -8.84 -41.93 6.73
CA THR E 225 -10.28 -41.73 6.93
C THR E 225 -10.91 -41.50 5.58
N HIS E 226 -12.23 -41.65 5.50
CA HIS E 226 -12.96 -41.31 4.28
C HIS E 226 -13.86 -40.09 4.51
N ALA E 227 -13.64 -39.37 5.60
CA ALA E 227 -14.37 -38.15 5.87
C ALA E 227 -13.56 -37.16 6.71
N LEU E 228 -13.97 -35.90 6.70
CA LEU E 228 -13.45 -34.96 7.66
C LEU E 228 -14.22 -35.18 8.95
N THR E 229 -13.75 -36.13 9.72
CA THR E 229 -14.26 -36.33 11.05
C THR E 229 -14.01 -35.08 11.91
N ASP E 230 -14.83 -34.93 12.95
CA ASP E 230 -14.55 -33.96 14.00
C ASP E 230 -13.10 -34.05 14.50
N GLU E 231 -12.54 -35.26 14.52
CA GLU E 231 -11.17 -35.49 15.02
C GLU E 231 -10.17 -34.78 14.11
N VAL E 232 -10.34 -35.01 12.82
CA VAL E 232 -9.49 -34.39 11.81
C VAL E 232 -9.71 -32.90 11.83
N MET E 233 -10.97 -32.49 11.83
CA MET E 233 -11.30 -31.06 11.93
C MET E 233 -10.74 -30.40 13.18
N GLN E 234 -10.81 -31.08 14.32
CA GLN E 234 -10.40 -30.46 15.58
C GLN E 234 -8.90 -30.49 15.83
N LYS E 235 -8.20 -31.47 15.26
CA LYS E 235 -6.78 -31.58 15.53
C LYS E 235 -5.87 -30.95 14.48
N SER E 236 -6.38 -30.60 13.31
CA SER E 236 -5.48 -30.28 12.18
C SER E 236 -5.03 -28.84 12.17
N ASP E 237 -3.71 -28.62 12.12
CA ASP E 237 -3.18 -27.28 11.92
C ASP E 237 -3.28 -26.87 10.44
N VAL E 238 -3.39 -27.86 9.55
CA VAL E 238 -3.45 -27.62 8.10
C VAL E 238 -4.44 -28.57 7.40
N LEU E 239 -5.46 -28.01 6.76
CA LEU E 239 -6.33 -28.79 5.89
C LEU E 239 -5.95 -28.46 4.45
N TYR E 240 -5.23 -29.39 3.83
CA TYR E 240 -4.73 -29.19 2.49
C TYR E 240 -5.59 -30.07 1.61
N THR E 241 -6.52 -29.47 0.86
CA THR E 241 -7.47 -30.25 0.05
C THR E 241 -7.25 -30.09 -1.46
N THR E 242 -7.85 -30.99 -2.23
CA THR E 242 -7.53 -31.15 -3.62
C THR E 242 -8.78 -31.43 -4.42
N ARG E 243 -8.73 -30.99 -5.66
CA ARG E 243 -9.70 -31.33 -6.68
C ARG E 243 -9.56 -32.79 -7.06
N LEU E 244 -10.69 -33.33 -7.50
CA LEU E 244 -10.78 -34.66 -8.03
C LEU E 244 -10.23 -34.56 -9.45
N GLN E 245 -9.13 -35.27 -9.74
CA GLN E 245 -8.43 -35.15 -11.03
C GLN E 245 -9.18 -35.82 -12.20
N LYS E 246 -10.32 -35.24 -12.60
CA LYS E 246 -11.28 -35.87 -13.55
C LYS E 246 -10.68 -36.28 -14.89
N GLU E 247 -9.69 -35.53 -15.36
CA GLU E 247 -9.00 -35.79 -16.62
C GLU E 247 -8.13 -37.03 -16.60
N ARG E 248 -7.87 -37.58 -15.41
CA ARG E 248 -7.09 -38.81 -15.27
C ARG E 248 -7.90 -40.13 -15.32
N PHE E 249 -9.24 -40.05 -15.41
CA PHE E 249 -10.12 -41.23 -15.49
C PHE E 249 -9.53 -42.51 -16.13
N ALA E 267 -19.75 -36.22 -1.44
CA ALA E 267 -20.48 -36.11 -0.19
C ALA E 267 -19.60 -35.53 0.96
N ASP E 268 -18.87 -36.37 1.71
CA ASP E 268 -18.34 -35.92 3.03
C ASP E 268 -16.84 -35.59 3.18
N ILE E 269 -16.22 -34.97 2.19
CA ILE E 269 -14.92 -34.28 2.40
C ILE E 269 -14.96 -32.78 2.10
N THR E 270 -16.14 -32.25 1.77
CA THR E 270 -16.30 -30.87 1.38
C THR E 270 -15.98 -29.98 2.57
N ILE E 271 -15.25 -28.90 2.29
CA ILE E 271 -15.05 -27.83 3.26
C ILE E 271 -15.87 -26.62 2.84
N ASP E 272 -16.83 -26.29 3.72
CA ASP E 272 -17.67 -25.09 3.70
C ASP E 272 -17.62 -24.46 5.09
N ALA E 273 -18.21 -23.26 5.20
CA ALA E 273 -18.18 -22.43 6.44
C ALA E 273 -18.67 -23.15 7.67
N ALA E 274 -19.68 -23.99 7.47
CA ALA E 274 -20.27 -24.78 8.55
C ALA E 274 -19.25 -25.81 9.05
N ARG E 275 -18.64 -26.59 8.16
CA ARG E 275 -17.59 -27.49 8.61
C ARG E 275 -16.47 -26.76 9.39
N MET E 276 -16.14 -25.52 9.00
CA MET E 276 -15.05 -24.73 9.64
C MET E 276 -15.37 -24.28 11.06
N ARG E 277 -16.65 -24.37 11.43
CA ARG E 277 -17.00 -24.17 12.82
C ARG E 277 -16.31 -25.21 13.71
N LEU E 278 -15.82 -26.31 13.16
CA LEU E 278 -15.12 -27.28 14.00
C LEU E 278 -13.62 -27.10 14.06
N ALA E 279 -13.05 -26.24 13.19
CA ALA E 279 -11.60 -26.12 13.07
C ALA E 279 -11.03 -25.30 14.20
N LYS E 280 -9.71 -25.40 14.40
CA LYS E 280 -9.03 -24.55 15.36
C LYS E 280 -9.03 -23.11 14.92
N GLU E 281 -8.87 -22.22 15.89
CA GLU E 281 -8.64 -20.81 15.60
C GLU E 281 -7.26 -20.59 14.98
N LYS E 282 -6.28 -21.41 15.33
CA LYS E 282 -4.95 -21.25 14.74
C LYS E 282 -4.59 -22.37 13.78
N MET E 283 -5.14 -22.29 12.57
CA MET E 283 -4.85 -23.21 11.47
C MET E 283 -5.01 -22.49 10.14
N ILE E 284 -4.78 -23.21 9.04
CA ILE E 284 -5.06 -22.70 7.69
C ILE E 284 -5.66 -23.79 6.82
N VAL E 285 -6.45 -23.31 5.84
CA VAL E 285 -6.90 -24.15 4.74
C VAL E 285 -6.05 -23.82 3.53
N MET E 286 -5.49 -24.87 2.93
CA MET E 286 -4.74 -24.74 1.71
C MET E 286 -5.39 -25.63 0.65
N HIS E 287 -5.19 -25.25 -0.62
CA HIS E 287 -5.67 -25.97 -1.81
C HIS E 287 -4.73 -25.57 -2.93
N PRO E 288 -4.08 -26.54 -3.60
CA PRO E 288 -3.18 -26.19 -4.73
C PRO E 288 -3.83 -25.43 -5.88
N LEU E 289 -5.15 -25.44 -5.90
CA LEU E 289 -6.00 -24.98 -6.97
C LEU E 289 -5.63 -25.66 -8.26
N PRO E 290 -6.58 -25.72 -9.21
CA PRO E 290 -7.90 -25.14 -9.13
C PRO E 290 -8.86 -25.98 -8.32
N ARG E 291 -9.85 -25.30 -7.75
CA ARG E 291 -10.86 -25.95 -6.95
C ARG E 291 -12.19 -26.18 -7.72
N ASN E 292 -12.91 -27.23 -7.31
CA ASN E 292 -14.31 -27.46 -7.70
C ASN E 292 -15.16 -27.31 -6.43
N ASP E 293 -16.27 -28.01 -6.27
CA ASP E 293 -17.12 -27.74 -5.09
C ASP E 293 -16.63 -28.39 -3.75
N GLU E 294 -15.50 -29.12 -3.78
CA GLU E 294 -14.88 -29.67 -2.56
C GLU E 294 -14.42 -28.61 -1.53
N LEU E 295 -14.17 -27.40 -2.04
CA LEU E 295 -13.80 -26.26 -1.22
C LEU E 295 -14.69 -25.09 -1.55
N SER E 296 -15.64 -24.78 -0.67
CA SER E 296 -16.72 -23.83 -0.98
C SER E 296 -16.31 -22.35 -0.87
N THR E 297 -16.89 -21.51 -1.72
CA THR E 297 -16.66 -20.07 -1.62
C THR E 297 -17.12 -19.50 -0.26
N THR E 298 -17.95 -20.24 0.47
CA THR E 298 -18.32 -19.80 1.83
C THR E 298 -17.13 -19.63 2.79
N VAL E 299 -16.00 -20.27 2.49
CA VAL E 299 -14.78 -20.18 3.32
C VAL E 299 -13.85 -19.00 2.92
N ASP E 300 -13.99 -18.50 1.70
CA ASP E 300 -13.07 -17.47 1.20
C ASP E 300 -12.83 -16.30 2.19
N ALA E 301 -13.88 -15.83 2.88
CA ALA E 301 -13.78 -14.65 3.74
C ALA E 301 -13.14 -14.95 5.10
N ASP E 302 -13.03 -16.25 5.43
CA ASP E 302 -12.39 -16.71 6.65
C ASP E 302 -10.88 -16.38 6.60
N PRO E 303 -10.32 -15.80 7.68
CA PRO E 303 -8.88 -15.45 7.70
C PRO E 303 -7.95 -16.63 7.46
N ARG E 304 -8.48 -17.81 7.77
CA ARG E 304 -7.77 -19.07 7.71
C ARG E 304 -7.76 -19.66 6.28
N ALA E 305 -8.55 -19.08 5.38
CA ALA E 305 -8.46 -19.42 3.95
C ALA E 305 -7.15 -18.87 3.43
N ALA E 306 -6.17 -19.76 3.27
CA ALA E 306 -4.83 -19.40 2.84
C ALA E 306 -4.57 -19.73 1.34
N TYR E 307 -5.53 -20.34 0.71
CA TYR E 307 -5.32 -20.83 -0.64
C TYR E 307 -5.13 -19.75 -1.73
N PHE E 308 -5.50 -18.50 -1.46
CA PHE E 308 -5.08 -17.41 -2.36
C PHE E 308 -3.68 -16.92 -2.01
N ARG E 309 -3.47 -16.58 -0.76
CA ARG E 309 -2.15 -16.15 -0.29
C ARG E 309 -1.09 -17.14 -0.81
N GLN E 310 -1.43 -18.42 -0.72
CA GLN E 310 -0.63 -19.53 -1.27
C GLN E 310 -0.07 -19.24 -2.69
N MET E 311 -0.90 -18.68 -3.55
CA MET E 311 -0.48 -18.44 -4.93
C MET E 311 0.64 -17.39 -4.97
N ARG E 312 0.51 -16.38 -4.10
CA ARG E 312 1.52 -15.31 -4.03
C ARG E 312 2.85 -15.88 -3.55
N TYR E 313 2.85 -16.59 -2.41
CA TYR E 313 4.01 -17.34 -1.96
C TYR E 313 4.64 -18.10 -3.13
N GLY E 314 3.82 -18.80 -3.90
CA GLY E 314 4.32 -19.54 -5.05
C GLY E 314 5.26 -18.74 -5.97
N MET E 315 4.87 -17.49 -6.25
CA MET E 315 5.68 -16.64 -7.09
C MET E 315 7.03 -16.38 -6.43
N PHE E 316 7.03 -16.01 -5.16
CA PHE E 316 8.28 -15.70 -4.50
C PHE E 316 9.16 -16.90 -4.37
N MET E 317 8.57 -18.07 -4.09
CA MET E 317 9.36 -19.29 -3.97
C MET E 317 10.00 -19.62 -5.33
N ARG E 318 9.20 -19.44 -6.37
CA ARG E 318 9.68 -19.70 -7.72
C ARG E 318 10.79 -18.73 -8.13
N MET E 319 10.69 -17.47 -7.67
CA MET E 319 11.81 -16.51 -7.83
C MET E 319 13.05 -17.04 -7.11
N ALA E 320 12.89 -17.59 -5.91
CA ALA E 320 14.04 -18.21 -5.20
C ALA E 320 14.65 -19.39 -5.94
N ILE E 321 13.79 -20.22 -6.51
CA ILE E 321 14.21 -21.35 -7.29
C ILE E 321 14.93 -20.94 -8.59
N LEU E 322 14.32 -20.05 -9.37
CA LEU E 322 14.93 -19.67 -10.65
C LEU E 322 16.28 -19.00 -10.42
N TRP E 323 16.36 -18.17 -9.39
CA TRP E 323 17.65 -17.51 -9.04
C TRP E 323 18.73 -18.51 -8.60
N SER E 324 18.40 -19.40 -7.66
CA SER E 324 19.34 -20.42 -7.22
C SER E 324 19.82 -21.28 -8.37
N VAL E 325 18.89 -21.73 -9.22
CA VAL E 325 19.26 -22.62 -10.35
C VAL E 325 20.22 -21.95 -11.34
N LEU E 326 20.04 -20.64 -11.54
CA LEU E 326 20.65 -19.88 -12.64
C LEU E 326 21.71 -18.85 -12.22
N ALA E 327 21.88 -18.63 -10.94
CA ALA E 327 22.94 -17.73 -10.47
C ALA E 327 24.30 -18.18 -10.99
N MET F 2 9.56 10.61 -14.64
CA MET F 2 10.61 11.25 -15.49
C MET F 2 10.22 12.67 -15.91
N LEU F 3 11.12 13.33 -16.64
CA LEU F 3 11.14 14.78 -16.79
C LEU F 3 9.86 15.36 -17.44
N GLU F 4 9.70 15.11 -18.75
CA GLU F 4 8.56 15.67 -19.48
C GLU F 4 7.24 14.90 -19.31
N LEU F 5 7.22 13.83 -18.52
CA LEU F 5 6.06 12.92 -18.52
C LEU F 5 5.36 12.83 -17.17
N PRO F 6 4.77 13.94 -16.70
CA PRO F 6 4.08 13.79 -15.43
C PRO F 6 2.89 12.87 -15.58
N PRO F 7 2.72 11.90 -14.66
CA PRO F 7 1.51 11.09 -14.73
C PRO F 7 0.28 11.93 -14.41
N VAL F 8 -0.88 11.46 -14.89
CA VAL F 8 -2.15 12.06 -14.55
C VAL F 8 -2.60 11.45 -13.24
N ALA F 9 -2.60 12.27 -12.20
CA ALA F 9 -2.64 11.81 -10.81
C ALA F 9 -3.94 11.10 -10.44
N SER F 10 -5.03 11.57 -11.05
CA SER F 10 -6.39 11.09 -10.75
C SER F 10 -6.58 9.66 -11.21
N LEU F 11 -5.77 9.17 -12.14
CA LEU F 11 -5.83 7.74 -12.51
C LEU F 11 -4.99 6.79 -11.62
N LYS F 12 -4.19 7.32 -10.69
CA LYS F 12 -3.30 6.47 -9.91
C LYS F 12 -4.04 5.32 -9.14
N GLY F 13 -3.63 4.08 -9.43
CA GLY F 13 -4.10 2.92 -8.70
C GLY F 13 -5.54 2.54 -8.98
N LYS F 14 -6.15 3.15 -10.01
CA LYS F 14 -7.60 2.99 -10.25
C LYS F 14 -7.95 2.08 -11.43
N SER F 15 -9.02 1.31 -11.27
CA SER F 15 -9.49 0.55 -12.39
C SER F 15 -10.17 1.48 -13.39
N ILE F 16 -10.14 1.09 -14.65
CA ILE F 16 -10.85 1.81 -15.68
C ILE F 16 -11.93 0.94 -16.30
N THR F 17 -13.19 1.31 -16.08
CA THR F 17 -14.35 0.54 -16.54
C THR F 17 -15.31 1.28 -17.47
N SER F 18 -15.40 2.61 -17.35
CA SER F 18 -16.37 3.37 -18.07
C SER F 18 -15.80 4.73 -18.49
N ALA F 19 -16.20 5.17 -19.67
CA ALA F 19 -16.00 6.57 -20.12
C ALA F 19 -16.51 7.64 -19.15
N GLU F 20 -17.49 7.26 -18.32
CA GLU F 20 -18.10 8.18 -17.37
C GLU F 20 -17.24 8.65 -16.20
N GLN F 21 -16.08 8.03 -16.00
CA GLN F 21 -15.28 8.24 -14.80
C GLN F 21 -14.20 9.31 -14.99
N PHE F 22 -14.13 9.83 -16.19
CA PHE F 22 -13.10 10.77 -16.52
C PHE F 22 -13.76 12.12 -16.62
N SER F 23 -13.07 13.11 -16.09
CA SER F 23 -13.41 14.51 -16.27
C SER F 23 -12.72 15.04 -17.53
N ARG F 24 -13.18 16.20 -18.01
CA ARG F 24 -12.60 16.97 -19.11
C ARG F 24 -11.11 17.16 -18.91
N ALA F 25 -10.72 17.63 -17.74
CA ALA F 25 -9.32 17.83 -17.48
C ALA F 25 -8.53 16.48 -17.52
N ASP F 26 -9.21 15.37 -17.17
CA ASP F 26 -8.54 14.08 -17.22
C ASP F 26 -8.11 13.77 -18.61
N ILE F 27 -9.07 13.90 -19.53
CA ILE F 27 -8.89 13.53 -20.93
C ILE F 27 -7.80 14.41 -21.53
N TYR F 28 -7.89 15.70 -21.29
CA TYR F 28 -6.86 16.57 -21.79
C TYR F 28 -5.45 16.29 -21.21
N ALA F 29 -5.38 15.90 -19.94
CA ALA F 29 -4.08 15.61 -19.37
C ALA F 29 -3.54 14.34 -20.02
N LEU F 30 -4.43 13.46 -20.44
CA LEU F 30 -4.02 12.20 -21.08
C LEU F 30 -3.57 12.50 -22.50
N ILE F 31 -4.34 13.32 -23.21
CA ILE F 31 -4.00 13.75 -24.57
C ILE F 31 -2.60 14.35 -24.61
N HIS F 32 -2.33 15.35 -23.77
CA HIS F 32 -1.05 16.01 -23.75
C HIS F 32 0.14 15.08 -23.34
N LEU F 33 -0.07 14.23 -22.34
CA LEU F 33 0.93 13.22 -21.99
C LEU F 33 1.13 12.19 -23.13
N ALA F 34 0.03 11.76 -23.74
CA ALA F 34 0.03 10.85 -24.89
C ALA F 34 0.83 11.44 -26.05
N SER F 35 0.66 12.74 -26.29
CA SER F 35 1.46 13.45 -27.32
C SER F 35 2.92 13.56 -26.92
N ALA F 36 3.16 13.77 -25.64
CA ALA F 36 4.53 13.79 -25.08
C ALA F 36 5.19 12.44 -25.19
N MET F 37 4.43 11.37 -25.04
CA MET F 37 4.94 10.01 -25.29
C MET F 37 5.29 9.81 -26.79
N GLN F 38 4.39 10.27 -27.68
CA GLN F 38 4.59 10.16 -29.14
C GLN F 38 5.88 10.88 -29.56
N ARG F 39 6.10 12.09 -29.05
CA ARG F 39 7.35 12.81 -29.33
C ARG F 39 8.57 11.97 -28.97
N LYS F 40 8.55 11.43 -27.75
CA LYS F 40 9.75 10.84 -27.20
C LYS F 40 10.09 9.52 -27.92
N ILE F 41 9.05 8.73 -28.19
CA ILE F 41 9.21 7.47 -28.87
C ILE F 41 9.61 7.63 -30.35
N ASP F 42 8.94 8.54 -31.06
CA ASP F 42 9.26 8.82 -32.47
C ASP F 42 10.69 9.35 -32.63
N ALA F 43 11.20 10.01 -31.60
CA ALA F 43 12.58 10.44 -31.58
C ALA F 43 13.54 9.32 -31.16
N GLY F 44 13.04 8.11 -30.98
CA GLY F 44 13.93 6.97 -30.71
C GLY F 44 14.31 6.77 -29.25
N GLU F 45 13.76 7.58 -28.35
CA GLU F 45 14.07 7.47 -26.90
C GLU F 45 13.46 6.23 -26.24
N VAL F 46 14.22 5.68 -25.30
CA VAL F 46 13.86 4.46 -24.61
C VAL F 46 13.37 4.83 -23.21
N LEU F 47 12.24 4.29 -22.81
CA LEU F 47 11.65 4.64 -21.51
C LEU F 47 11.73 3.49 -20.55
N ASN F 48 11.96 3.83 -19.28
CA ASN F 48 12.07 2.85 -18.22
C ASN F 48 11.21 3.16 -17.03
N LEU F 49 10.09 3.80 -17.26
CA LEU F 49 9.17 4.16 -16.20
C LEU F 49 8.55 2.99 -15.39
N LEU F 50 8.34 1.84 -16.01
CA LEU F 50 7.65 0.72 -15.40
C LEU F 50 8.46 -0.58 -15.42
N GLN F 51 9.76 -0.47 -15.57
CA GLN F 51 10.64 -1.60 -15.38
C GLN F 51 10.27 -2.36 -14.09
N GLY F 52 10.09 -3.67 -14.23
CA GLY F 52 9.70 -4.54 -13.12
C GLY F 52 8.21 -4.65 -12.92
N ARG F 53 7.42 -4.06 -13.82
CA ARG F 53 5.98 -4.01 -13.63
C ARG F 53 5.35 -4.91 -14.66
N ILE F 54 4.28 -5.59 -14.25
CA ILE F 54 3.68 -6.61 -15.04
C ILE F 54 2.24 -6.33 -15.34
N MET F 55 1.97 -6.44 -16.62
CA MET F 55 0.62 -6.35 -17.15
C MET F 55 0.27 -7.75 -17.61
N THR F 56 -0.88 -8.23 -17.16
CA THR F 56 -1.39 -9.48 -17.65
C THR F 56 -2.69 -9.28 -18.42
N PRO F 57 -2.68 -9.71 -19.66
CA PRO F 57 -3.91 -9.66 -20.41
C PRO F 57 -4.83 -10.86 -20.08
N LEU F 58 -6.12 -10.63 -19.91
CA LEU F 58 -7.12 -11.66 -19.77
C LEU F 58 -8.23 -11.43 -20.83
N PHE F 59 -8.05 -12.03 -21.99
CA PHE F 59 -9.02 -11.93 -23.07
C PHE F 59 -9.79 -13.21 -23.23
N PHE F 60 -11.10 -13.13 -22.96
CA PHE F 60 -12.02 -14.26 -23.07
C PHE F 60 -12.76 -14.18 -24.39
N GLU F 61 -12.38 -13.20 -25.17
CA GLU F 61 -12.74 -13.18 -26.58
C GLU F 61 -11.61 -12.51 -27.38
N ASP F 62 -11.77 -12.50 -28.70
CA ASP F 62 -10.70 -12.21 -29.63
C ASP F 62 -10.33 -10.74 -29.66
N SER F 63 -9.08 -10.49 -30.09
CA SER F 63 -8.52 -9.15 -30.20
C SER F 63 -7.27 -9.10 -31.07
N SER F 64 -7.09 -7.97 -31.75
CA SER F 64 -5.81 -7.65 -32.39
C SER F 64 -5.25 -6.31 -31.93
N ARG F 65 -5.92 -5.19 -32.24
CA ARG F 65 -5.41 -3.89 -31.79
C ARG F 65 -5.26 -3.78 -30.27
N THR F 66 -6.29 -4.19 -29.56
CA THR F 66 -6.39 -3.87 -28.15
C THR F 66 -5.37 -4.68 -27.37
N PHE F 67 -5.32 -5.96 -27.64
CA PHE F 67 -4.34 -6.78 -26.98
C PHE F 67 -2.89 -6.32 -27.31
N SER F 68 -2.62 -6.08 -28.60
CA SER F 68 -1.27 -5.75 -29.05
C SER F 68 -0.87 -4.35 -28.61
N SER F 69 -1.78 -3.40 -28.72
CA SER F 69 -1.44 -2.04 -28.31
C SER F 69 -1.27 -1.94 -26.80
N PHE F 70 -2.02 -2.70 -26.02
CA PHE F 70 -1.74 -2.71 -24.54
C PHE F 70 -0.37 -3.28 -24.24
N CYS F 71 -0.03 -4.35 -24.94
CA CYS F 71 1.25 -5.00 -24.76
C CYS F 71 2.39 -4.09 -25.17
N ALA F 72 2.25 -3.55 -26.38
CA ALA F 72 3.23 -2.64 -26.93
C ALA F 72 3.35 -1.40 -26.08
N ALA F 73 2.23 -0.93 -25.55
CA ALA F 73 2.28 0.27 -24.72
C ALA F 73 3.08 -0.02 -23.47
N MET F 74 2.77 -1.13 -22.82
CA MET F 74 3.48 -1.54 -21.62
C MET F 74 4.97 -1.66 -21.89
N ILE F 75 5.32 -2.41 -22.94
CA ILE F 75 6.69 -2.64 -23.29
C ILE F 75 7.44 -1.33 -23.51
N ARG F 76 6.87 -0.40 -24.25
CA ARG F 76 7.53 0.85 -24.54
C ARG F 76 7.73 1.74 -23.33
N LEU F 77 6.94 1.51 -22.28
CA LEU F 77 7.19 2.11 -20.98
C LEU F 77 8.22 1.36 -20.14
N GLY F 78 8.70 0.23 -20.66
CA GLY F 78 9.72 -0.57 -19.96
C GLY F 78 9.13 -1.67 -19.12
N GLY F 79 7.81 -1.72 -19.08
CA GLY F 79 7.13 -2.78 -18.36
C GLY F 79 7.21 -4.12 -19.07
N SER F 80 6.61 -5.12 -18.43
CA SER F 80 6.54 -6.49 -18.94
C SER F 80 5.13 -7.08 -18.93
N VAL F 81 4.99 -8.16 -19.69
CA VAL F 81 3.71 -8.76 -20.00
C VAL F 81 3.82 -10.22 -19.67
N VAL F 82 2.87 -10.73 -18.90
CA VAL F 82 2.76 -12.20 -18.67
C VAL F 82 1.61 -12.68 -19.57
N ASN F 83 1.97 -13.44 -20.61
CA ASN F 83 1.03 -13.84 -21.66
C ASN F 83 0.15 -15.03 -21.26
N PHE F 84 -0.81 -14.77 -20.40
CA PHE F 84 -1.83 -15.73 -20.06
C PHE F 84 -2.75 -16.09 -21.25
N LYS F 85 -3.16 -17.34 -21.34
CA LYS F 85 -4.08 -17.80 -22.39
C LYS F 85 -5.26 -18.42 -21.70
N VAL F 86 -6.46 -18.06 -22.12
CA VAL F 86 -7.65 -18.61 -21.53
C VAL F 86 -7.90 -20.02 -22.06
N GLU F 87 -8.18 -20.15 -23.34
CA GLU F 87 -8.51 -21.46 -23.93
C GLU F 87 -7.55 -22.56 -23.46
N ALA F 88 -6.32 -22.19 -23.08
CA ALA F 88 -5.30 -23.09 -22.52
C ALA F 88 -5.02 -22.88 -21.02
N SER F 89 -6.04 -22.40 -20.30
CA SER F 89 -5.94 -22.16 -18.85
C SER F 89 -6.63 -23.26 -18.03
N SER F 90 -6.36 -23.26 -16.72
CA SER F 90 -7.08 -24.12 -15.77
C SER F 90 -8.58 -23.73 -15.60
N ILE F 91 -9.15 -22.93 -16.52
CA ILE F 91 -10.62 -22.86 -16.66
C ILE F 91 -11.17 -24.22 -17.19
N ASN F 92 -10.35 -24.95 -17.94
CA ASN F 92 -10.69 -26.30 -18.41
C ASN F 92 -10.92 -27.36 -17.30
N LYS F 93 -10.21 -27.21 -16.18
CA LYS F 93 -10.38 -28.06 -15.00
C LYS F 93 -11.52 -27.55 -14.08
N GLY F 94 -12.39 -26.68 -14.60
CA GLY F 94 -13.54 -26.14 -13.87
C GLY F 94 -13.35 -24.83 -13.09
N GLU F 95 -12.21 -24.15 -13.23
CA GLU F 95 -11.95 -22.95 -12.42
C GLU F 95 -12.81 -21.76 -12.84
N THR F 96 -13.40 -21.08 -11.86
CA THR F 96 -14.39 -20.05 -12.11
C THR F 96 -13.68 -18.81 -12.57
N LEU F 97 -14.47 -17.82 -12.97
CA LEU F 97 -13.91 -16.52 -13.37
C LEU F 97 -13.30 -15.82 -12.13
N ALA F 98 -14.07 -15.65 -11.07
CA ALA F 98 -13.52 -15.14 -9.80
C ALA F 98 -12.16 -15.77 -9.46
N ASP F 99 -12.03 -17.08 -9.51
CA ASP F 99 -10.75 -17.70 -9.11
C ASP F 99 -9.62 -17.40 -10.10
N THR F 100 -9.94 -17.39 -11.39
CA THR F 100 -8.98 -17.00 -12.43
C THR F 100 -8.39 -15.59 -12.13
N ILE F 101 -9.27 -14.64 -11.86
CA ILE F 101 -8.90 -13.25 -11.58
C ILE F 101 -7.96 -13.19 -10.38
N ARG F 102 -8.39 -13.78 -9.29
CA ARG F 102 -7.56 -13.89 -8.11
C ARG F 102 -6.18 -14.42 -8.41
N THR F 103 -6.09 -15.39 -9.32
CA THR F 103 -4.83 -16.03 -9.68
C THR F 103 -3.83 -15.07 -10.30
N LEU F 104 -4.23 -14.43 -11.40
CA LEU F 104 -3.35 -13.49 -12.10
C LEU F 104 -3.09 -12.30 -11.22
N ASP F 105 -4.05 -12.00 -10.33
CA ASP F 105 -3.98 -10.83 -9.47
C ASP F 105 -2.82 -11.02 -8.53
N SER F 106 -2.53 -12.28 -8.18
CA SER F 106 -1.41 -12.61 -7.29
C SER F 106 -0.02 -12.25 -7.82
N TYR F 107 0.10 -12.09 -9.15
CA TYR F 107 1.40 -11.89 -9.83
C TYR F 107 1.56 -10.55 -10.53
N SER F 108 0.45 -9.85 -10.78
CA SER F 108 0.42 -8.73 -11.73
C SER F 108 0.35 -7.38 -11.04
N ASP F 109 0.71 -6.34 -11.76
CA ASP F 109 0.48 -4.96 -11.30
C ASP F 109 -0.79 -4.39 -11.94
N VAL F 110 -1.13 -4.88 -13.13
CA VAL F 110 -2.34 -4.43 -13.84
C VAL F 110 -2.90 -5.55 -14.69
N LEU F 111 -4.23 -5.62 -14.72
CA LEU F 111 -4.93 -6.63 -15.50
C LEU F 111 -5.69 -5.94 -16.62
N VAL F 112 -5.64 -6.50 -17.81
CA VAL F 112 -6.37 -5.96 -18.94
C VAL F 112 -7.35 -7.04 -19.40
N MET F 113 -8.64 -6.76 -19.22
CA MET F 113 -9.67 -7.77 -19.36
C MET F 113 -10.69 -7.46 -20.43
N ARG F 114 -10.86 -8.39 -21.36
CA ARG F 114 -11.96 -8.30 -22.34
C ARG F 114 -12.76 -9.56 -22.12
N HIS F 115 -14.08 -9.41 -22.07
CA HIS F 115 -14.94 -10.53 -21.77
C HIS F 115 -16.25 -10.28 -22.46
N PRO F 116 -16.86 -11.35 -23.06
CA PRO F 116 -18.14 -11.21 -23.79
C PRO F 116 -19.39 -10.94 -22.92
N ARG F 117 -19.37 -11.36 -21.66
CA ARG F 117 -20.40 -10.93 -20.68
C ARG F 117 -20.12 -9.52 -20.20
N GLN F 118 -21.16 -8.68 -20.24
CA GLN F 118 -21.14 -7.28 -19.81
C GLN F 118 -20.81 -7.08 -18.31
N ASP F 119 -21.31 -7.96 -17.46
CA ASP F 119 -21.16 -7.81 -16.02
C ASP F 119 -19.91 -8.50 -15.46
N ALA F 120 -19.10 -9.09 -16.33
CA ALA F 120 -17.90 -9.82 -15.90
C ALA F 120 -16.77 -8.93 -15.32
N ILE F 121 -16.72 -7.66 -15.67
CA ILE F 121 -15.67 -6.79 -15.16
C ILE F 121 -15.96 -6.42 -13.71
N GLU F 122 -17.25 -6.20 -13.43
CA GLU F 122 -17.70 -5.81 -12.10
C GLU F 122 -17.38 -6.97 -11.15
N GLU F 123 -17.74 -8.19 -11.56
CA GLU F 123 -17.29 -9.39 -10.86
C GLU F 123 -15.79 -9.40 -10.56
N ALA F 124 -15.03 -9.05 -11.58
CA ALA F 124 -13.58 -9.01 -11.48
C ALA F 124 -13.07 -7.94 -10.51
N LEU F 125 -13.78 -6.84 -10.37
CA LEU F 125 -13.36 -5.80 -9.45
C LEU F 125 -13.63 -6.23 -8.03
N SER F 126 -14.64 -7.08 -7.83
CA SER F 126 -15.04 -7.42 -6.49
C SER F 126 -14.06 -8.38 -5.87
N VAL F 127 -13.16 -8.95 -6.68
CA VAL F 127 -12.14 -9.85 -6.16
C VAL F 127 -10.71 -9.40 -6.37
N ALA F 128 -10.50 -8.38 -7.20
CA ALA F 128 -9.15 -8.03 -7.61
C ALA F 128 -8.64 -6.94 -6.70
N GLN F 129 -7.39 -7.04 -6.33
CA GLN F 129 -6.71 -6.01 -5.57
C GLN F 129 -6.03 -5.03 -6.50
N HIS F 130 -5.51 -5.49 -7.63
CA HIS F 130 -4.83 -4.58 -8.53
C HIS F 130 -5.80 -4.02 -9.55
N PRO F 131 -5.45 -2.89 -10.17
CA PRO F 131 -6.29 -2.27 -11.17
C PRO F 131 -6.58 -3.13 -12.36
N ILE F 132 -7.85 -3.05 -12.78
CA ILE F 132 -8.33 -3.72 -13.97
C ILE F 132 -8.76 -2.69 -15.03
N LEU F 133 -8.21 -2.82 -16.23
CA LEU F 133 -8.57 -1.97 -17.37
C LEU F 133 -9.54 -2.69 -18.32
N ASN F 134 -10.73 -2.14 -18.46
CA ASN F 134 -11.75 -2.80 -19.22
C ASN F 134 -11.42 -2.65 -20.69
N ALA F 135 -11.06 -3.76 -21.35
CA ALA F 135 -10.78 -3.71 -22.79
C ALA F 135 -11.97 -4.14 -23.68
N GLY F 136 -13.16 -4.19 -23.07
CA GLY F 136 -14.40 -4.59 -23.72
C GLY F 136 -15.24 -5.57 -22.91
N ASN F 137 -16.41 -5.14 -22.45
CA ASN F 137 -17.29 -6.03 -21.71
C ASN F 137 -18.60 -6.18 -22.49
N GLY F 138 -18.67 -7.27 -23.26
CA GLY F 138 -19.81 -7.51 -24.13
C GLY F 138 -20.05 -6.30 -25.03
N ALA F 139 -21.31 -5.98 -25.25
CA ALA F 139 -21.63 -4.76 -25.96
C ALA F 139 -21.85 -3.58 -25.04
N GLY F 140 -21.18 -3.58 -23.90
CA GLY F 140 -21.29 -2.49 -22.97
C GLY F 140 -20.36 -1.34 -23.33
N GLU F 141 -19.11 -1.46 -22.91
CA GLU F 141 -18.14 -0.39 -23.12
C GLU F 141 -16.73 -0.83 -23.53
N HIS F 142 -16.01 0.14 -24.10
CA HIS F 142 -14.60 0.03 -24.54
C HIS F 142 -13.93 1.40 -24.22
N PRO F 143 -13.67 1.63 -22.90
CA PRO F 143 -13.39 2.99 -22.47
C PRO F 143 -12.04 3.52 -22.94
N THR F 144 -11.02 2.69 -23.03
CA THR F 144 -9.77 3.22 -23.56
C THR F 144 -9.83 3.50 -25.05
N GLN F 145 -10.74 2.83 -25.75
CA GLN F 145 -11.02 3.20 -27.17
C GLN F 145 -11.55 4.64 -27.26
N ALA F 146 -12.47 5.02 -26.41
CA ALA F 146 -13.03 6.37 -26.46
C ALA F 146 -11.97 7.49 -26.25
N LEU F 147 -11.07 7.26 -25.32
CA LEU F 147 -9.97 8.18 -25.04
C LEU F 147 -9.04 8.33 -26.23
N LEU F 148 -8.68 7.21 -26.87
CA LEU F 148 -7.78 7.21 -28.04
C LEU F 148 -8.49 7.83 -29.22
N ASP F 149 -9.80 7.62 -29.29
CA ASP F 149 -10.63 8.24 -30.31
C ASP F 149 -10.62 9.77 -30.13
N THR F 150 -10.73 10.18 -28.85
CA THR F 150 -10.80 11.57 -28.53
C THR F 150 -9.44 12.16 -28.77
N LEU F 151 -8.37 11.40 -28.53
CA LEU F 151 -7.04 11.81 -28.96
C LEU F 151 -6.93 12.08 -30.48
N THR F 152 -7.47 11.16 -31.29
CA THR F 152 -7.40 11.26 -32.76
C THR F 152 -8.13 12.50 -33.28
N ILE F 153 -9.39 12.67 -32.90
CA ILE F 153 -10.16 13.84 -33.24
C ILE F 153 -9.36 15.14 -33.00
N HIS F 154 -8.95 15.34 -31.76
CA HIS F 154 -8.17 16.52 -31.30
C HIS F 154 -6.90 16.69 -32.16
N SER F 155 -6.11 15.64 -32.27
CA SER F 155 -4.86 15.73 -33.00
C SER F 155 -5.10 16.03 -34.48
N GLU F 156 -6.20 15.53 -35.05
CA GLU F 156 -6.40 15.64 -36.50
C GLU F 156 -7.08 16.94 -36.85
N LEU F 157 -8.16 17.26 -36.15
CA LEU F 157 -8.92 18.47 -36.39
C LEU F 157 -8.60 19.62 -35.45
N GLY F 158 -7.93 19.33 -34.34
CA GLY F 158 -7.42 20.39 -33.48
C GLY F 158 -8.39 20.85 -32.41
N SER F 159 -9.58 20.25 -32.36
CA SER F 159 -10.57 20.64 -31.36
C SER F 159 -11.72 19.66 -31.32
N VAL F 160 -12.39 19.65 -30.18
CA VAL F 160 -13.44 18.68 -29.93
C VAL F 160 -14.73 19.45 -29.77
N ASP F 161 -14.79 20.42 -28.86
CA ASP F 161 -15.92 21.35 -28.80
C ASP F 161 -16.25 21.81 -30.22
N GLY F 162 -17.54 21.85 -30.54
CA GLY F 162 -18.06 22.44 -31.76
C GLY F 162 -18.26 21.45 -32.90
N ILE F 163 -17.68 20.25 -32.76
CA ILE F 163 -17.78 19.28 -33.86
C ILE F 163 -19.18 18.76 -34.07
N THR F 164 -19.39 18.24 -35.27
CA THR F 164 -20.60 17.54 -35.63
C THR F 164 -20.10 16.15 -35.94
N ILE F 165 -20.67 15.15 -35.30
CA ILE F 165 -20.12 13.77 -35.47
C ILE F 165 -21.23 12.83 -35.93
N ALA F 166 -20.89 11.88 -36.79
CA ALA F 166 -21.79 10.75 -37.08
C ALA F 166 -21.26 9.46 -36.50
N LEU F 167 -22.08 8.79 -35.69
CA LEU F 167 -21.81 7.45 -35.23
C LEU F 167 -22.59 6.56 -36.14
N ILE F 168 -21.89 5.71 -36.88
CA ILE F 168 -22.52 4.90 -37.91
C ILE F 168 -22.31 3.38 -37.76
N GLY F 169 -23.36 2.63 -38.07
CA GLY F 169 -23.30 1.16 -38.18
C GLY F 169 -24.08 0.48 -37.09
N ASP F 170 -23.45 -0.47 -36.38
CA ASP F 170 -24.08 -1.23 -35.33
C ASP F 170 -23.93 -0.43 -34.08
N LEU F 171 -24.90 0.44 -33.83
CA LEU F 171 -24.82 1.28 -32.69
C LEU F 171 -25.38 0.55 -31.51
N LYS F 172 -26.22 -0.46 -31.77
CA LYS F 172 -26.80 -1.22 -30.69
C LYS F 172 -25.72 -2.03 -29.92
N MET F 173 -24.88 -2.78 -30.62
CA MET F 173 -23.90 -3.66 -29.99
C MET F 173 -22.51 -3.02 -29.90
N GLY F 174 -22.35 -1.85 -30.52
CA GLY F 174 -21.08 -1.12 -30.53
C GLY F 174 -20.65 -0.51 -29.19
N ARG F 175 -19.87 -1.28 -28.44
CA ARG F 175 -19.30 -0.82 -27.18
C ARG F 175 -18.36 0.37 -27.37
N THR F 176 -17.79 0.47 -28.56
CA THR F 176 -17.03 1.68 -28.93
C THR F 176 -17.87 2.98 -28.93
N VAL F 177 -18.98 2.94 -29.66
CA VAL F 177 -19.81 4.13 -29.78
C VAL F 177 -20.55 4.39 -28.47
N HIS F 178 -20.75 3.35 -27.66
CA HIS F 178 -21.25 3.61 -26.32
C HIS F 178 -20.30 4.47 -25.50
N SER F 179 -19.05 4.07 -25.46
CA SER F 179 -18.12 4.82 -24.65
C SER F 179 -17.88 6.19 -25.27
N LEU F 180 -17.74 6.24 -26.60
CA LEU F 180 -17.48 7.50 -27.28
C LEU F 180 -18.60 8.52 -27.08
N LEU F 181 -19.85 8.12 -27.23
CA LEU F 181 -20.93 9.07 -26.97
C LEU F 181 -20.81 9.62 -25.54
N LYS F 182 -20.60 8.73 -24.56
CA LYS F 182 -20.51 9.15 -23.18
C LYS F 182 -19.40 10.15 -22.93
N LEU F 183 -18.23 9.82 -23.46
CA LEU F 183 -17.07 10.69 -23.28
C LEU F 183 -17.25 12.08 -23.90
N LEU F 184 -17.78 12.15 -25.12
CA LEU F 184 -17.84 13.41 -25.84
C LEU F 184 -18.84 14.34 -25.23
N VAL F 185 -19.97 13.78 -24.85
CA VAL F 185 -21.14 14.54 -24.39
C VAL F 185 -21.01 14.97 -22.95
N ARG F 186 -20.53 14.09 -22.08
CA ARG F 186 -20.32 14.48 -20.67
C ARG F 186 -19.25 15.55 -20.55
N ASN F 187 -18.28 15.55 -21.47
CA ASN F 187 -17.11 16.38 -21.25
C ASN F 187 -16.81 17.42 -22.32
N PHE F 188 -17.57 17.44 -23.41
CA PHE F 188 -17.36 18.47 -24.44
C PHE F 188 -18.68 19.08 -24.88
N SER F 189 -18.59 20.20 -25.63
CA SER F 189 -19.77 20.84 -26.21
C SER F 189 -19.89 20.47 -27.66
N ILE F 190 -20.57 19.37 -27.94
CA ILE F 190 -20.72 18.87 -29.30
C ILE F 190 -21.84 19.63 -29.97
N LYS F 191 -21.64 20.06 -31.22
CA LYS F 191 -22.67 20.77 -31.96
C LYS F 191 -23.83 19.80 -32.26
N CYS F 192 -23.51 18.67 -32.88
CA CYS F 192 -24.53 17.75 -33.31
C CYS F 192 -24.03 16.30 -33.37
N VAL F 193 -24.92 15.36 -33.05
CA VAL F 193 -24.61 13.95 -33.21
C VAL F 193 -25.60 13.31 -34.15
N PHE F 194 -25.10 12.73 -35.24
CA PHE F 194 -25.89 11.91 -36.14
C PHE F 194 -25.75 10.46 -35.70
N LEU F 195 -26.85 9.80 -35.45
CA LEU F 195 -26.85 8.42 -35.05
C LEU F 195 -27.34 7.75 -36.30
N VAL F 196 -26.40 7.21 -37.09
CA VAL F 196 -26.73 6.76 -38.40
C VAL F 196 -26.72 5.24 -38.34
N ALA F 197 -27.92 4.66 -38.36
CA ALA F 197 -28.05 3.23 -38.25
C ALA F 197 -29.49 2.79 -38.56
N PRO F 198 -29.67 1.50 -38.92
CA PRO F 198 -31.03 0.98 -39.07
C PRO F 198 -31.70 0.91 -37.72
N ASP F 199 -33.04 0.97 -37.72
CA ASP F 199 -33.76 1.09 -36.47
C ASP F 199 -33.35 -0.02 -35.53
N ALA F 200 -33.32 -1.24 -36.02
CA ALA F 200 -32.91 -2.42 -35.29
C ALA F 200 -31.54 -2.34 -34.61
N LEU F 201 -30.63 -1.47 -35.09
CA LEU F 201 -29.28 -1.33 -34.50
C LEU F 201 -28.99 0.09 -33.97
N GLN F 202 -30.05 0.83 -33.64
CA GLN F 202 -29.88 2.17 -33.12
C GLN F 202 -29.32 2.22 -31.71
N MET F 203 -28.84 3.41 -31.36
CA MET F 203 -28.24 3.62 -30.07
C MET F 203 -29.29 3.28 -29.01
N PRO F 204 -28.96 2.37 -28.08
CA PRO F 204 -29.87 1.95 -27.03
C PRO F 204 -30.30 3.05 -26.08
N GLN F 205 -31.56 2.95 -25.62
CA GLN F 205 -32.04 3.83 -24.57
C GLN F 205 -31.15 3.89 -23.33
N ASP F 206 -30.63 2.77 -22.87
CA ASP F 206 -29.79 2.81 -21.66
C ASP F 206 -28.47 3.60 -21.85
N VAL F 207 -28.12 3.97 -23.08
CA VAL F 207 -26.98 4.87 -23.29
C VAL F 207 -27.44 6.32 -23.33
N LEU F 208 -28.50 6.61 -24.08
CA LEU F 208 -29.03 7.98 -24.22
C LEU F 208 -29.68 8.65 -23.01
N GLU F 209 -30.46 7.90 -22.24
CA GLU F 209 -31.21 8.50 -21.12
C GLU F 209 -30.27 9.04 -20.01
N PRO F 210 -29.29 8.25 -19.52
CA PRO F 210 -28.33 8.84 -18.55
C PRO F 210 -27.59 10.10 -19.08
N LEU F 211 -27.57 10.26 -20.41
CA LEU F 211 -26.95 11.43 -21.06
C LEU F 211 -27.96 12.52 -21.43
N GLN F 212 -29.23 12.33 -21.12
CA GLN F 212 -30.28 13.27 -21.50
C GLN F 212 -30.19 14.66 -20.86
N HIS F 213 -29.74 14.71 -19.60
CA HIS F 213 -29.50 15.99 -18.90
C HIS F 213 -28.39 16.81 -19.60
N GLU F 214 -27.22 16.20 -19.80
CA GLU F 214 -26.10 16.85 -20.45
C GLU F 214 -26.47 17.32 -21.91
N ILE F 215 -27.22 16.50 -22.63
CA ILE F 215 -27.60 16.74 -24.01
C ILE F 215 -28.49 17.98 -24.11
N ALA F 216 -29.48 18.06 -23.23
CA ALA F 216 -30.42 19.16 -23.22
C ALA F 216 -29.76 20.44 -22.75
N THR F 217 -28.97 20.29 -21.73
CA THR F 217 -28.33 21.40 -21.03
C THR F 217 -27.24 22.07 -21.85
N LYS F 218 -26.58 21.28 -22.69
CA LYS F 218 -25.56 21.79 -23.61
C LYS F 218 -26.18 22.03 -24.99
N GLY F 219 -27.46 21.75 -25.12
CA GLY F 219 -28.14 21.94 -26.38
C GLY F 219 -27.51 21.21 -27.56
N VAL F 220 -27.02 19.98 -27.33
CA VAL F 220 -26.49 19.13 -28.40
C VAL F 220 -27.65 18.61 -29.24
N ILE F 221 -27.50 18.64 -30.57
CA ILE F 221 -28.51 18.15 -31.50
C ILE F 221 -28.32 16.66 -31.72
N ILE F 222 -29.42 15.92 -31.77
CA ILE F 222 -29.37 14.47 -31.96
C ILE F 222 -30.27 14.16 -33.13
N HIS F 223 -29.70 13.73 -34.26
CA HIS F 223 -30.51 13.23 -35.36
C HIS F 223 -30.31 11.76 -35.64
N ARG F 224 -31.41 11.04 -35.79
CA ARG F 224 -31.41 9.66 -36.23
C ARG F 224 -31.62 9.62 -37.71
N THR F 225 -30.74 8.97 -38.42
CA THR F 225 -31.07 8.61 -39.77
C THR F 225 -30.80 7.14 -39.89
N HIS F 226 -31.24 6.59 -41.00
CA HIS F 226 -30.88 5.24 -41.35
C HIS F 226 -29.99 5.28 -42.59
N ALA F 227 -29.40 6.45 -42.87
CA ALA F 227 -28.62 6.60 -44.11
C ALA F 227 -27.62 7.74 -44.08
N LEU F 228 -26.56 7.58 -44.86
CA LEU F 228 -25.59 8.64 -45.01
C LEU F 228 -26.14 9.67 -46.01
N THR F 229 -27.09 10.47 -45.58
CA THR F 229 -27.68 11.49 -46.45
C THR F 229 -26.68 12.56 -46.81
N ASP F 230 -26.99 13.27 -47.89
CA ASP F 230 -26.20 14.43 -48.29
C ASP F 230 -25.93 15.28 -47.07
N GLU F 231 -26.96 15.51 -46.25
CA GLU F 231 -26.84 16.33 -45.04
C GLU F 231 -25.72 15.87 -44.08
N VAL F 232 -25.70 14.58 -43.77
CA VAL F 232 -24.70 13.99 -42.86
C VAL F 232 -23.30 14.12 -43.43
N MET F 233 -23.20 13.90 -44.72
CA MET F 233 -21.91 13.92 -45.40
C MET F 233 -21.33 15.32 -45.49
N GLN F 234 -22.16 16.32 -45.69
CA GLN F 234 -21.69 17.68 -45.81
C GLN F 234 -21.36 18.30 -44.48
N LYS F 235 -22.14 17.99 -43.46
CA LYS F 235 -22.05 18.72 -42.21
C LYS F 235 -21.09 18.09 -41.24
N SER F 236 -20.69 16.85 -41.50
CA SER F 236 -19.95 16.08 -40.48
C SER F 236 -18.46 16.37 -40.56
N ASP F 237 -17.89 16.76 -39.41
CA ASP F 237 -16.43 16.82 -39.22
C ASP F 237 -15.79 15.47 -38.89
N VAL F 238 -16.59 14.57 -38.32
CA VAL F 238 -16.10 13.23 -38.03
C VAL F 238 -17.15 12.24 -38.47
N LEU F 239 -16.76 11.35 -39.38
CA LEU F 239 -17.58 10.20 -39.70
C LEU F 239 -16.90 9.05 -39.01
N TYR F 240 -17.54 8.54 -37.96
CA TYR F 240 -17.00 7.44 -37.17
C TYR F 240 -17.87 6.25 -37.40
N THR F 241 -17.38 5.24 -38.13
CA THR F 241 -18.23 4.12 -38.50
C THR F 241 -17.77 2.80 -37.89
N THR F 242 -18.58 1.77 -38.00
CA THR F 242 -18.35 0.54 -37.27
C THR F 242 -18.81 -0.69 -38.02
N ARG F 243 -18.34 -1.80 -37.49
CA ARG F 243 -18.61 -3.11 -38.00
C ARG F 243 -19.91 -3.62 -37.40
N LEU F 244 -20.68 -4.32 -38.23
CA LEU F 244 -21.83 -5.06 -37.75
C LEU F 244 -21.33 -6.16 -36.82
N GLN F 245 -21.89 -6.16 -35.62
CA GLN F 245 -21.32 -6.88 -34.49
C GLN F 245 -21.80 -8.35 -34.41
N LYS F 246 -21.49 -9.08 -35.48
CA LYS F 246 -22.06 -10.41 -35.77
C LYS F 246 -21.98 -11.45 -34.67
N GLU F 247 -20.91 -11.43 -33.85
CA GLU F 247 -20.72 -12.42 -32.75
C GLU F 247 -21.75 -12.27 -31.63
N ARG F 248 -22.31 -11.07 -31.48
CA ARG F 248 -23.56 -10.95 -30.75
C ARG F 248 -24.64 -11.26 -31.74
N PHE F 249 -25.84 -11.51 -31.28
CA PHE F 249 -26.82 -12.15 -32.18
C PHE F 249 -26.49 -13.66 -32.40
N SER F 254 -33.90 -14.95 -35.21
CA SER F 254 -34.91 -14.19 -35.98
C SER F 254 -35.10 -12.74 -35.52
N ASP F 255 -35.12 -12.52 -34.21
CA ASP F 255 -34.80 -11.18 -33.66
C ASP F 255 -33.38 -10.89 -34.21
N ASP F 256 -32.46 -11.84 -34.01
CA ASP F 256 -31.06 -11.73 -34.49
C ASP F 256 -30.87 -11.59 -36.03
N ALA F 257 -31.56 -12.40 -36.82
CA ALA F 257 -31.55 -12.29 -38.31
C ALA F 257 -32.15 -10.98 -38.88
N ALA F 258 -33.19 -10.44 -38.25
CA ALA F 258 -33.67 -9.09 -38.60
C ALA F 258 -32.54 -8.07 -38.48
N ALA F 259 -31.95 -8.03 -37.29
CA ALA F 259 -30.86 -7.14 -36.94
C ALA F 259 -29.67 -7.29 -37.90
N LEU F 260 -29.18 -8.51 -38.02
CA LEU F 260 -28.14 -8.87 -38.98
C LEU F 260 -28.45 -8.39 -40.42
N GLN F 261 -29.70 -8.56 -40.82
CA GLN F 261 -30.18 -8.15 -42.14
C GLN F 261 -30.17 -6.64 -42.29
N SER F 262 -30.61 -5.94 -41.24
CA SER F 262 -31.01 -4.51 -41.33
C SER F 262 -29.85 -3.54 -41.69
N PHE F 263 -28.63 -3.98 -41.39
CA PHE F 263 -27.41 -3.24 -41.64
C PHE F 263 -27.30 -2.84 -43.13
N ALA F 264 -27.47 -3.84 -44.01
CA ALA F 264 -27.49 -3.62 -45.46
C ALA F 264 -28.92 -3.37 -45.93
N ALA F 265 -29.89 -4.15 -45.48
CA ALA F 265 -31.28 -4.04 -45.97
C ALA F 265 -32.04 -2.74 -45.58
N LYS F 266 -31.49 -1.97 -44.62
CA LYS F 266 -31.92 -0.58 -44.35
C LYS F 266 -30.67 0.31 -44.30
N ALA F 267 -29.80 0.16 -45.29
CA ALA F 267 -28.41 0.68 -45.21
C ALA F 267 -28.27 2.09 -45.67
N ASP F 268 -27.80 2.22 -46.89
CA ASP F 268 -27.06 3.38 -47.29
C ASP F 268 -26.13 3.83 -46.14
N ILE F 269 -25.30 2.90 -45.64
CA ILE F 269 -24.23 3.31 -44.72
C ILE F 269 -22.79 2.93 -45.11
N THR F 270 -22.57 2.35 -46.28
CA THR F 270 -21.24 2.10 -46.78
C THR F 270 -20.51 3.38 -47.13
N ILE F 271 -19.28 3.54 -46.63
CA ILE F 271 -18.39 4.63 -47.00
C ILE F 271 -17.37 4.16 -48.03
N ASP F 272 -17.29 4.87 -49.14
CA ASP F 272 -16.37 4.57 -50.29
C ASP F 272 -15.98 5.91 -50.94
N ALA F 273 -15.07 5.88 -51.89
CA ALA F 273 -14.55 7.12 -52.49
C ALA F 273 -15.73 7.94 -53.09
N ALA F 274 -16.57 7.28 -53.87
CA ALA F 274 -17.78 7.96 -54.37
C ALA F 274 -18.44 8.90 -53.33
N ARG F 275 -18.73 8.33 -52.17
CA ARG F 275 -19.41 9.03 -51.11
C ARG F 275 -18.59 10.18 -50.57
N MET F 276 -17.28 9.99 -50.48
CA MET F 276 -16.40 10.99 -49.92
C MET F 276 -16.32 12.23 -50.78
N ARG F 277 -16.82 12.14 -52.03
CA ARG F 277 -17.00 13.35 -52.87
C ARG F 277 -17.97 14.36 -52.25
N LEU F 278 -18.65 14.00 -51.15
CA LEU F 278 -19.60 14.89 -50.49
C LEU F 278 -19.14 15.44 -49.15
N ALA F 279 -18.08 14.87 -48.61
CA ALA F 279 -17.56 15.30 -47.32
C ALA F 279 -16.88 16.65 -47.43
N LYS F 280 -16.84 17.38 -46.31
CA LYS F 280 -15.99 18.57 -46.19
C LYS F 280 -14.53 18.28 -46.62
N GLU F 281 -13.74 19.35 -46.75
CA GLU F 281 -12.31 19.24 -46.94
C GLU F 281 -11.62 18.94 -45.61
N LYS F 282 -12.13 19.52 -44.53
CA LYS F 282 -11.52 19.36 -43.23
C LYS F 282 -12.46 18.53 -42.39
N MET F 283 -12.28 17.22 -42.52
CA MET F 283 -12.96 16.22 -41.73
C MET F 283 -12.06 14.96 -41.65
N ILE F 284 -12.46 13.98 -40.86
CA ILE F 284 -11.81 12.68 -40.82
C ILE F 284 -12.84 11.57 -40.83
N VAL F 285 -12.44 10.43 -41.39
CA VAL F 285 -13.19 9.19 -41.31
C VAL F 285 -12.47 8.39 -40.25
N MET F 286 -13.23 7.75 -39.36
CA MET F 286 -12.66 6.95 -38.29
C MET F 286 -13.36 5.61 -38.24
N HIS F 287 -12.69 4.64 -37.66
CA HIS F 287 -13.25 3.32 -37.44
C HIS F 287 -12.33 2.68 -36.43
N PRO F 288 -12.91 2.21 -35.32
CA PRO F 288 -12.13 1.53 -34.26
C PRO F 288 -11.42 0.27 -34.75
N LEU F 289 -11.95 -0.29 -35.84
CA LEU F 289 -11.49 -1.54 -36.46
C LEU F 289 -11.78 -2.75 -35.55
N PRO F 290 -11.90 -3.96 -36.14
CA PRO F 290 -11.78 -4.25 -37.57
C PRO F 290 -12.99 -3.88 -38.37
N ARG F 291 -12.76 -3.63 -39.66
CA ARG F 291 -13.81 -3.30 -40.63
C ARG F 291 -14.20 -4.49 -41.52
N ASN F 292 -15.47 -4.53 -41.93
CA ASN F 292 -15.90 -5.34 -43.07
C ASN F 292 -16.20 -4.41 -44.27
N ASP F 293 -17.16 -4.75 -45.15
CA ASP F 293 -17.41 -3.92 -46.36
C ASP F 293 -18.03 -2.51 -46.17
N GLU F 294 -18.45 -2.17 -44.93
CA GLU F 294 -19.00 -0.83 -44.63
C GLU F 294 -17.98 0.26 -44.88
N LEU F 295 -16.70 -0.06 -44.75
CA LEU F 295 -15.62 0.88 -45.03
C LEU F 295 -14.71 0.38 -46.15
N SER F 296 -14.96 0.85 -47.35
CA SER F 296 -14.21 0.41 -48.53
C SER F 296 -12.72 0.76 -48.47
N THR F 297 -11.86 -0.17 -48.89
CA THR F 297 -10.45 0.12 -49.19
C THR F 297 -10.25 1.30 -50.14
N THR F 298 -11.27 1.63 -50.94
CA THR F 298 -11.14 2.77 -51.84
C THR F 298 -10.94 4.07 -51.11
N VAL F 299 -11.25 4.10 -49.81
CA VAL F 299 -11.05 5.33 -49.03
C VAL F 299 -9.62 5.45 -48.49
N ASP F 300 -8.85 4.37 -48.53
CA ASP F 300 -7.61 4.33 -47.76
C ASP F 300 -6.56 5.35 -48.26
N ALA F 301 -6.65 5.76 -49.50
CA ALA F 301 -5.71 6.74 -50.06
C ALA F 301 -6.05 8.18 -49.66
N ASP F 302 -7.30 8.41 -49.30
CA ASP F 302 -7.78 9.75 -48.90
C ASP F 302 -7.03 10.28 -47.63
N PRO F 303 -6.56 11.54 -47.66
CA PRO F 303 -5.89 12.05 -46.46
C PRO F 303 -6.81 12.16 -45.23
N ARG F 304 -8.13 12.05 -45.42
CA ARG F 304 -9.09 12.16 -44.35
C ARG F 304 -9.37 10.80 -43.64
N ALA F 305 -8.75 9.75 -44.16
CA ALA F 305 -8.81 8.42 -43.54
C ALA F 305 -7.77 8.37 -42.41
N ALA F 306 -8.28 8.56 -41.20
CA ALA F 306 -7.47 8.55 -40.00
C ALA F 306 -7.53 7.22 -39.28
N TYR F 307 -8.17 6.19 -39.85
CA TYR F 307 -8.47 4.99 -39.09
C TYR F 307 -7.25 4.11 -38.93
N PHE F 308 -6.17 4.34 -39.71
CA PHE F 308 -4.86 3.67 -39.42
C PHE F 308 -3.97 4.45 -38.46
N ARG F 309 -3.91 5.76 -38.69
CA ARG F 309 -3.29 6.68 -37.75
C ARG F 309 -3.94 6.53 -36.36
N GLN F 310 -5.24 6.30 -36.32
CA GLN F 310 -5.99 6.00 -35.07
C GLN F 310 -5.39 4.85 -34.24
N MET F 311 -4.84 3.85 -34.89
CA MET F 311 -4.23 2.73 -34.16
C MET F 311 -2.94 3.13 -33.43
N ARG F 312 -2.18 4.01 -34.04
CA ARG F 312 -0.96 4.54 -33.47
C ARG F 312 -1.24 5.53 -32.28
N TYR F 313 -2.15 6.50 -32.47
CA TYR F 313 -2.64 7.33 -31.36
C TYR F 313 -3.07 6.44 -30.17
N GLY F 314 -3.63 5.28 -30.46
CA GLY F 314 -4.05 4.35 -29.44
C GLY F 314 -2.93 3.83 -28.55
N MET F 315 -1.77 3.57 -29.17
CA MET F 315 -0.65 3.05 -28.41
C MET F 315 -0.20 4.12 -27.40
N PHE F 316 -0.10 5.35 -27.84
CA PHE F 316 0.37 6.43 -26.94
C PHE F 316 -0.63 6.77 -25.85
N MET F 317 -1.92 6.63 -26.14
CA MET F 317 -2.91 6.94 -25.12
C MET F 317 -2.80 5.86 -24.05
N ARG F 318 -2.57 4.63 -24.50
CA ARG F 318 -2.46 3.53 -23.58
C ARG F 318 -1.20 3.63 -22.74
N MET F 319 -0.14 4.19 -23.32
CA MET F 319 1.09 4.49 -22.64
C MET F 319 0.76 5.55 -21.61
N ALA F 320 0.03 6.58 -22.03
CA ALA F 320 -0.41 7.60 -21.09
C ALA F 320 -1.21 7.01 -19.92
N ILE F 321 -2.13 6.11 -20.24
CA ILE F 321 -3.00 5.49 -19.26
C ILE F 321 -2.28 4.51 -18.33
N LEU F 322 -1.45 3.64 -18.91
CA LEU F 322 -0.66 2.70 -18.13
C LEU F 322 0.26 3.35 -17.08
N TRP F 323 1.10 4.28 -17.54
CA TRP F 323 2.00 5.09 -16.69
C TRP F 323 1.24 5.80 -15.54
N SER F 324 0.15 6.47 -15.92
CA SER F 324 -0.68 7.16 -14.95
C SER F 324 -1.24 6.20 -13.88
N VAL F 325 -1.59 4.98 -14.27
CA VAL F 325 -2.20 4.00 -13.35
C VAL F 325 -1.22 3.38 -12.36
N LEU F 326 0.03 3.23 -12.80
CA LEU F 326 1.04 2.51 -12.06
C LEU F 326 2.21 3.36 -11.55
N ALA F 327 2.20 4.66 -11.74
CA ALA F 327 3.34 5.44 -11.27
C ALA F 327 3.44 5.48 -9.72
#